data_9FJ2
#
_entry.id   9FJ2
#
_cell.length_a   62.767
_cell.length_b   67.674
_cell.length_c   95.325
_cell.angle_alpha   93.290
_cell.angle_beta   98.337
_cell.angle_gamma   106.878
#
_symmetry.space_group_name_H-M   'P 1'
#
loop_
_entity.id
_entity.type
_entity.pdbx_description
1 polymer Rubrerythrin
2 non-polymer 'FE (III) ION'
3 non-polymer 'OXYGEN ATOM'
4 water water
#
_entity_poly.entity_id   1
_entity_poly.type   'polypeptide(L)'
_entity_poly.pdbx_seq_one_letter_code
;MNLKGTKTEKNLNEAFAGESMARNKYTYYASKAKKDGYVQISNIFEQTANNEKEHAKLWFKLLHDGMPDTVTNLKDAAAG
ENFEWTDMYARMAKEAREEGFDDIADTMEGVLAIEKTHEQRYVALLNNIEDGTVFEKAEETLWECLNCGHLHTGKTAPEV
CPVCNHPRSYFEVRKENY
;
_entity_poly.pdbx_strand_id   A,B,C,D,E,F,G,H
#
# COMPACT_ATOMS: atom_id res chain seq x y z
N LYS A 4 -35.41 19.48 28.69
CA LYS A 4 -34.29 19.20 29.57
C LYS A 4 -34.62 18.03 30.50
N GLY A 5 -33.63 17.20 30.79
CA GLY A 5 -33.81 16.03 31.61
C GLY A 5 -34.40 14.84 30.91
N THR A 6 -34.65 14.93 29.61
CA THR A 6 -35.24 13.85 28.84
C THR A 6 -34.16 13.06 28.12
N LYS A 7 -34.55 11.86 27.65
CA LYS A 7 -33.62 11.03 26.89
C LYS A 7 -33.25 11.68 25.56
N THR A 8 -34.16 12.47 24.99
CA THR A 8 -33.86 13.15 23.73
C THR A 8 -32.72 14.14 23.89
N GLU A 9 -32.61 14.78 25.06
CA GLU A 9 -31.47 15.65 25.33
C GLU A 9 -30.16 14.88 25.21
N LYS A 10 -30.10 13.69 25.82
CA LYS A 10 -28.91 12.86 25.70
C LYS A 10 -28.76 12.29 24.30
N ASN A 11 -29.87 12.02 23.62
CA ASN A 11 -29.80 11.44 22.27
C ASN A 11 -29.29 12.46 21.26
N LEU A 12 -29.90 13.66 21.24
CA LEU A 12 -29.44 14.71 20.34
C LEU A 12 -27.97 15.02 20.59
N ASN A 13 -27.53 15.00 21.86
CA ASN A 13 -26.15 15.24 22.26
C ASN A 13 -25.24 14.07 21.93
N GLU A 14 -25.78 12.85 21.84
CA GLU A 14 -25.01 11.76 21.27
C GLU A 14 -25.06 11.78 19.75
N ALA A 15 -26.10 12.39 19.18
CA ALA A 15 -26.20 12.56 17.74
C ALA A 15 -25.32 13.69 17.23
N PHE A 16 -25.11 14.73 18.04
CA PHE A 16 -24.16 15.77 17.65
C PHE A 16 -22.76 15.20 17.50
N ALA A 17 -22.35 14.36 18.44
CA ALA A 17 -21.16 13.54 18.24
C ALA A 17 -21.47 12.43 17.25
N GLY A 18 -20.42 11.81 16.73
CA GLY A 18 -20.59 10.80 15.70
C GLY A 18 -20.85 11.46 14.36
N GLU A 19 -21.93 12.24 14.28
CA GLU A 19 -22.13 13.12 13.14
C GLU A 19 -20.95 14.08 12.98
N SER A 20 -20.48 14.66 14.08
CA SER A 20 -19.27 15.46 14.04
C SER A 20 -18.04 14.59 13.79
N MET A 21 -18.03 13.37 14.33
CA MET A 21 -16.92 12.46 14.09
C MET A 21 -16.89 11.96 12.65
N ALA A 22 -18.06 11.80 12.03
CA ALA A 22 -18.09 11.37 10.63
C ALA A 22 -17.57 12.44 9.70
N ARG A 23 -17.82 13.72 9.99
CA ARG A 23 -17.29 14.79 9.15
C ARG A 23 -15.77 14.82 9.17
N ASN A 24 -15.17 14.65 10.35
CA ASN A 24 -13.72 14.59 10.43
C ASN A 24 -13.19 13.34 9.74
N LYS A 25 -13.88 12.21 9.90
CA LYS A 25 -13.45 10.97 9.26
C LYS A 25 -13.51 11.09 7.74
N TYR A 26 -14.61 11.67 7.22
CA TYR A 26 -14.74 11.82 5.78
C TYR A 26 -13.81 12.90 5.23
N THR A 27 -13.38 13.85 6.06
CA THR A 27 -12.38 14.81 5.62
C THR A 27 -11.01 14.15 5.46
N TYR A 28 -10.66 13.25 6.39
CA TYR A 28 -9.40 12.51 6.25
C TYR A 28 -9.47 11.55 5.07
N TYR A 29 -10.60 10.87 4.90
CA TYR A 29 -10.74 9.93 3.79
C TYR A 29 -10.65 10.64 2.45
N ALA A 30 -11.07 11.90 2.38
CA ALA A 30 -10.97 12.65 1.12
C ALA A 30 -9.52 12.97 0.79
N SER A 31 -8.71 13.33 1.79
CA SER A 31 -7.31 13.63 1.53
C SER A 31 -6.55 12.37 1.10
N LYS A 32 -6.84 11.24 1.73
CA LYS A 32 -6.19 10.00 1.33
C LYS A 32 -6.65 9.51 -0.04
N ALA A 33 -7.92 9.76 -0.37
CA ALA A 33 -8.44 9.31 -1.68
C ALA A 33 -7.77 10.07 -2.82
N LYS A 34 -7.46 11.35 -2.61
CA LYS A 34 -6.75 12.11 -3.63
C LYS A 34 -5.32 11.61 -3.79
N LYS A 35 -4.67 11.24 -2.69
CA LYS A 35 -3.34 10.65 -2.77
C LYS A 35 -3.38 9.26 -3.40
N ASP A 36 -4.45 8.51 -3.15
CA ASP A 36 -4.58 7.16 -3.70
C ASP A 36 -4.96 7.15 -5.18
N GLY A 37 -5.28 8.31 -5.76
CA GLY A 37 -5.60 8.38 -7.16
C GLY A 37 -7.07 8.30 -7.50
N TYR A 38 -7.94 8.82 -6.64
CA TYR A 38 -9.39 8.80 -6.85
C TYR A 38 -9.93 10.20 -6.54
N VAL A 39 -9.90 11.08 -7.54
CA VAL A 39 -10.32 12.46 -7.31
C VAL A 39 -11.82 12.55 -7.10
N GLN A 40 -12.60 11.78 -7.87
CA GLN A 40 -14.04 11.80 -7.69
C GLN A 40 -14.44 11.22 -6.34
N ILE A 41 -13.82 10.10 -5.94
CA ILE A 41 -14.10 9.53 -4.63
C ILE A 41 -13.70 10.52 -3.54
N SER A 42 -12.58 11.21 -3.72
CA SER A 42 -12.19 12.28 -2.79
C SER A 42 -13.23 13.38 -2.79
N ASN A 43 -13.82 13.70 -3.95
CA ASN A 43 -14.88 14.70 -4.00
C ASN A 43 -16.14 14.19 -3.32
N ILE A 44 -16.46 12.91 -3.49
CA ILE A 44 -17.66 12.35 -2.89
C ILE A 44 -17.50 12.24 -1.39
N PHE A 45 -16.31 11.86 -0.92
CA PHE A 45 -16.03 11.89 0.51
C PHE A 45 -16.19 13.30 1.07
N GLU A 46 -15.68 14.29 0.35
CA GLU A 46 -15.80 15.68 0.79
C GLU A 46 -17.25 16.16 0.72
N GLN A 47 -17.99 15.74 -0.31
CA GLN A 47 -19.38 16.14 -0.43
C GLN A 47 -20.22 15.53 0.69
N THR A 48 -19.93 14.29 1.07
CA THR A 48 -20.65 13.67 2.18
C THR A 48 -20.28 14.32 3.51
N ALA A 49 -19.04 14.76 3.66
CA ALA A 49 -18.63 15.41 4.90
C ALA A 49 -19.40 16.70 5.13
N ASN A 50 -19.68 17.46 4.07
CA ASN A 50 -20.48 18.66 4.22
C ASN A 50 -21.93 18.33 4.56
N ASN A 51 -22.42 17.17 4.10
CA ASN A 51 -23.77 16.75 4.48
C ASN A 51 -23.85 16.46 5.97
N GLU A 52 -22.85 15.79 6.52
CA GLU A 52 -22.85 15.48 7.95
C GLU A 52 -22.76 16.75 8.78
N LYS A 53 -22.07 17.78 8.29
CA LYS A 53 -21.97 19.03 9.02
C LYS A 53 -23.34 19.68 9.22
N GLU A 54 -24.18 19.63 8.19
CA GLU A 54 -25.52 20.21 8.31
C GLU A 54 -26.46 19.34 9.13
N HIS A 55 -26.20 18.03 9.20
CA HIS A 55 -26.99 17.18 10.10
C HIS A 55 -26.67 17.49 11.55
N ALA A 56 -25.38 17.64 11.88
CA ALA A 56 -25.00 18.00 13.23
C ALA A 56 -25.46 19.41 13.59
N LYS A 57 -25.53 20.29 12.59
CA LYS A 57 -26.04 21.64 12.84
C LYS A 57 -27.49 21.59 13.32
N LEU A 58 -28.27 20.66 12.79
CA LEU A 58 -29.66 20.52 13.23
C LEU A 58 -29.73 20.16 14.71
N TRP A 59 -28.90 19.21 15.16
CA TRP A 59 -28.94 18.82 16.56
C TRP A 59 -28.36 19.90 17.46
N PHE A 60 -27.38 20.67 16.97
CA PHE A 60 -26.80 21.75 17.76
C PHE A 60 -27.84 22.83 18.05
N LYS A 61 -28.51 23.32 17.00
CA LYS A 61 -29.48 24.40 17.18
C LYS A 61 -30.72 23.95 17.94
N LEU A 62 -31.00 22.65 17.97
CA LEU A 62 -32.08 22.16 18.82
C LEU A 62 -31.70 22.22 20.29
N LEU A 63 -30.47 21.84 20.62
CA LEU A 63 -30.04 21.86 22.01
C LEU A 63 -29.79 23.29 22.50
N HIS A 64 -29.30 24.17 21.62
CA HIS A 64 -28.99 25.54 21.99
C HIS A 64 -30.14 26.50 21.69
N ASP A 65 -31.30 25.98 21.29
CA ASP A 65 -32.47 26.80 20.95
C ASP A 65 -32.11 27.84 19.89
N GLY A 66 -31.80 27.34 18.70
CA GLY A 66 -31.39 28.19 17.61
C GLY A 66 -29.91 28.52 17.63
N MET A 67 -29.54 29.65 17.03
CA MET A 67 -28.15 30.09 17.00
C MET A 67 -27.98 31.32 17.88
N PRO A 68 -27.21 31.25 18.97
CA PRO A 68 -27.04 32.41 19.85
C PRO A 68 -26.21 33.50 19.23
N ASP A 69 -26.09 34.64 19.93
CA ASP A 69 -25.30 35.76 19.46
C ASP A 69 -23.81 35.47 19.62
N THR A 70 -22.98 36.30 18.97
CA THR A 70 -21.54 36.14 19.06
C THR A 70 -21.04 36.30 20.50
N VAL A 71 -21.70 37.13 21.29
CA VAL A 71 -21.34 37.28 22.70
C VAL A 71 -21.47 35.95 23.42
N THR A 72 -22.62 35.29 23.28
CA THR A 72 -22.81 33.97 23.87
C THR A 72 -21.88 32.95 23.24
N ASN A 73 -21.65 33.05 21.93
CA ASN A 73 -20.79 32.10 21.24
C ASN A 73 -19.36 32.18 21.75
N LEU A 74 -18.89 33.40 22.05
CA LEU A 74 -17.54 33.53 22.62
C LEU A 74 -17.50 33.04 24.06
N LYS A 75 -18.57 33.28 24.82
CA LYS A 75 -18.62 32.77 26.20
C LYS A 75 -18.69 31.26 26.23
N ASP A 76 -19.49 30.66 25.34
CA ASP A 76 -19.59 29.20 25.31
C ASP A 76 -18.29 28.57 24.83
N ALA A 77 -17.64 29.18 23.83
CA ALA A 77 -16.41 28.61 23.30
C ALA A 77 -15.27 28.70 24.30
N ALA A 78 -15.15 29.83 25.01
CA ALA A 78 -14.10 29.98 26.01
C ALA A 78 -14.32 29.01 27.18
N ALA A 79 -15.59 28.78 27.55
CA ALA A 79 -15.89 27.82 28.61
C ALA A 79 -15.63 26.38 28.17
N GLY A 80 -15.57 26.12 26.87
CA GLY A 80 -15.27 24.80 26.37
C GLY A 80 -13.79 24.49 26.33
N GLU A 81 -12.99 25.45 25.85
CA GLU A 81 -11.55 25.23 25.79
C GLU A 81 -10.93 25.17 27.19
N ASN A 82 -11.51 25.89 28.16
CA ASN A 82 -11.01 25.79 29.53
C ASN A 82 -11.20 24.38 30.07
N PHE A 83 -12.37 23.78 29.82
CA PHE A 83 -12.58 22.38 30.19
C PHE A 83 -11.53 21.48 29.54
N GLU A 84 -11.14 21.79 28.30
CA GLU A 84 -10.21 20.94 27.57
C GLU A 84 -8.88 20.82 28.31
N TRP A 85 -8.32 21.94 28.75
CA TRP A 85 -6.97 21.93 29.31
C TRP A 85 -6.93 21.89 30.84
N THR A 86 -8.02 22.24 31.52
CA THR A 86 -8.04 22.17 32.98
C THR A 86 -8.53 20.83 33.50
N ASP A 87 -9.29 20.08 32.71
CA ASP A 87 -9.87 18.83 33.20
C ASP A 87 -9.70 17.68 32.21
N MET A 88 -10.12 17.87 30.95
CA MET A 88 -10.16 16.76 30.01
C MET A 88 -8.77 16.24 29.71
N TYR A 89 -7.96 17.04 29.01
CA TYR A 89 -6.62 16.63 28.63
C TYR A 89 -5.68 16.52 29.83
N ALA A 90 -5.97 17.24 30.91
CA ALA A 90 -5.15 17.10 32.12
C ALA A 90 -5.28 15.70 32.71
N ARG A 91 -6.44 15.07 32.53
CA ARG A 91 -6.64 13.72 33.05
C ARG A 91 -6.02 12.67 32.15
N MET A 92 -6.20 12.80 30.83
CA MET A 92 -5.63 11.82 29.91
C MET A 92 -4.11 11.86 29.89
N ALA A 93 -3.53 13.04 30.08
CA ALA A 93 -2.07 13.16 30.08
C ALA A 93 -1.45 12.34 31.21
N LYS A 94 -2.05 12.33 32.41
CA LYS A 94 -1.47 11.54 33.49
C LYS A 94 -1.91 10.08 33.40
N GLU A 95 -3.08 9.81 32.80
CA GLU A 95 -3.51 8.43 32.62
C GLU A 95 -2.66 7.72 31.58
N ALA A 96 -2.17 8.44 30.56
CA ALA A 96 -1.33 7.80 29.56
C ALA A 96 0.07 7.53 30.07
N ARG A 97 0.53 8.28 31.07
CA ARG A 97 1.87 8.07 31.61
C ARG A 97 1.91 6.92 32.60
N GLU A 98 0.80 6.66 33.32
CA GLU A 98 0.76 5.54 34.24
C GLU A 98 0.76 4.19 33.52
N GLU A 99 0.39 4.18 32.24
CA GLU A 99 0.31 2.94 31.46
C GLU A 99 1.49 2.76 30.52
N GLY A 100 2.46 3.67 30.54
CA GLY A 100 3.65 3.52 29.73
C GLY A 100 3.58 4.09 28.33
N PHE A 101 2.59 4.94 28.05
CA PHE A 101 2.45 5.54 26.72
C PHE A 101 3.02 6.96 26.75
N ASP A 102 4.35 7.04 26.87
CA ASP A 102 5.01 8.33 26.99
C ASP A 102 5.09 9.07 25.66
N ASP A 103 5.09 8.34 24.54
CA ASP A 103 5.17 8.99 23.23
C ASP A 103 3.94 9.84 22.96
N ILE A 104 2.75 9.31 23.26
CA ILE A 104 1.51 10.04 23.01
C ILE A 104 1.03 10.82 24.23
N ALA A 105 1.68 10.65 25.39
CA ALA A 105 1.38 11.50 26.53
C ALA A 105 1.95 12.89 26.34
N ASP A 106 3.13 12.99 25.71
CA ASP A 106 3.70 14.30 25.41
C ASP A 106 2.85 15.07 24.42
N THR A 107 2.19 14.38 23.49
CA THR A 107 1.30 15.05 22.55
C THR A 107 0.06 15.59 23.24
N MET A 108 -0.51 14.82 24.17
CA MET A 108 -1.67 15.29 24.91
C MET A 108 -1.34 16.53 25.74
N GLU A 109 -0.12 16.59 26.28
CA GLU A 109 0.31 17.78 26.99
C GLU A 109 0.54 18.95 26.03
N GLY A 110 1.07 18.66 24.84
CA GLY A 110 1.25 19.71 23.85
C GLY A 110 -0.07 20.28 23.35
N VAL A 111 -1.05 19.41 23.11
CA VAL A 111 -2.38 19.87 22.73
C VAL A 111 -3.01 20.65 23.88
N LEU A 112 -2.75 20.22 25.12
CA LEU A 112 -3.28 20.91 26.28
C LEU A 112 -2.87 22.37 26.31
N ALA A 113 -1.60 22.66 25.96
CA ALA A 113 -1.15 24.04 25.96
C ALA A 113 -1.81 24.85 24.85
N ILE A 114 -2.20 24.19 23.75
CA ILE A 114 -2.84 24.89 22.65
C ILE A 114 -4.26 25.31 23.02
N GLU A 115 -5.01 24.41 23.67
CA GLU A 115 -6.36 24.76 24.08
C GLU A 115 -6.36 25.91 25.09
N LYS A 116 -5.27 26.05 25.85
CA LYS A 116 -5.16 27.20 26.75
C LYS A 116 -5.07 28.50 25.94
N THR A 117 -4.23 28.52 24.91
CA THR A 117 -4.14 29.71 24.07
C THR A 117 -5.45 29.97 23.33
N HIS A 118 -6.19 28.92 22.99
CA HIS A 118 -7.50 29.10 22.37
C HIS A 118 -8.47 29.78 23.33
N GLU A 119 -8.40 29.44 24.61
CA GLU A 119 -9.33 30.01 25.58
C GLU A 119 -9.07 31.50 25.78
N GLN A 120 -7.82 31.87 26.10
CA GLN A 120 -7.54 33.26 26.37
C GLN A 120 -7.51 34.12 25.12
N ARG A 121 -7.49 33.52 23.93
CA ARG A 121 -7.71 34.30 22.72
C ARG A 121 -9.19 34.60 22.54
N TYR A 122 -10.06 33.67 22.93
CA TYR A 122 -11.49 33.90 22.83
C TYR A 122 -11.95 34.97 23.82
N VAL A 123 -11.38 34.98 25.02
CA VAL A 123 -11.79 36.00 26.00
C VAL A 123 -11.25 37.37 25.59
N ALA A 124 -10.14 37.41 24.84
CA ALA A 124 -9.64 38.68 24.35
C ALA A 124 -10.59 39.29 23.33
N LEU A 125 -11.17 38.46 22.46
CA LEU A 125 -12.19 38.94 21.53
C LEU A 125 -13.46 39.33 22.28
N LEU A 126 -13.82 38.54 23.31
CA LEU A 126 -15.00 38.87 24.12
C LEU A 126 -14.82 40.20 24.84
N ASN A 127 -13.62 40.42 25.40
CA ASN A 127 -13.35 41.70 26.06
C ASN A 127 -13.44 42.87 25.09
N ASN A 128 -13.10 42.64 23.82
CA ASN A 128 -13.19 43.70 22.82
C ASN A 128 -14.64 44.07 22.52
N ILE A 129 -15.56 43.10 22.64
CA ILE A 129 -16.96 43.38 22.40
C ILE A 129 -17.60 44.04 23.62
N GLU A 130 -17.26 43.57 24.82
CA GLU A 130 -17.83 44.15 26.04
C GLU A 130 -17.36 45.58 26.25
N ASP A 131 -16.09 45.86 25.94
CA ASP A 131 -15.54 47.20 26.09
C ASP A 131 -15.79 48.09 24.87
N GLY A 132 -16.40 47.54 23.82
CA GLY A 132 -16.61 48.32 22.60
C GLY A 132 -15.32 48.71 21.89
N THR A 133 -14.29 47.87 21.98
CA THR A 133 -12.99 48.17 21.39
C THR A 133 -12.67 47.25 20.22
N VAL A 134 -13.70 46.80 19.50
CA VAL A 134 -13.47 45.95 18.33
C VAL A 134 -13.01 46.80 17.15
N PHE A 135 -13.77 47.85 16.82
CA PHE A 135 -13.46 48.74 15.72
C PHE A 135 -13.03 50.13 16.18
N GLU A 136 -12.87 50.33 17.49
CA GLU A 136 -12.58 51.65 18.03
C GLU A 136 -11.51 51.52 19.11
N LYS A 137 -10.42 52.26 18.95
CA LYS A 137 -9.31 52.22 19.89
C LYS A 137 -9.02 53.62 20.42
N ALA A 138 -8.55 53.67 21.67
CA ALA A 138 -8.12 54.93 22.26
C ALA A 138 -6.77 55.40 21.72
N GLU A 139 -6.06 54.55 21.00
CA GLU A 139 -4.78 54.89 20.39
C GLU A 139 -4.93 54.95 18.88
N GLU A 140 -4.01 55.68 18.24
CA GLU A 140 -3.97 55.76 16.78
C GLU A 140 -3.48 54.43 16.23
N THR A 141 -4.39 53.67 15.64
CA THR A 141 -4.08 52.33 15.13
C THR A 141 -4.20 52.30 13.61
N LEU A 142 -3.64 51.25 13.02
CA LEU A 142 -3.66 51.03 11.58
C LEU A 142 -4.63 49.89 11.28
N TRP A 143 -5.66 50.19 10.49
CA TRP A 143 -6.70 49.23 10.16
C TRP A 143 -6.53 48.75 8.72
N GLU A 144 -6.90 47.49 8.49
CA GLU A 144 -6.81 46.87 7.18
C GLU A 144 -8.17 46.32 6.79
N CYS A 145 -8.60 46.59 5.56
CA CYS A 145 -9.85 46.05 5.02
C CYS A 145 -9.60 44.62 4.55
N LEU A 146 -10.24 43.65 5.22
CA LEU A 146 -10.02 42.24 4.91
C LEU A 146 -10.64 41.81 3.59
N ASN A 147 -11.27 42.71 2.84
CA ASN A 147 -11.85 42.38 1.55
C ASN A 147 -11.00 42.85 0.38
N CYS A 148 -10.58 44.13 0.39
CA CYS A 148 -9.81 44.69 -0.71
C CYS A 148 -8.38 45.03 -0.35
N GLY A 149 -8.05 45.16 0.93
CA GLY A 149 -6.72 45.51 1.35
C GLY A 149 -6.48 46.98 1.62
N HIS A 150 -7.53 47.77 1.77
CA HIS A 150 -7.37 49.20 2.03
C HIS A 150 -6.81 49.42 3.43
N LEU A 151 -5.86 50.34 3.54
CA LEU A 151 -5.25 50.71 4.80
C LEU A 151 -5.79 52.06 5.25
N HIS A 152 -6.14 52.15 6.54
CA HIS A 152 -6.65 53.39 7.12
C HIS A 152 -6.10 53.52 8.53
N THR A 153 -5.35 54.60 8.77
CA THR A 153 -4.88 54.92 10.11
C THR A 153 -5.92 55.82 10.79
N GLY A 154 -6.32 55.43 11.99
CA GLY A 154 -7.36 56.18 12.70
C GLY A 154 -7.70 55.49 13.99
N LYS A 155 -8.33 56.27 14.87
CA LYS A 155 -8.77 55.73 16.16
C LYS A 155 -9.97 54.81 16.00
N THR A 156 -10.81 55.05 14.99
CA THR A 156 -11.96 54.21 14.70
C THR A 156 -11.89 53.74 13.25
N ALA A 157 -12.38 52.53 13.01
CA ALA A 157 -12.41 51.99 11.67
C ALA A 157 -13.40 52.77 10.80
N PRO A 158 -13.14 52.89 9.50
CA PRO A 158 -14.03 53.68 8.62
C PRO A 158 -15.37 52.99 8.46
N GLU A 159 -16.45 53.73 8.75
CA GLU A 159 -17.80 53.18 8.75
C GLU A 159 -18.07 52.32 7.51
N VAL A 160 -17.62 52.77 6.35
CA VAL A 160 -17.61 51.97 5.13
C VAL A 160 -16.28 52.17 4.44
N CYS A 161 -15.73 51.09 3.90
CA CYS A 161 -14.44 51.17 3.23
C CYS A 161 -14.54 52.12 2.04
N PRO A 162 -13.64 53.11 1.93
CA PRO A 162 -13.72 54.08 0.84
C PRO A 162 -13.13 53.61 -0.48
N VAL A 163 -12.74 52.35 -0.59
CA VAL A 163 -12.20 51.79 -1.83
C VAL A 163 -13.16 50.79 -2.45
N CYS A 164 -13.53 49.74 -1.72
CA CYS A 164 -14.41 48.69 -2.22
C CYS A 164 -15.83 48.81 -1.70
N ASN A 165 -16.10 49.76 -0.79
CA ASN A 165 -17.45 50.02 -0.27
C ASN A 165 -17.97 48.82 0.51
N HIS A 166 -17.13 48.27 1.38
CA HIS A 166 -17.52 47.21 2.29
C HIS A 166 -17.65 47.74 3.71
N PRO A 167 -18.55 47.18 4.54
CA PRO A 167 -18.77 47.73 5.88
C PRO A 167 -17.59 47.53 6.82
N ARG A 168 -17.74 48.01 8.07
CA ARG A 168 -16.66 47.93 9.04
C ARG A 168 -16.35 46.51 9.46
N SER A 169 -17.26 45.56 9.23
CA SER A 169 -17.02 44.17 9.62
C SER A 169 -15.70 43.66 9.06
N TYR A 170 -15.37 44.06 7.82
CA TYR A 170 -14.16 43.61 7.15
C TYR A 170 -12.90 44.35 7.60
N PHE A 171 -12.97 45.14 8.67
CA PHE A 171 -11.81 45.90 9.14
C PHE A 171 -11.23 45.25 10.39
N GLU A 172 -9.89 45.23 10.46
CA GLU A 172 -9.19 44.61 11.56
C GLU A 172 -7.89 45.35 11.82
N VAL A 173 -7.35 45.15 13.02
CA VAL A 173 -6.03 45.68 13.35
C VAL A 173 -4.98 44.91 12.56
N ARG A 174 -4.10 45.66 11.88
CA ARG A 174 -3.06 45.06 11.05
C ARG A 174 -1.80 44.87 11.88
N LYS A 175 -1.31 43.64 11.93
CA LYS A 175 -0.02 43.31 12.53
C LYS A 175 0.81 42.58 11.48
N GLU A 176 2.07 42.97 11.32
CA GLU A 176 2.80 42.58 10.13
C GLU A 176 3.95 41.67 10.61
N ASN A 177 3.61 40.39 10.76
CA ASN A 177 4.43 39.41 11.46
C ASN A 177 5.38 38.70 10.49
N TYR A 178 6.31 39.48 9.96
CA TYR A 178 7.34 38.94 9.07
C TYR A 178 8.54 39.87 9.00
N LYS B 4 -5.94 -2.12 23.19
CA LYS B 4 -7.12 -2.94 22.95
C LYS B 4 -8.14 -2.76 24.07
N GLY B 5 -7.66 -2.57 25.29
CA GLY B 5 -8.54 -2.39 26.43
C GLY B 5 -7.99 -1.43 27.47
N THR B 6 -7.17 -0.48 27.03
CA THR B 6 -6.57 0.49 27.91
C THR B 6 -7.48 1.71 28.07
N LYS B 7 -7.31 2.40 29.20
CA LYS B 7 -8.01 3.66 29.40
C LYS B 7 -7.54 4.72 28.39
N THR B 8 -6.32 4.58 27.86
CA THR B 8 -5.86 5.48 26.81
C THR B 8 -6.67 5.29 25.54
N GLU B 9 -7.01 4.05 25.18
CA GLU B 9 -7.81 3.80 23.98
C GLU B 9 -9.15 4.51 24.08
N LYS B 10 -9.83 4.39 25.22
CA LYS B 10 -11.05 5.17 25.44
C LYS B 10 -10.75 6.65 25.43
N ASN B 11 -9.70 7.06 26.14
CA ASN B 11 -9.31 8.47 26.16
C ASN B 11 -9.05 8.97 24.74
N LEU B 12 -8.30 8.18 23.96
CA LEU B 12 -8.13 8.52 22.56
C LEU B 12 -9.45 8.50 21.83
N ASN B 13 -10.30 7.52 22.11
CA ASN B 13 -11.56 7.49 21.36
C ASN B 13 -12.42 8.67 21.72
N GLU B 14 -12.38 9.07 22.98
CA GLU B 14 -13.19 10.15 23.50
C GLU B 14 -12.63 11.51 23.10
N ALA B 15 -11.31 11.62 22.99
CA ALA B 15 -10.70 12.86 22.51
C ALA B 15 -11.06 13.12 21.06
N PHE B 16 -11.19 12.07 20.25
CA PHE B 16 -11.60 12.27 18.86
C PHE B 16 -13.01 12.83 18.77
N ALA B 17 -13.89 12.43 19.69
CA ALA B 17 -15.26 12.94 19.68
C ALA B 17 -15.30 14.41 20.07
N GLY B 18 -14.60 14.78 21.14
CA GLY B 18 -14.66 16.14 21.62
C GLY B 18 -14.04 17.13 20.65
N GLU B 19 -12.90 16.79 20.05
CA GLU B 19 -12.29 17.67 19.07
C GLU B 19 -13.15 17.79 17.82
N SER B 20 -13.86 16.73 17.44
CA SER B 20 -14.76 16.81 16.30
C SER B 20 -15.94 17.72 16.58
N MET B 21 -16.48 17.66 17.81
CA MET B 21 -17.58 18.54 18.18
C MET B 21 -17.13 20.00 18.18
N ALA B 22 -15.92 20.28 18.67
CA ALA B 22 -15.42 21.64 18.67
C ALA B 22 -15.17 22.14 17.26
N ARG B 23 -14.76 21.26 16.34
CA ARG B 23 -14.60 21.66 14.95
C ARG B 23 -15.94 22.09 14.35
N ASN B 24 -17.02 21.37 14.70
CA ASN B 24 -18.34 21.78 14.24
C ASN B 24 -18.82 23.02 14.97
N LYS B 25 -18.51 23.13 16.27
CA LYS B 25 -18.93 24.29 17.05
C LYS B 25 -18.37 25.58 16.46
N TYR B 26 -17.09 25.58 16.08
CA TYR B 26 -16.44 26.80 15.63
C TYR B 26 -16.72 27.13 14.17
N THR B 27 -17.21 26.17 13.40
CA THR B 27 -17.64 26.48 12.03
C THR B 27 -18.99 27.16 12.01
N TYR B 28 -19.88 26.82 12.94
CA TYR B 28 -21.13 27.56 13.07
C TYR B 28 -20.90 28.92 13.70
N TYR B 29 -19.98 29.00 14.67
CA TYR B 29 -19.66 30.29 15.29
C TYR B 29 -19.04 31.24 14.28
N ALA B 30 -18.23 30.72 13.36
CA ALA B 30 -17.64 31.57 12.32
C ALA B 30 -18.71 32.15 11.42
N SER B 31 -19.70 31.34 11.04
CA SER B 31 -20.78 31.85 10.20
C SER B 31 -21.64 32.86 10.95
N LYS B 32 -21.90 32.61 12.23
CA LYS B 32 -22.70 33.53 13.02
C LYS B 32 -21.97 34.85 13.23
N ALA B 33 -20.65 34.80 13.41
CA ALA B 33 -19.88 36.03 13.57
C ALA B 33 -19.81 36.82 12.26
N LYS B 34 -19.68 36.12 11.13
CA LYS B 34 -19.62 36.83 9.86
C LYS B 34 -20.94 37.53 9.56
N LYS B 35 -22.05 36.98 10.08
CA LYS B 35 -23.36 37.61 9.95
C LYS B 35 -23.56 38.71 10.98
N ASP B 36 -22.88 38.63 12.13
CA ASP B 36 -23.02 39.62 13.19
C ASP B 36 -22.18 40.87 12.94
N GLY B 37 -21.34 40.87 11.92
CA GLY B 37 -20.49 42.00 11.62
C GLY B 37 -19.08 41.93 12.14
N TYR B 38 -18.50 40.72 12.23
CA TYR B 38 -17.14 40.54 12.75
C TYR B 38 -16.42 39.56 11.83
N VAL B 39 -15.73 40.10 10.82
CA VAL B 39 -15.02 39.25 9.87
C VAL B 39 -13.79 38.64 10.51
N GLN B 40 -13.05 39.44 11.29
CA GLN B 40 -11.85 38.92 11.95
C GLN B 40 -12.20 37.86 12.99
N ILE B 41 -13.24 38.11 13.81
CA ILE B 41 -13.68 37.12 14.78
C ILE B 41 -14.17 35.86 14.07
N SER B 42 -14.85 36.04 12.93
CA SER B 42 -15.27 34.88 12.13
C SER B 42 -14.06 34.13 11.60
N ASN B 43 -12.99 34.84 11.24
CA ASN B 43 -11.79 34.18 10.75
C ASN B 43 -11.07 33.45 11.87
N ILE B 44 -11.09 34.02 13.09
CA ILE B 44 -10.45 33.36 14.22
C ILE B 44 -11.19 32.08 14.57
N PHE B 45 -12.52 32.10 14.50
CA PHE B 45 -13.30 30.88 14.71
C PHE B 45 -12.96 29.81 13.67
N GLU B 46 -12.64 30.24 12.44
CA GLU B 46 -12.42 29.26 11.37
C GLU B 46 -11.10 28.52 11.56
N GLN B 47 -9.99 29.26 11.73
CA GLN B 47 -8.71 28.58 11.87
C GLN B 47 -8.60 27.80 13.18
N THR B 48 -9.36 28.20 14.20
CA THR B 48 -9.42 27.39 15.42
C THR B 48 -10.07 26.05 15.15
N ALA B 49 -11.14 26.04 14.35
CA ALA B 49 -11.77 24.77 13.97
C ALA B 49 -10.80 23.91 13.17
N ASN B 50 -9.97 24.53 12.34
CA ASN B 50 -8.95 23.77 11.61
C ASN B 50 -7.90 23.20 12.54
N ASN B 51 -7.57 23.93 13.61
CA ASN B 51 -6.66 23.38 14.62
C ASN B 51 -7.27 22.18 15.31
N GLU B 52 -8.55 22.26 15.67
CA GLU B 52 -9.23 21.11 16.27
C GLU B 52 -9.38 19.97 15.27
N LYS B 53 -9.48 20.29 13.98
CA LYS B 53 -9.51 19.24 12.97
C LYS B 53 -8.18 18.51 12.92
N GLU B 54 -7.06 19.23 13.10
CA GLU B 54 -5.76 18.59 13.13
C GLU B 54 -5.50 17.86 14.44
N HIS B 55 -6.06 18.35 15.55
CA HIS B 55 -5.94 17.64 16.82
C HIS B 55 -6.67 16.30 16.76
N ALA B 56 -7.88 16.29 16.17
CA ALA B 56 -8.60 15.04 15.99
C ALA B 56 -7.87 14.10 15.04
N LYS B 57 -7.13 14.66 14.08
CA LYS B 57 -6.36 13.82 13.16
C LYS B 57 -5.24 13.08 13.89
N LEU B 58 -4.66 13.70 14.93
CA LEU B 58 -3.62 13.02 15.68
C LEU B 58 -4.16 11.81 16.43
N TRP B 59 -5.31 11.96 17.09
CA TRP B 59 -5.90 10.83 17.80
C TRP B 59 -6.46 9.79 16.84
N PHE B 60 -6.93 10.22 15.66
CA PHE B 60 -7.47 9.28 14.68
C PHE B 60 -6.38 8.36 14.15
N LYS B 61 -5.23 8.92 13.80
CA LYS B 61 -4.14 8.12 13.26
C LYS B 61 -3.56 7.17 14.30
N LEU B 62 -3.75 7.44 15.59
CA LEU B 62 -3.29 6.52 16.62
C LEU B 62 -4.23 5.34 16.75
N LEU B 63 -5.55 5.57 16.68
CA LEU B 63 -6.51 4.49 16.82
C LEU B 63 -6.60 3.61 15.58
N HIS B 64 -6.10 4.09 14.44
CA HIS B 64 -6.16 3.34 13.19
C HIS B 64 -4.78 2.93 12.71
N ASP B 65 -3.74 3.13 13.51
CA ASP B 65 -2.36 2.76 13.17
C ASP B 65 -1.94 3.38 11.85
N GLY B 66 -2.00 4.71 11.81
CA GLY B 66 -1.69 5.44 10.60
C GLY B 66 -2.93 5.87 9.84
N MET B 67 -2.89 5.79 8.52
CA MET B 67 -4.02 6.16 7.67
C MET B 67 -4.32 5.02 6.70
N PRO B 68 -5.43 4.30 6.88
CA PRO B 68 -5.75 3.20 5.96
C PRO B 68 -6.05 3.72 4.57
N ASP B 69 -5.84 2.84 3.58
CA ASP B 69 -6.05 3.21 2.19
C ASP B 69 -7.54 3.39 1.90
N THR B 70 -7.84 3.84 0.67
CA THR B 70 -9.21 4.17 0.31
C THR B 70 -10.12 2.95 0.37
N VAL B 71 -9.60 1.78 0.01
CA VAL B 71 -10.41 0.56 0.06
C VAL B 71 -10.82 0.26 1.50
N THR B 72 -9.90 0.40 2.44
CA THR B 72 -10.25 0.22 3.85
C THR B 72 -11.12 1.35 4.35
N ASN B 73 -10.89 2.58 3.87
CA ASN B 73 -11.70 3.71 4.31
C ASN B 73 -13.13 3.62 3.79
N LEU B 74 -13.33 3.04 2.60
CA LEU B 74 -14.68 2.90 2.06
C LEU B 74 -15.47 1.84 2.81
N LYS B 75 -14.83 0.71 3.15
CA LYS B 75 -15.50 -0.31 3.95
C LYS B 75 -15.86 0.22 5.33
N ASP B 76 -14.98 1.05 5.91
CA ASP B 76 -15.27 1.64 7.21
C ASP B 76 -16.35 2.70 7.10
N ALA B 77 -16.35 3.47 6.02
CA ALA B 77 -17.36 4.50 5.83
C ALA B 77 -18.74 3.90 5.61
N ALA B 78 -18.82 2.80 4.86
CA ALA B 78 -20.10 2.13 4.65
C ALA B 78 -20.58 1.44 5.92
N ALA B 79 -19.66 0.96 6.75
CA ALA B 79 -20.04 0.25 7.97
C ALA B 79 -20.71 1.20 8.96
N GLY B 80 -20.03 2.29 9.32
CA GLY B 80 -20.62 3.25 10.24
C GLY B 80 -21.89 3.88 9.70
N GLU B 81 -22.03 3.93 8.37
CA GLU B 81 -23.25 4.45 7.77
C GLU B 81 -24.40 3.47 7.91
N ASN B 82 -24.11 2.17 7.78
CA ASN B 82 -25.15 1.17 8.00
C ASN B 82 -25.60 1.16 9.45
N PHE B 83 -24.68 1.38 10.39
CA PHE B 83 -25.04 1.46 11.80
C PHE B 83 -25.91 2.67 12.09
N GLU B 84 -25.76 3.74 11.30
CA GLU B 84 -26.52 4.96 11.53
C GLU B 84 -28.02 4.72 11.32
N TRP B 85 -28.40 4.25 10.13
CA TRP B 85 -29.80 4.20 9.73
C TRP B 85 -30.49 2.90 10.10
N THR B 86 -29.76 1.86 10.50
CA THR B 86 -30.38 0.62 10.95
C THR B 86 -30.47 0.50 12.46
N ASP B 87 -29.64 1.24 13.21
CA ASP B 87 -29.60 1.12 14.66
C ASP B 87 -29.86 2.46 15.33
N MET B 88 -28.90 3.40 15.26
CA MET B 88 -28.95 4.63 16.05
C MET B 88 -30.17 5.48 15.75
N TYR B 89 -30.25 6.02 14.54
CA TYR B 89 -31.33 6.94 14.21
C TYR B 89 -32.70 6.28 14.27
N ALA B 90 -32.76 4.96 14.09
CA ALA B 90 -34.03 4.25 14.27
C ALA B 90 -34.41 4.18 15.74
N ARG B 91 -33.45 3.86 16.61
CA ARG B 91 -33.73 3.83 18.04
C ARG B 91 -33.97 5.24 18.59
N MET B 92 -33.22 6.22 18.10
CA MET B 92 -33.39 7.59 18.56
C MET B 92 -34.74 8.16 18.17
N ALA B 93 -35.30 7.70 17.05
CA ALA B 93 -36.58 8.25 16.59
C ALA B 93 -37.74 7.73 17.44
N LYS B 94 -37.74 6.44 17.78
CA LYS B 94 -38.84 5.88 18.54
C LYS B 94 -38.84 6.39 19.98
N GLU B 95 -37.67 6.74 20.51
CA GLU B 95 -37.61 7.31 21.86
C GLU B 95 -38.06 8.76 21.89
N ALA B 96 -37.86 9.50 20.79
CA ALA B 96 -38.37 10.86 20.71
C ALA B 96 -39.90 10.88 20.62
N ARG B 97 -40.48 9.88 19.97
CA ARG B 97 -41.94 9.81 19.89
C ARG B 97 -42.56 9.40 21.22
N GLU B 98 -41.82 8.66 22.05
CA GLU B 98 -42.31 8.28 23.36
C GLU B 98 -42.34 9.44 24.34
N GLU B 99 -41.74 10.58 23.99
CA GLU B 99 -41.80 11.79 24.82
C GLU B 99 -42.54 12.92 24.14
N GLY B 100 -43.42 12.62 23.18
CA GLY B 100 -44.18 13.65 22.51
C GLY B 100 -43.38 14.55 21.60
N PHE B 101 -42.15 14.18 21.27
CA PHE B 101 -41.33 14.96 20.35
C PHE B 101 -41.49 14.39 18.93
N ASP B 102 -42.68 14.63 18.37
CA ASP B 102 -42.97 14.15 17.03
C ASP B 102 -42.40 15.05 15.95
N ASP B 103 -42.15 16.32 16.25
CA ASP B 103 -41.60 17.23 15.26
C ASP B 103 -40.15 16.88 14.94
N ILE B 104 -39.35 16.55 15.94
CA ILE B 104 -37.95 16.21 15.71
C ILE B 104 -37.73 14.73 15.42
N ALA B 105 -38.68 13.87 15.80
CA ALA B 105 -38.58 12.47 15.39
C ALA B 105 -38.69 12.33 13.88
N ASP B 106 -39.49 13.19 13.24
CA ASP B 106 -39.55 13.19 11.78
C ASP B 106 -38.24 13.67 11.16
N THR B 107 -37.54 14.59 11.84
CA THR B 107 -36.24 15.04 11.35
C THR B 107 -35.20 13.94 11.47
N MET B 108 -35.20 13.20 12.59
CA MET B 108 -34.26 12.10 12.75
C MET B 108 -34.47 11.03 11.70
N GLU B 109 -35.73 10.77 11.33
CA GLU B 109 -35.99 9.81 10.26
C GLU B 109 -35.66 10.39 8.90
N GLY B 110 -35.80 11.71 8.74
CA GLY B 110 -35.37 12.34 7.50
C GLY B 110 -33.87 12.24 7.30
N VAL B 111 -33.10 12.42 8.38
CA VAL B 111 -31.65 12.21 8.32
C VAL B 111 -31.35 10.72 8.17
N LEU B 112 -32.19 9.86 8.74
CA LEU B 112 -31.99 8.42 8.61
C LEU B 112 -32.00 7.98 7.16
N ALA B 113 -32.92 8.52 6.36
CA ALA B 113 -32.99 8.17 4.95
C ALA B 113 -31.78 8.69 4.19
N ILE B 114 -31.21 9.82 4.61
CA ILE B 114 -30.02 10.36 3.94
C ILE B 114 -28.82 9.45 4.19
N GLU B 115 -28.63 9.03 5.44
CA GLU B 115 -27.54 8.11 5.74
C GLU B 115 -27.68 6.79 4.99
N LYS B 116 -28.93 6.38 4.72
CA LYS B 116 -29.14 5.19 3.89
C LYS B 116 -28.61 5.40 2.48
N THR B 117 -28.88 6.56 1.90
CA THR B 117 -28.35 6.86 0.57
C THR B 117 -26.83 6.97 0.58
N HIS B 118 -26.25 7.50 1.67
CA HIS B 118 -24.80 7.60 1.77
C HIS B 118 -24.14 6.23 1.80
N GLU B 119 -24.80 5.23 2.41
CA GLU B 119 -24.28 3.88 2.36
C GLU B 119 -24.26 3.35 0.94
N GLN B 120 -25.35 3.55 0.20
CA GLN B 120 -25.42 3.06 -1.17
C GLN B 120 -24.37 3.73 -2.05
N ARG B 121 -24.08 5.01 -1.81
CA ARG B 121 -23.02 5.68 -2.55
C ARG B 121 -21.66 5.09 -2.23
N TYR B 122 -21.43 4.75 -0.97
CA TYR B 122 -20.13 4.23 -0.55
C TYR B 122 -19.90 2.80 -1.02
N VAL B 123 -20.95 1.97 -1.00
CA VAL B 123 -20.81 0.61 -1.51
C VAL B 123 -20.62 0.60 -3.02
N ALA B 124 -21.29 1.52 -3.72
CA ALA B 124 -21.14 1.59 -5.17
C ALA B 124 -19.73 1.98 -5.57
N LEU B 125 -19.10 2.88 -4.83
CA LEU B 125 -17.73 3.27 -5.14
C LEU B 125 -16.76 2.14 -4.81
N LEU B 126 -16.95 1.48 -3.67
CA LEU B 126 -16.09 0.35 -3.31
C LEU B 126 -16.26 -0.80 -4.30
N ASN B 127 -17.49 -1.02 -4.77
CA ASN B 127 -17.71 -2.02 -5.81
C ASN B 127 -16.96 -1.64 -7.10
N ASN B 128 -16.85 -0.35 -7.38
CA ASN B 128 -16.13 0.08 -8.58
C ASN B 128 -14.64 -0.23 -8.47
N ILE B 129 -14.07 -0.13 -7.27
CA ILE B 129 -12.65 -0.45 -7.11
C ILE B 129 -12.43 -1.96 -7.14
N GLU B 130 -13.32 -2.72 -6.52
CA GLU B 130 -13.16 -4.18 -6.47
C GLU B 130 -13.24 -4.78 -7.85
N ASP B 131 -14.38 -4.60 -8.53
CA ASP B 131 -14.59 -5.21 -9.84
C ASP B 131 -13.70 -4.58 -10.91
N GLY B 132 -13.11 -3.41 -10.64
CA GLY B 132 -12.23 -2.77 -11.60
C GLY B 132 -12.92 -1.94 -12.65
N THR B 133 -13.97 -1.22 -12.28
CA THR B 133 -14.74 -0.40 -13.23
C THR B 133 -14.74 1.07 -12.82
N VAL B 134 -13.70 1.53 -12.14
CA VAL B 134 -13.60 2.95 -11.79
C VAL B 134 -13.33 3.77 -13.05
N PHE B 135 -12.28 3.41 -13.78
CA PHE B 135 -11.92 4.09 -15.02
C PHE B 135 -12.14 3.22 -16.25
N GLU B 136 -12.83 2.09 -16.10
CA GLU B 136 -13.20 1.24 -17.22
C GLU B 136 -14.69 0.96 -17.16
N LYS B 137 -15.34 0.93 -18.32
CA LYS B 137 -16.75 0.61 -18.42
C LYS B 137 -16.97 -0.38 -19.56
N ALA B 138 -18.07 -1.12 -19.46
CA ALA B 138 -18.40 -2.09 -20.50
C ALA B 138 -18.88 -1.42 -21.79
N GLU B 139 -19.51 -0.25 -21.68
CA GLU B 139 -19.91 0.54 -22.83
C GLU B 139 -18.95 1.71 -23.02
N GLU B 140 -18.97 2.27 -24.23
CA GLU B 140 -18.37 3.57 -24.49
C GLU B 140 -19.09 4.65 -23.69
N THR B 141 -18.36 5.33 -22.82
CA THR B 141 -18.90 6.39 -21.97
C THR B 141 -18.19 7.70 -22.26
N LEU B 142 -18.70 8.76 -21.63
CA LEU B 142 -18.16 10.11 -21.74
C LEU B 142 -17.42 10.45 -20.46
N TRP B 143 -16.12 10.70 -20.57
CA TRP B 143 -15.28 11.01 -19.42
C TRP B 143 -15.01 12.50 -19.36
N GLU B 144 -14.94 13.03 -18.13
CA GLU B 144 -14.67 14.45 -17.89
C GLU B 144 -13.44 14.58 -17.02
N CYS B 145 -12.55 15.48 -17.40
CA CYS B 145 -11.35 15.79 -16.61
C CYS B 145 -11.72 16.84 -15.58
N LEU B 146 -11.66 16.47 -14.30
CA LEU B 146 -12.06 17.38 -13.23
C LEU B 146 -11.09 18.53 -13.03
N ASN B 147 -9.98 18.58 -13.79
CA ASN B 147 -9.02 19.67 -13.67
C ASN B 147 -9.23 20.74 -14.74
N CYS B 148 -9.20 20.36 -16.01
CA CYS B 148 -9.34 21.30 -17.11
C CYS B 148 -10.69 21.23 -17.82
N GLY B 149 -11.39 20.11 -17.71
CA GLY B 149 -12.69 19.96 -18.35
C GLY B 149 -12.69 19.21 -19.66
N HIS B 150 -11.58 18.59 -20.04
CA HIS B 150 -11.50 17.87 -21.30
C HIS B 150 -12.46 16.69 -21.30
N LEU B 151 -13.18 16.52 -22.41
CA LEU B 151 -14.14 15.43 -22.56
C LEU B 151 -13.55 14.35 -23.45
N HIS B 152 -13.68 13.09 -23.02
CA HIS B 152 -13.14 11.95 -23.75
C HIS B 152 -14.22 10.90 -23.87
N THR B 153 -14.38 10.33 -25.07
CA THR B 153 -15.34 9.27 -25.33
C THR B 153 -14.61 7.95 -25.52
N GLY B 154 -15.21 6.88 -25.03
CA GLY B 154 -14.62 5.56 -25.13
C GLY B 154 -14.96 4.74 -23.91
N LYS B 155 -14.47 3.49 -23.93
CA LYS B 155 -14.74 2.57 -22.83
C LYS B 155 -13.94 2.92 -21.60
N THR B 156 -12.69 3.34 -21.77
CA THR B 156 -11.79 3.63 -20.67
C THR B 156 -11.38 5.09 -20.68
N ALA B 157 -11.08 5.61 -19.49
CA ALA B 157 -10.57 6.96 -19.36
C ALA B 157 -9.16 7.04 -19.93
N PRO B 158 -8.70 8.24 -20.29
CA PRO B 158 -7.32 8.37 -20.78
C PRO B 158 -6.32 8.12 -19.66
N GLU B 159 -5.22 7.45 -20.00
CA GLU B 159 -4.15 7.25 -19.03
C GLU B 159 -3.62 8.59 -18.52
N VAL B 160 -3.43 9.54 -19.42
CA VAL B 160 -3.04 10.91 -19.07
C VAL B 160 -3.92 11.85 -19.87
N CYS B 161 -4.46 12.87 -19.21
CA CYS B 161 -5.24 13.87 -19.91
C CYS B 161 -4.37 14.55 -20.96
N PRO B 162 -4.82 14.63 -22.22
CA PRO B 162 -3.99 15.22 -23.27
C PRO B 162 -4.03 16.75 -23.32
N VAL B 163 -4.71 17.40 -22.39
CA VAL B 163 -4.81 18.86 -22.38
C VAL B 163 -3.96 19.40 -21.23
N CYS B 164 -4.35 19.10 -20.00
CA CYS B 164 -3.63 19.59 -18.82
C CYS B 164 -2.53 18.64 -18.36
N ASN B 165 -2.43 17.45 -18.95
CA ASN B 165 -1.38 16.48 -18.63
C ASN B 165 -1.45 16.03 -17.17
N HIS B 166 -2.67 15.81 -16.68
CA HIS B 166 -2.91 15.24 -15.36
C HIS B 166 -3.30 13.77 -15.48
N PRO B 167 -2.91 12.94 -14.50
CA PRO B 167 -3.12 11.48 -14.64
C PRO B 167 -4.58 11.06 -14.68
N ARG B 168 -4.80 9.75 -14.86
CA ARG B 168 -6.14 9.20 -14.98
C ARG B 168 -6.99 9.44 -13.74
N SER B 169 -6.37 9.82 -12.61
CA SER B 169 -7.10 9.97 -11.36
C SER B 169 -8.13 11.10 -11.41
N TYR B 170 -7.97 12.06 -12.33
CA TYR B 170 -8.83 13.23 -12.39
C TYR B 170 -10.06 13.02 -13.28
N PHE B 171 -10.30 11.80 -13.76
CA PHE B 171 -11.36 11.55 -14.72
C PHE B 171 -12.57 10.92 -14.07
N GLU B 172 -13.76 11.30 -14.55
CA GLU B 172 -15.02 10.79 -14.03
C GLU B 172 -16.04 10.78 -15.16
N VAL B 173 -17.09 9.99 -14.99
CA VAL B 173 -18.18 9.96 -15.95
C VAL B 173 -18.93 11.28 -15.89
N ARG B 174 -19.14 11.90 -17.05
CA ARG B 174 -19.83 13.18 -17.09
C ARG B 174 -21.31 12.99 -16.82
N LYS B 175 -21.86 13.82 -15.92
CA LYS B 175 -23.24 13.65 -15.49
C LYS B 175 -24.23 14.49 -16.29
N GLU B 176 -23.99 15.79 -16.40
CA GLU B 176 -24.89 16.73 -17.06
C GLU B 176 -26.30 16.65 -16.47
N ASN B 177 -26.39 17.05 -15.20
CA ASN B 177 -27.63 16.91 -14.43
C ASN B 177 -28.38 18.25 -14.43
N TYR B 178 -28.88 18.61 -15.60
CA TYR B 178 -29.69 19.81 -15.75
C TYR B 178 -30.53 19.74 -17.02
N LEU C 3 -19.95 57.51 -20.88
CA LEU C 3 -18.82 56.68 -20.48
C LEU C 3 -18.15 56.01 -21.68
N LYS C 4 -18.96 55.44 -22.56
CA LYS C 4 -18.46 54.59 -23.63
C LYS C 4 -17.90 55.41 -24.78
N GLY C 5 -16.78 54.93 -25.33
CA GLY C 5 -16.03 55.65 -26.34
C GLY C 5 -14.85 56.44 -25.81
N THR C 6 -14.60 56.41 -24.50
CA THR C 6 -13.54 57.20 -23.89
C THR C 6 -12.29 56.35 -23.65
N LYS C 7 -11.18 57.04 -23.39
CA LYS C 7 -9.96 56.33 -23.00
C LYS C 7 -10.10 55.70 -21.62
N THR C 8 -10.95 56.27 -20.77
CA THR C 8 -11.21 55.66 -19.46
C THR C 8 -11.72 54.23 -19.63
N GLU C 9 -12.60 54.00 -20.62
CA GLU C 9 -13.00 52.62 -20.95
C GLU C 9 -11.80 51.76 -21.31
N LYS C 10 -10.94 52.25 -22.22
CA LYS C 10 -9.72 51.53 -22.53
C LYS C 10 -8.96 51.21 -21.25
N ASN C 11 -8.84 52.20 -20.37
CA ASN C 11 -8.13 52.01 -19.11
C ASN C 11 -8.96 51.18 -18.13
N LEU C 12 -10.24 51.50 -18.00
CA LEU C 12 -11.11 50.69 -17.16
C LEU C 12 -11.19 49.26 -17.67
N ASN C 13 -10.98 49.03 -18.95
CA ASN C 13 -11.10 47.64 -19.37
C ASN C 13 -9.78 46.95 -19.14
N GLU C 14 -8.70 47.72 -19.19
CA GLU C 14 -7.34 47.19 -19.16
C GLU C 14 -7.01 46.68 -17.77
N ALA C 15 -7.24 47.53 -16.75
CA ALA C 15 -6.97 47.20 -15.35
C ALA C 15 -7.80 46.02 -14.88
N PHE C 16 -8.94 45.76 -15.52
CA PHE C 16 -9.64 44.50 -15.29
C PHE C 16 -8.72 43.33 -15.61
N ALA C 17 -8.08 43.36 -16.79
CA ALA C 17 -6.97 42.47 -17.04
C ALA C 17 -5.76 42.90 -16.19
N GLY C 18 -4.73 42.07 -16.18
CA GLY C 18 -3.62 42.36 -15.30
C GLY C 18 -3.97 42.04 -13.85
N GLU C 19 -4.98 42.74 -13.30
CA GLU C 19 -5.47 42.39 -11.98
C GLU C 19 -6.05 40.97 -11.96
N SER C 20 -6.83 40.63 -12.99
CA SER C 20 -7.25 39.24 -13.17
C SER C 20 -6.04 38.35 -13.44
N MET C 21 -5.06 38.87 -14.19
CA MET C 21 -3.83 38.11 -14.41
C MET C 21 -3.02 37.98 -13.13
N ALA C 22 -3.02 39.02 -12.30
CA ALA C 22 -2.28 38.95 -11.04
C ALA C 22 -2.90 37.94 -10.08
N ARG C 23 -4.22 37.75 -10.14
CA ARG C 23 -4.87 36.81 -9.24
C ARG C 23 -4.41 35.38 -9.51
N ASN C 24 -4.20 35.02 -10.78
CA ASN C 24 -3.79 33.66 -11.10
C ASN C 24 -2.33 33.42 -10.75
N LYS C 25 -1.46 34.38 -11.04
CA LYS C 25 -0.05 34.26 -10.66
C LYS C 25 0.09 34.00 -9.16
N TYR C 26 -0.58 34.81 -8.34
CA TYR C 26 -0.48 34.66 -6.90
C TYR C 26 -1.09 33.35 -6.43
N THR C 27 -2.05 32.80 -7.19
CA THR C 27 -2.53 31.45 -6.89
C THR C 27 -1.47 30.41 -7.26
N TYR C 28 -0.82 30.58 -8.41
CA TYR C 28 0.29 29.69 -8.76
C TYR C 28 1.48 29.94 -7.85
N TYR C 29 1.72 31.20 -7.48
CA TYR C 29 2.84 31.52 -6.60
C TYR C 29 2.59 30.97 -5.20
N ALA C 30 1.33 31.04 -4.72
CA ALA C 30 1.01 30.45 -3.43
C ALA C 30 1.19 28.94 -3.44
N SER C 31 0.82 28.29 -4.55
CA SER C 31 1.03 26.86 -4.69
C SER C 31 2.52 26.53 -4.60
N LYS C 32 3.33 27.15 -5.48
CA LYS C 32 4.76 26.91 -5.48
C LYS C 32 5.43 27.23 -4.14
N ALA C 33 4.78 28.03 -3.29
CA ALA C 33 5.39 28.40 -2.02
C ALA C 33 5.33 27.27 -1.00
N LYS C 34 4.20 26.55 -0.93
CA LYS C 34 4.11 25.40 -0.04
C LYS C 34 5.12 24.33 -0.41
N LYS C 35 5.28 24.09 -1.72
CA LYS C 35 6.22 23.06 -2.17
C LYS C 35 7.66 23.47 -1.91
N ASP C 36 7.94 24.77 -1.93
CA ASP C 36 9.26 25.28 -1.58
C ASP C 36 9.51 25.31 -0.08
N GLY C 37 8.47 25.17 0.73
CA GLY C 37 8.62 25.17 2.17
C GLY C 37 8.37 26.53 2.80
N TYR C 38 7.28 27.20 2.40
CA TYR C 38 6.96 28.52 2.93
C TYR C 38 5.43 28.63 3.01
N VAL C 39 4.88 28.25 4.15
CA VAL C 39 3.43 28.25 4.31
C VAL C 39 2.89 29.66 4.49
N GLN C 40 3.60 30.51 5.24
CA GLN C 40 3.14 31.88 5.42
C GLN C 40 3.22 32.67 4.12
N ILE C 41 4.33 32.53 3.39
CA ILE C 41 4.43 33.19 2.09
C ILE C 41 3.37 32.64 1.14
N SER C 42 3.02 31.36 1.28
CA SER C 42 1.91 30.81 0.50
C SER C 42 0.60 31.49 0.87
N ASN C 43 0.33 31.63 2.18
CA ASN C 43 -0.90 32.27 2.62
C ASN C 43 -0.92 33.75 2.27
N ILE C 44 0.24 34.39 2.23
CA ILE C 44 0.29 35.82 1.88
C ILE C 44 0.03 36.01 0.39
N PHE C 45 0.59 35.13 -0.44
CA PHE C 45 0.32 35.17 -1.88
C PHE C 45 -1.17 35.00 -2.15
N GLU C 46 -1.80 34.01 -1.51
CA GLU C 46 -3.23 33.80 -1.67
C GLU C 46 -4.03 34.97 -1.11
N GLN C 47 -3.55 35.56 -0.01
CA GLN C 47 -4.23 36.73 0.54
C GLN C 47 -4.19 37.89 -0.45
N THR C 48 -3.04 38.09 -1.11
CA THR C 48 -2.94 39.15 -2.11
C THR C 48 -3.80 38.85 -3.33
N ALA C 49 -3.92 37.57 -3.70
CA ALA C 49 -4.72 37.20 -4.86
C ALA C 49 -6.18 37.61 -4.67
N ASN C 50 -6.75 37.31 -3.51
CA ASN C 50 -8.13 37.70 -3.24
C ASN C 50 -8.28 39.21 -3.16
N ASN C 51 -7.22 39.92 -2.77
CA ASN C 51 -7.25 41.38 -2.83
C ASN C 51 -7.37 41.87 -4.26
N GLU C 52 -6.57 41.29 -5.17
CA GLU C 52 -6.67 41.64 -6.59
C GLU C 52 -7.99 41.16 -7.19
N LYS C 53 -8.59 40.11 -6.61
CA LYS C 53 -9.89 39.65 -7.09
C LYS C 53 -10.97 40.70 -6.86
N GLU C 54 -10.89 41.42 -5.74
CA GLU C 54 -11.88 42.45 -5.45
C GLU C 54 -11.59 43.74 -6.20
N HIS C 55 -10.32 44.04 -6.49
CA HIS C 55 -9.99 45.21 -7.29
C HIS C 55 -10.56 45.08 -8.70
N ALA C 56 -10.50 43.88 -9.28
CA ALA C 56 -11.06 43.67 -10.61
C ALA C 56 -12.58 43.74 -10.59
N LYS C 57 -13.20 43.39 -9.47
CA LYS C 57 -14.65 43.50 -9.36
C LYS C 57 -15.10 44.95 -9.42
N LEU C 58 -14.30 45.87 -8.88
CA LEU C 58 -14.63 47.29 -8.96
C LEU C 58 -14.68 47.76 -10.41
N TRP C 59 -13.63 47.44 -11.18
CA TRP C 59 -13.61 47.85 -12.58
C TRP C 59 -14.62 47.08 -13.41
N PHE C 60 -14.92 45.83 -13.04
CA PHE C 60 -15.91 45.05 -13.77
C PHE C 60 -17.30 45.61 -13.59
N LYS C 61 -17.63 46.06 -12.37
CA LYS C 61 -18.96 46.63 -12.13
C LYS C 61 -19.10 47.99 -12.79
N LEU C 62 -18.00 48.73 -12.94
CA LEU C 62 -18.07 50.01 -13.64
C LEU C 62 -18.33 49.81 -15.12
N LEU C 63 -17.75 48.76 -15.72
CA LEU C 63 -17.95 48.47 -17.12
C LEU C 63 -19.29 47.80 -17.40
N HIS C 64 -19.96 47.28 -16.37
CA HIS C 64 -21.24 46.61 -16.52
C HIS C 64 -22.35 47.31 -15.75
N ASP C 65 -22.11 48.54 -15.28
CA ASP C 65 -23.09 49.30 -14.50
C ASP C 65 -23.56 48.50 -13.28
N GLY C 66 -22.61 47.95 -12.55
CA GLY C 66 -22.91 47.14 -11.39
C GLY C 66 -22.85 45.65 -11.68
N MET C 67 -23.61 44.85 -10.93
CA MET C 67 -23.63 43.41 -11.12
C MET C 67 -24.90 43.02 -11.85
N PRO C 68 -24.84 42.53 -13.08
CA PRO C 68 -26.06 42.16 -13.79
C PRO C 68 -26.73 40.94 -13.17
N ASP C 69 -28.00 40.77 -13.50
CA ASP C 69 -28.75 39.63 -13.01
C ASP C 69 -28.28 38.34 -13.68
N THR C 70 -28.62 37.21 -13.05
CA THR C 70 -28.13 35.92 -13.51
C THR C 70 -28.57 35.62 -14.94
N VAL C 71 -29.77 36.06 -15.32
CA VAL C 71 -30.31 35.72 -16.63
C VAL C 71 -29.45 36.37 -17.72
N THR C 72 -28.92 37.56 -17.44
CA THR C 72 -27.98 38.21 -18.35
C THR C 72 -26.57 37.66 -18.19
N ASN C 73 -26.21 37.24 -16.98
CA ASN C 73 -24.87 36.69 -16.76
C ASN C 73 -24.65 35.42 -17.57
N LEU C 74 -25.68 34.58 -17.68
CA LEU C 74 -25.55 33.37 -18.48
C LEU C 74 -25.48 33.68 -19.97
N LYS C 75 -26.12 34.77 -20.40
CA LYS C 75 -26.07 35.15 -21.82
C LYS C 75 -24.68 35.67 -22.18
N ASP C 76 -24.12 36.55 -21.35
CA ASP C 76 -22.79 37.08 -21.64
C ASP C 76 -21.72 36.01 -21.54
N ALA C 77 -21.89 35.07 -20.61
CA ALA C 77 -20.93 33.97 -20.50
C ALA C 77 -21.01 33.04 -21.70
N ALA C 78 -22.21 32.86 -22.27
CA ALA C 78 -22.34 32.02 -23.45
C ALA C 78 -21.69 32.68 -24.67
N ALA C 79 -21.86 33.99 -24.82
CA ALA C 79 -21.21 34.69 -25.91
C ALA C 79 -19.70 34.76 -25.71
N GLY C 80 -19.25 34.88 -24.46
CA GLY C 80 -17.82 34.92 -24.20
C GLY C 80 -17.11 33.63 -24.58
N GLU C 81 -17.74 32.49 -24.29
CA GLU C 81 -17.16 31.21 -24.68
C GLU C 81 -17.39 30.88 -26.15
N ASN C 82 -18.43 31.46 -26.76
CA ASN C 82 -18.62 31.31 -28.20
C ASN C 82 -17.49 31.98 -28.97
N PHE C 83 -17.10 33.18 -28.54
CA PHE C 83 -15.98 33.87 -29.17
C PHE C 83 -14.67 33.11 -28.99
N GLU C 84 -14.58 32.30 -27.94
CA GLU C 84 -13.34 31.57 -27.66
C GLU C 84 -13.09 30.48 -28.68
N TRP C 85 -14.09 29.65 -28.97
CA TRP C 85 -13.87 28.47 -29.79
C TRP C 85 -14.18 28.69 -31.27
N THR C 86 -14.95 29.72 -31.63
CA THR C 86 -15.20 30.01 -33.03
C THR C 86 -14.21 31.00 -33.62
N ASP C 87 -13.41 31.68 -32.80
CA ASP C 87 -12.54 32.73 -33.29
C ASP C 87 -11.19 32.72 -32.58
N MET C 88 -11.20 33.04 -31.28
CA MET C 88 -9.97 33.30 -30.53
C MET C 88 -8.98 32.15 -30.60
N TYR C 89 -9.31 31.01 -30.00
CA TYR C 89 -8.39 29.88 -29.99
C TYR C 89 -8.26 29.21 -31.35
N ALA C 90 -9.17 29.48 -32.29
CA ALA C 90 -9.05 28.91 -33.62
C ALA C 90 -7.94 29.58 -34.42
N ARG C 91 -7.72 30.88 -34.21
CA ARG C 91 -6.68 31.58 -34.96
C ARG C 91 -5.29 31.21 -34.47
N MET C 92 -5.11 31.07 -33.15
CA MET C 92 -3.80 30.69 -32.63
C MET C 92 -3.49 29.23 -32.87
N ALA C 93 -4.49 28.39 -33.14
CA ALA C 93 -4.21 27.00 -33.50
C ALA C 93 -3.41 26.92 -34.79
N LYS C 94 -3.85 27.65 -35.82
CA LYS C 94 -3.12 27.66 -37.08
C LYS C 94 -1.91 28.58 -37.02
N GLU C 95 -1.94 29.63 -36.20
CA GLU C 95 -0.78 30.52 -36.08
C GLU C 95 0.39 29.80 -35.43
N ALA C 96 0.13 28.88 -34.51
CA ALA C 96 1.19 28.10 -33.88
C ALA C 96 1.64 26.93 -34.73
N ARG C 97 0.77 26.42 -35.61
CA ARG C 97 1.14 25.29 -36.45
C ARG C 97 2.00 25.71 -37.62
N GLU C 98 1.78 26.91 -38.17
CA GLU C 98 2.58 27.43 -39.27
C GLU C 98 3.96 27.92 -38.82
N GLU C 99 4.33 27.70 -37.56
CA GLU C 99 5.61 28.13 -37.04
C GLU C 99 6.41 27.01 -36.39
N GLY C 100 5.86 25.80 -36.29
CA GLY C 100 6.56 24.63 -35.80
C GLY C 100 6.03 24.05 -34.50
N PHE C 101 5.33 24.84 -33.70
CA PHE C 101 4.84 24.37 -32.39
C PHE C 101 3.59 23.52 -32.60
N ASP C 102 3.81 22.26 -32.97
CA ASP C 102 2.69 21.35 -33.21
C ASP C 102 2.00 20.95 -31.92
N ASP C 103 2.76 20.82 -30.82
CA ASP C 103 2.16 20.43 -29.55
C ASP C 103 1.49 21.59 -28.85
N ILE C 104 1.91 22.82 -29.12
CA ILE C 104 1.24 23.99 -28.53
C ILE C 104 -0.12 24.18 -29.17
N ALA C 105 -0.22 23.98 -30.48
CA ALA C 105 -1.51 24.09 -31.15
C ALA C 105 -2.43 22.93 -30.79
N ASP C 106 -1.87 21.75 -30.55
CA ASP C 106 -2.70 20.61 -30.13
C ASP C 106 -3.31 20.88 -28.77
N THR C 107 -2.56 21.53 -27.87
CA THR C 107 -3.13 21.93 -26.59
C THR C 107 -4.21 22.99 -26.77
N MET C 108 -3.95 23.96 -27.65
CA MET C 108 -4.94 25.00 -27.91
C MET C 108 -6.19 24.43 -28.58
N GLU C 109 -6.04 23.40 -29.40
CA GLU C 109 -7.20 22.76 -30.01
C GLU C 109 -7.99 21.97 -28.97
N GLY C 110 -7.30 21.34 -28.02
CA GLY C 110 -8.00 20.64 -26.95
C GLY C 110 -8.74 21.58 -26.03
N VAL C 111 -8.13 22.74 -25.72
CA VAL C 111 -8.81 23.74 -24.91
C VAL C 111 -9.97 24.34 -25.68
N LEU C 112 -9.83 24.50 -27.00
CA LEU C 112 -10.93 25.02 -27.82
C LEU C 112 -12.17 24.17 -27.68
N ALA C 113 -12.01 22.84 -27.68
CA ALA C 113 -13.16 21.95 -27.51
C ALA C 113 -13.78 22.09 -26.13
N ILE C 114 -12.99 22.44 -25.12
CA ILE C 114 -13.53 22.60 -23.78
C ILE C 114 -14.42 23.83 -23.71
N GLU C 115 -13.99 24.94 -24.31
CA GLU C 115 -14.81 26.15 -24.30
C GLU C 115 -16.12 25.94 -25.06
N LYS C 116 -16.12 25.02 -26.04
CA LYS C 116 -17.37 24.71 -26.73
C LYS C 116 -18.38 24.06 -25.79
N THR C 117 -17.93 23.15 -24.93
CA THR C 117 -18.81 22.56 -23.95
C THR C 117 -19.19 23.55 -22.85
N HIS C 118 -18.41 24.62 -22.67
CA HIS C 118 -18.76 25.64 -21.70
C HIS C 118 -19.97 26.45 -22.16
N GLU C 119 -20.05 26.75 -23.47
CA GLU C 119 -21.21 27.48 -23.98
C GLU C 119 -22.44 26.59 -24.01
N GLN C 120 -22.29 25.34 -24.46
CA GLN C 120 -23.43 24.43 -24.49
C GLN C 120 -24.00 24.20 -23.10
N ARG C 121 -23.14 24.19 -22.08
CA ARG C 121 -23.63 24.08 -20.71
C ARG C 121 -24.33 25.36 -20.27
N TYR C 122 -23.83 26.51 -20.71
CA TYR C 122 -24.39 27.79 -20.29
C TYR C 122 -25.75 28.04 -20.95
N VAL C 123 -25.89 27.70 -22.24
CA VAL C 123 -27.15 27.94 -22.91
C VAL C 123 -28.23 27.01 -22.40
N ALA C 124 -27.86 25.82 -21.92
CA ALA C 124 -28.84 24.91 -21.35
C ALA C 124 -29.34 25.42 -20.00
N LEU C 125 -28.45 26.04 -19.22
CA LEU C 125 -28.88 26.62 -17.94
C LEU C 125 -29.74 27.85 -18.16
N LEU C 126 -29.39 28.69 -19.13
CA LEU C 126 -30.23 29.83 -19.47
C LEU C 126 -31.57 29.38 -20.04
N ASN C 127 -31.59 28.26 -20.76
CA ASN C 127 -32.86 27.73 -21.25
C ASN C 127 -33.76 27.28 -20.11
N ASN C 128 -33.18 26.74 -19.04
CA ASN C 128 -33.99 26.28 -17.91
C ASN C 128 -34.66 27.45 -17.19
N ILE C 129 -34.02 28.61 -17.16
CA ILE C 129 -34.62 29.78 -16.52
C ILE C 129 -35.73 30.37 -17.38
N GLU C 130 -35.47 30.53 -18.67
CA GLU C 130 -36.46 31.13 -19.56
C GLU C 130 -37.65 30.20 -19.78
N ASP C 131 -37.46 28.90 -19.64
CA ASP C 131 -38.56 27.94 -19.77
C ASP C 131 -39.22 27.62 -18.44
N GLY C 132 -38.63 28.02 -17.32
CA GLY C 132 -39.18 27.71 -16.02
C GLY C 132 -38.95 26.28 -15.58
N THR C 133 -37.93 25.62 -16.11
CA THR C 133 -37.66 24.21 -15.82
C THR C 133 -36.41 24.03 -14.97
N VAL C 134 -36.10 25.01 -14.12
CA VAL C 134 -34.93 24.89 -13.24
C VAL C 134 -35.28 24.08 -11.99
N PHE C 135 -36.50 24.26 -11.48
CA PHE C 135 -36.96 23.54 -10.29
C PHE C 135 -38.23 22.73 -10.55
N GLU C 136 -38.64 22.59 -11.81
CA GLU C 136 -39.79 21.78 -12.16
C GLU C 136 -39.53 21.11 -13.51
N LYS C 137 -39.85 19.82 -13.59
CA LYS C 137 -39.83 19.10 -14.84
C LYS C 137 -41.23 18.61 -15.16
N ALA C 138 -41.53 18.46 -16.45
CA ALA C 138 -42.74 17.75 -16.84
C ALA C 138 -42.62 16.25 -16.63
N GLU C 139 -41.46 15.80 -16.18
CA GLU C 139 -41.13 14.40 -15.96
C GLU C 139 -40.87 14.17 -14.48
N GLU C 140 -41.26 13.00 -13.98
CA GLU C 140 -40.96 12.67 -12.59
C GLU C 140 -39.47 12.44 -12.44
N THR C 141 -38.82 13.28 -11.65
CA THR C 141 -37.37 13.25 -11.46
C THR C 141 -37.03 13.04 -9.99
N LEU C 142 -35.76 12.81 -9.74
CA LEU C 142 -35.24 12.60 -8.39
C LEU C 142 -34.40 13.83 -8.00
N TRP C 143 -34.89 14.59 -7.03
CA TRP C 143 -34.24 15.81 -6.60
C TRP C 143 -33.40 15.56 -5.34
N GLU C 144 -32.31 16.32 -5.22
CA GLU C 144 -31.42 16.21 -4.07
C GLU C 144 -31.16 17.60 -3.49
N CYS C 145 -31.20 17.69 -2.16
CA CYS C 145 -30.86 18.93 -1.47
C CYS C 145 -29.35 19.01 -1.30
N LEU C 146 -28.74 20.05 -1.88
CA LEU C 146 -27.29 20.18 -1.83
C LEU C 146 -26.75 20.56 -0.45
N ASN C 147 -27.63 20.92 0.49
CA ASN C 147 -27.21 21.27 1.84
C ASN C 147 -27.06 20.04 2.74
N CYS C 148 -28.08 19.18 2.76
CA CYS C 148 -28.09 18.01 3.64
C CYS C 148 -28.13 16.68 2.92
N GLY C 149 -28.57 16.64 1.67
CA GLY C 149 -28.65 15.39 0.93
C GLY C 149 -30.03 14.76 0.87
N HIS C 150 -31.08 15.47 1.27
CA HIS C 150 -32.42 14.91 1.26
C HIS C 150 -32.86 14.63 -0.18
N LEU C 151 -33.38 13.43 -0.41
CA LEU C 151 -33.85 13.01 -1.71
C LEU C 151 -35.36 13.17 -1.80
N HIS C 152 -35.83 13.70 -2.93
CA HIS C 152 -37.25 13.93 -3.14
C HIS C 152 -37.59 13.53 -4.57
N THR C 153 -38.57 12.64 -4.71
CA THR C 153 -39.05 12.20 -6.02
C THR C 153 -40.30 12.95 -6.39
N GLY C 154 -40.37 13.40 -7.64
CA GLY C 154 -41.50 14.16 -8.11
C GLY C 154 -41.09 15.06 -9.25
N LYS C 155 -42.08 15.76 -9.80
CA LYS C 155 -41.87 16.65 -10.92
C LYS C 155 -41.36 18.03 -10.51
N THR C 156 -41.70 18.49 -9.32
CA THR C 156 -41.28 19.77 -8.81
C THR C 156 -40.34 19.59 -7.62
N ALA C 157 -39.38 20.50 -7.50
CA ALA C 157 -38.53 20.51 -6.32
C ALA C 157 -39.33 20.98 -5.11
N PRO C 158 -39.00 20.47 -3.92
CA PRO C 158 -39.75 20.89 -2.73
C PRO C 158 -39.63 22.39 -2.49
N GLU C 159 -40.72 22.97 -1.99
CA GLU C 159 -40.71 24.39 -1.65
C GLU C 159 -39.67 24.69 -0.58
N VAL C 160 -39.64 23.86 0.47
CA VAL C 160 -38.64 23.94 1.53
C VAL C 160 -38.18 22.52 1.82
N CYS C 161 -36.87 22.35 2.03
CA CYS C 161 -36.34 21.04 2.38
C CYS C 161 -36.88 20.63 3.74
N PRO C 162 -37.62 19.51 3.85
CA PRO C 162 -38.22 19.14 5.14
C PRO C 162 -37.22 18.64 6.17
N VAL C 163 -35.94 18.54 5.83
CA VAL C 163 -34.93 18.04 6.74
C VAL C 163 -34.14 19.18 7.38
N CYS C 164 -33.58 20.07 6.56
CA CYS C 164 -32.73 21.15 7.03
C CYS C 164 -33.37 22.53 6.85
N ASN C 165 -34.61 22.59 6.40
CA ASN C 165 -35.35 23.85 6.29
C ASN C 165 -34.66 24.84 5.35
N HIS C 166 -34.03 24.31 4.29
CA HIS C 166 -33.42 25.22 3.33
C HIS C 166 -34.32 25.40 2.11
N PRO C 167 -34.27 26.56 1.45
CA PRO C 167 -35.24 26.85 0.39
C PRO C 167 -35.01 26.05 -0.89
N ARG C 168 -35.79 26.39 -1.93
CA ARG C 168 -35.77 25.63 -3.18
C ARG C 168 -34.45 25.73 -3.92
N SER C 169 -33.64 26.77 -3.66
CA SER C 169 -32.41 26.96 -4.41
C SER C 169 -31.43 25.82 -4.20
N TYR C 170 -31.42 25.22 -3.02
CA TYR C 170 -30.49 24.14 -2.69
C TYR C 170 -30.91 22.80 -3.28
N PHE C 171 -31.85 22.78 -4.23
CA PHE C 171 -32.32 21.55 -4.84
C PHE C 171 -31.87 21.50 -6.29
N GLU C 172 -31.29 20.36 -6.68
CA GLU C 172 -30.88 20.12 -8.05
C GLU C 172 -31.35 18.73 -8.47
N VAL C 173 -31.20 18.44 -9.76
CA VAL C 173 -31.60 17.15 -10.31
C VAL C 173 -30.47 16.15 -10.08
N ARG C 174 -30.77 15.09 -9.34
CA ARG C 174 -29.72 14.19 -8.89
C ARG C 174 -29.40 13.14 -9.95
N LYS C 175 -28.11 12.97 -10.23
CA LYS C 175 -27.59 11.88 -11.04
C LYS C 175 -26.37 11.30 -10.36
N GLU C 176 -26.19 9.98 -10.48
CA GLU C 176 -25.03 9.29 -9.97
C GLU C 176 -24.18 8.83 -11.15
N ASN C 177 -22.99 9.40 -11.29
CA ASN C 177 -22.16 9.23 -12.47
C ASN C 177 -20.94 8.37 -12.13
N TYR C 178 -21.21 7.10 -11.83
CA TYR C 178 -20.14 6.10 -11.63
C TYR C 178 -20.73 4.70 -11.59
N LYS D 4 10.81 34.98 -27.20
CA LYS D 4 10.99 34.15 -28.38
C LYS D 4 10.82 34.96 -29.66
N GLY D 5 10.20 36.14 -29.55
CA GLY D 5 9.92 36.95 -30.71
C GLY D 5 8.98 36.30 -31.71
N THR D 6 8.16 35.36 -31.25
CA THR D 6 7.28 34.58 -32.11
C THR D 6 5.83 35.02 -31.91
N LYS D 7 5.02 34.86 -32.96
CA LYS D 7 3.61 35.23 -32.86
C LYS D 7 2.88 34.42 -31.80
N THR D 8 3.33 33.19 -31.54
CA THR D 8 2.72 32.39 -30.49
C THR D 8 3.01 32.98 -29.11
N GLU D 9 4.15 33.65 -28.95
CA GLU D 9 4.48 34.28 -27.67
C GLU D 9 3.47 35.38 -27.34
N LYS D 10 3.13 36.22 -28.33
CA LYS D 10 2.11 37.23 -28.11
C LYS D 10 0.72 36.60 -28.00
N ASN D 11 0.50 35.47 -28.69
CA ASN D 11 -0.78 34.77 -28.58
C ASN D 11 -0.96 34.18 -27.18
N LEU D 12 0.11 33.62 -26.62
CA LEU D 12 0.02 33.06 -25.27
C LEU D 12 -0.24 34.16 -24.24
N ASN D 13 0.34 35.34 -24.45
CA ASN D 13 0.06 36.47 -23.58
C ASN D 13 -1.41 36.89 -23.69
N GLU D 14 -1.93 36.95 -24.92
CA GLU D 14 -3.35 37.24 -25.11
C GLU D 14 -4.22 36.08 -24.62
N ALA D 15 -3.69 34.85 -24.68
CA ALA D 15 -4.44 33.70 -24.18
C ALA D 15 -4.41 33.63 -22.66
N PHE D 16 -3.28 34.00 -22.05
CA PHE D 16 -3.21 34.05 -20.59
C PHE D 16 -4.17 35.08 -20.03
N ALA D 17 -4.24 36.26 -20.64
CA ALA D 17 -5.32 37.18 -20.33
C ALA D 17 -6.62 36.67 -20.95
N GLY D 18 -7.72 37.22 -20.49
CA GLY D 18 -9.02 36.68 -20.91
C GLY D 18 -9.35 35.36 -20.24
N GLU D 19 -8.45 34.39 -20.32
CA GLU D 19 -8.59 33.18 -19.51
C GLU D 19 -8.60 33.53 -18.02
N SER D 20 -7.74 34.46 -17.61
CA SER D 20 -7.80 34.97 -16.24
C SER D 20 -9.00 35.88 -16.04
N MET D 21 -9.40 36.61 -17.08
CA MET D 21 -10.62 37.42 -17.00
C MET D 21 -11.84 36.54 -16.90
N ALA D 22 -11.84 35.39 -17.60
CA ALA D 22 -12.96 34.45 -17.49
C ALA D 22 -13.06 33.89 -16.08
N ARG D 23 -11.93 33.64 -15.42
CA ARG D 23 -11.97 33.14 -14.05
C ARG D 23 -12.66 34.14 -13.13
N ASN D 24 -12.32 35.42 -13.26
CA ASN D 24 -12.93 36.43 -12.41
C ASN D 24 -14.41 36.58 -12.71
N LYS D 25 -14.77 36.66 -14.00
CA LYS D 25 -16.16 36.85 -14.39
C LYS D 25 -17.04 35.72 -13.86
N TYR D 26 -16.54 34.49 -13.88
CA TYR D 26 -17.33 33.36 -13.42
C TYR D 26 -17.34 33.23 -11.91
N THR D 27 -16.37 33.83 -11.22
CA THR D 27 -16.43 33.87 -9.76
C THR D 27 -17.48 34.86 -9.29
N TYR D 28 -17.59 36.01 -9.96
CA TYR D 28 -18.65 36.96 -9.60
C TYR D 28 -20.01 36.41 -9.97
N TYR D 29 -20.13 35.73 -11.12
CA TYR D 29 -21.39 35.16 -11.52
C TYR D 29 -21.85 34.05 -10.57
N ALA D 30 -20.91 33.33 -9.96
CA ALA D 30 -21.28 32.31 -8.99
C ALA D 30 -21.87 32.93 -7.73
N SER D 31 -21.32 34.05 -7.28
CA SER D 31 -21.87 34.72 -6.09
C SER D 31 -23.23 35.33 -6.38
N LYS D 32 -23.41 35.90 -7.57
CA LYS D 32 -24.70 36.50 -7.93
C LYS D 32 -25.77 35.43 -8.13
N ALA D 33 -25.38 34.29 -8.72
CA ALA D 33 -26.34 33.20 -8.91
C ALA D 33 -26.79 32.61 -7.58
N LYS D 34 -25.92 32.62 -6.57
CA LYS D 34 -26.31 32.14 -5.24
C LYS D 34 -27.27 33.12 -4.58
N LYS D 35 -27.02 34.42 -4.71
CA LYS D 35 -27.92 35.42 -4.15
C LYS D 35 -29.26 35.42 -4.89
N ASP D 36 -29.27 35.05 -6.18
CA ASP D 36 -30.48 35.02 -6.96
C ASP D 36 -31.32 33.78 -6.71
N GLY D 37 -30.78 32.79 -6.00
CA GLY D 37 -31.54 31.59 -5.67
C GLY D 37 -31.26 30.42 -6.60
N TYR D 38 -30.00 30.26 -7.01
CA TYR D 38 -29.60 29.17 -7.90
C TYR D 38 -28.26 28.63 -7.38
N VAL D 39 -28.33 27.59 -6.53
CA VAL D 39 -27.12 27.05 -5.94
C VAL D 39 -26.36 26.18 -6.93
N GLN D 40 -27.07 25.35 -7.71
CA GLN D 40 -26.39 24.51 -8.69
C GLN D 40 -25.77 25.35 -9.80
N ILE D 41 -26.49 26.36 -10.28
CA ILE D 41 -25.92 27.28 -11.26
C ILE D 41 -24.69 27.97 -10.69
N SER D 42 -24.72 28.30 -9.40
CA SER D 42 -23.55 28.88 -8.74
C SER D 42 -22.37 27.93 -8.78
N ASN D 43 -22.61 26.65 -8.46
CA ASN D 43 -21.52 25.67 -8.47
C ASN D 43 -20.95 25.46 -9.85
N ILE D 44 -21.80 25.51 -10.88
CA ILE D 44 -21.34 25.35 -12.26
C ILE D 44 -20.48 26.53 -12.69
N PHE D 45 -20.89 27.76 -12.32
CA PHE D 45 -20.05 28.91 -12.57
C PHE D 45 -18.67 28.76 -11.94
N GLU D 46 -18.62 28.22 -10.73
CA GLU D 46 -17.37 28.11 -10.00
C GLU D 46 -16.53 26.91 -10.45
N GLN D 47 -17.16 25.82 -10.87
CA GLN D 47 -16.39 24.73 -11.48
C GLN D 47 -15.83 25.17 -12.83
N THR D 48 -16.59 25.97 -13.57
CA THR D 48 -16.08 26.53 -14.82
C THR D 48 -14.98 27.55 -14.55
N ALA D 49 -15.13 28.35 -13.49
CA ALA D 49 -14.08 29.29 -13.12
C ALA D 49 -12.79 28.57 -12.77
N ASN D 50 -12.88 27.38 -12.18
CA ASN D 50 -11.68 26.60 -11.90
C ASN D 50 -11.11 25.95 -13.16
N ASN D 51 -11.97 25.62 -14.13
CA ASN D 51 -11.47 25.12 -15.41
C ASN D 51 -10.64 26.17 -16.12
N GLU D 52 -11.13 27.41 -16.17
CA GLU D 52 -10.39 28.48 -16.82
C GLU D 52 -9.12 28.82 -16.05
N LYS D 53 -9.13 28.59 -14.73
CA LYS D 53 -7.91 28.77 -13.93
C LYS D 53 -6.82 27.82 -14.38
N GLU D 54 -7.18 26.59 -14.75
CA GLU D 54 -6.20 25.60 -15.18
C GLU D 54 -5.77 25.80 -16.63
N HIS D 55 -6.63 26.40 -17.47
CA HIS D 55 -6.23 26.69 -18.84
C HIS D 55 -5.15 27.77 -18.87
N ALA D 56 -5.29 28.81 -18.04
CA ALA D 56 -4.29 29.86 -17.99
C ALA D 56 -2.96 29.33 -17.46
N LYS D 57 -3.00 28.33 -16.58
CA LYS D 57 -1.76 27.75 -16.07
C LYS D 57 -0.95 27.11 -17.18
N LEU D 58 -1.62 26.51 -18.17
CA LEU D 58 -0.91 25.92 -19.30
C LEU D 58 -0.13 26.99 -20.07
N TRP D 59 -0.78 28.12 -20.36
CA TRP D 59 -0.10 29.19 -21.08
C TRP D 59 0.95 29.87 -20.21
N PHE D 60 0.70 29.97 -18.90
CA PHE D 60 1.68 30.59 -18.02
C PHE D 60 2.93 29.74 -17.88
N LYS D 61 2.76 28.41 -17.76
CA LYS D 61 3.91 27.53 -17.62
C LYS D 61 4.72 27.43 -18.91
N LEU D 62 4.10 27.73 -20.07
CA LEU D 62 4.85 27.74 -21.32
C LEU D 62 5.64 29.04 -21.48
N LEU D 63 5.12 30.15 -20.99
CA LEU D 63 5.81 31.44 -21.09
C LEU D 63 6.96 31.58 -20.11
N HIS D 64 7.07 30.70 -19.12
CA HIS D 64 8.14 30.78 -18.13
C HIS D 64 8.96 29.50 -18.05
N ASP D 65 8.79 28.58 -18.99
CA ASP D 65 9.51 27.31 -19.01
C ASP D 65 9.28 26.54 -17.71
N GLY D 66 8.01 26.37 -17.34
CA GLY D 66 7.66 25.69 -16.12
C GLY D 66 7.14 26.65 -15.06
N MET D 67 7.45 26.37 -13.80
CA MET D 67 7.05 27.23 -12.68
C MET D 67 8.29 27.66 -11.91
N PRO D 68 8.64 28.95 -11.91
CA PRO D 68 9.86 29.38 -11.21
C PRO D 68 9.71 29.23 -9.69
N ASP D 69 10.85 29.33 -9.01
CA ASP D 69 10.88 29.15 -7.57
C ASP D 69 10.34 30.41 -6.87
N THR D 70 10.13 30.28 -5.56
CA THR D 70 9.53 31.36 -4.79
C THR D 70 10.39 32.63 -4.80
N VAL D 71 11.71 32.47 -4.88
CA VAL D 71 12.58 33.65 -4.94
C VAL D 71 12.34 34.42 -6.22
N THR D 72 12.25 33.73 -7.35
CA THR D 72 11.92 34.40 -8.61
C THR D 72 10.49 34.91 -8.61
N ASN D 73 9.56 34.12 -8.05
CA ASN D 73 8.16 34.54 -8.01
C ASN D 73 7.99 35.82 -7.20
N LEU D 74 8.68 35.92 -6.05
CA LEU D 74 8.61 37.14 -5.27
C LEU D 74 9.22 38.32 -6.00
N LYS D 75 10.27 38.08 -6.79
CA LYS D 75 10.90 39.16 -7.54
C LYS D 75 10.00 39.65 -8.67
N ASP D 76 9.29 38.74 -9.33
CA ASP D 76 8.37 39.15 -10.39
C ASP D 76 7.14 39.85 -9.81
N ALA D 77 6.62 39.36 -8.69
CA ALA D 77 5.45 39.99 -8.09
C ALA D 77 5.78 41.39 -7.56
N ALA D 78 6.97 41.56 -6.97
CA ALA D 78 7.36 42.88 -6.48
C ALA D 78 7.51 43.88 -7.62
N ALA D 79 8.02 43.42 -8.76
CA ALA D 79 8.15 44.30 -9.92
C ALA D 79 6.81 44.58 -10.57
N GLY D 80 5.89 43.61 -10.54
CA GLY D 80 4.58 43.83 -11.12
C GLY D 80 3.72 44.76 -10.27
N GLU D 81 3.80 44.62 -8.95
CA GLU D 81 3.07 45.52 -8.07
C GLU D 81 3.64 46.94 -8.10
N ASN D 82 4.96 47.06 -8.27
CA ASN D 82 5.55 48.38 -8.41
C ASN D 82 5.06 49.07 -9.69
N PHE D 83 4.96 48.31 -10.78
CA PHE D 83 4.39 48.84 -12.01
C PHE D 83 2.93 49.25 -11.85
N GLU D 84 2.23 48.65 -10.88
CA GLU D 84 0.81 48.97 -10.69
C GLU D 84 0.62 50.39 -10.19
N TRP D 85 1.41 50.80 -9.19
CA TRP D 85 1.19 52.09 -8.54
C TRP D 85 2.11 53.20 -9.06
N THR D 86 3.17 52.87 -9.79
CA THR D 86 4.06 53.89 -10.33
C THR D 86 3.73 54.27 -11.77
N ASP D 87 3.07 53.39 -12.52
CA ASP D 87 2.84 53.63 -13.95
C ASP D 87 1.34 53.52 -14.27
N MET D 88 0.79 52.31 -14.15
CA MET D 88 -0.54 52.04 -14.67
C MET D 88 -1.60 52.84 -13.94
N TYR D 89 -1.79 52.57 -12.65
CA TYR D 89 -2.87 53.23 -11.91
C TYR D 89 -2.64 54.73 -11.80
N ALA D 90 -1.39 55.18 -11.87
CA ALA D 90 -1.11 56.61 -11.93
C ALA D 90 -1.67 57.21 -13.22
N ARG D 91 -1.12 56.78 -14.36
CA ARG D 91 -1.59 57.27 -15.65
C ARG D 91 -3.10 57.09 -15.81
N MET D 92 -3.67 56.02 -15.26
CA MET D 92 -5.10 55.81 -15.34
C MET D 92 -5.88 56.91 -14.64
N ALA D 93 -5.35 57.44 -13.54
CA ALA D 93 -6.08 58.46 -12.78
C ALA D 93 -6.08 59.79 -13.50
N LYS D 94 -4.97 60.14 -14.17
CA LYS D 94 -4.90 61.42 -14.88
C LYS D 94 -5.86 61.44 -16.06
N GLU D 95 -5.93 60.34 -16.82
CA GLU D 95 -6.82 60.29 -17.97
C GLU D 95 -8.28 60.34 -17.56
N ALA D 96 -8.61 59.80 -16.39
CA ALA D 96 -9.99 59.86 -15.91
C ALA D 96 -10.36 61.27 -15.47
N ARG D 97 -9.42 61.99 -14.85
CA ARG D 97 -9.70 63.36 -14.43
C ARG D 97 -9.78 64.30 -15.62
N GLU D 98 -9.02 64.04 -16.69
CA GLU D 98 -9.08 64.87 -17.88
C GLU D 98 -10.39 64.69 -18.65
N GLU D 99 -11.19 63.68 -18.31
CA GLU D 99 -12.46 63.42 -18.98
C GLU D 99 -13.67 63.68 -18.11
N GLY D 100 -13.48 63.96 -16.83
CA GLY D 100 -14.57 64.24 -15.90
C GLY D 100 -14.85 63.17 -14.88
N PHE D 101 -14.13 62.05 -14.92
CA PHE D 101 -14.40 60.97 -13.98
C PHE D 101 -13.49 61.12 -12.76
N ASP D 102 -13.69 62.22 -12.08
CA ASP D 102 -13.32 62.42 -10.69
C ASP D 102 -13.57 61.20 -9.81
N ASP D 103 -14.82 60.77 -9.73
CA ASP D 103 -15.11 59.73 -8.76
C ASP D 103 -14.33 58.47 -9.06
N ILE D 104 -14.30 58.05 -10.33
CA ILE D 104 -13.55 56.86 -10.73
C ILE D 104 -12.06 57.05 -10.49
N ALA D 105 -11.57 58.27 -10.74
CA ALA D 105 -10.15 58.56 -10.53
C ALA D 105 -9.76 58.40 -9.07
N ASP D 106 -10.62 58.85 -8.15
CA ASP D 106 -10.34 58.66 -6.73
C ASP D 106 -10.28 57.19 -6.36
N THR D 107 -11.09 56.35 -7.03
CA THR D 107 -11.06 54.91 -6.75
C THR D 107 -9.79 54.27 -7.27
N MET D 108 -9.33 54.68 -8.45
CA MET D 108 -8.08 54.14 -8.99
C MET D 108 -6.90 54.46 -8.08
N GLU D 109 -7.00 55.53 -7.31
CA GLU D 109 -5.90 55.94 -6.43
C GLU D 109 -5.94 55.24 -5.08
N GLY D 110 -7.13 54.91 -4.57
CA GLY D 110 -7.20 54.06 -3.39
C GLY D 110 -6.67 52.67 -3.67
N VAL D 111 -6.92 52.15 -4.87
CA VAL D 111 -6.33 50.89 -5.29
C VAL D 111 -4.84 51.07 -5.55
N LEU D 112 -4.44 52.23 -6.06
CA LEU D 112 -3.02 52.53 -6.25
C LEU D 112 -2.27 52.43 -4.93
N ALA D 113 -2.85 52.99 -3.86
CA ALA D 113 -2.18 52.96 -2.56
C ALA D 113 -2.06 51.54 -2.03
N ILE D 114 -2.96 50.63 -2.42
CA ILE D 114 -2.91 49.26 -1.93
C ILE D 114 -1.76 48.50 -2.59
N GLU D 115 -1.59 48.68 -3.91
CA GLU D 115 -0.54 47.94 -4.62
C GLU D 115 0.84 48.28 -4.09
N LYS D 116 1.03 49.50 -3.57
CA LYS D 116 2.31 49.85 -2.97
C LYS D 116 2.55 49.06 -1.69
N THR D 117 1.50 48.87 -0.89
CA THR D 117 1.64 48.03 0.30
C THR D 117 1.90 46.57 -0.08
N HIS D 118 1.46 46.15 -1.27
CA HIS D 118 1.75 44.80 -1.73
C HIS D 118 3.22 44.63 -2.07
N GLU D 119 3.84 45.66 -2.66
CA GLU D 119 5.26 45.57 -2.96
C GLU D 119 6.10 45.62 -1.68
N GLN D 120 5.75 46.49 -0.75
CA GLN D 120 6.48 46.55 0.52
C GLN D 120 6.42 45.22 1.24
N ARG D 121 5.26 44.55 1.21
CA ARG D 121 5.15 43.22 1.82
C ARG D 121 5.97 42.20 1.05
N TYR D 122 5.94 42.26 -0.29
CA TYR D 122 6.66 41.29 -1.10
C TYR D 122 8.16 41.44 -0.96
N VAL D 123 8.65 42.68 -0.91
CA VAL D 123 10.08 42.92 -0.73
C VAL D 123 10.53 42.47 0.66
N ALA D 124 9.67 42.63 1.67
CA ALA D 124 10.03 42.19 3.02
C ALA D 124 10.18 40.69 3.09
N LEU D 125 9.30 39.94 2.42
CA LEU D 125 9.41 38.49 2.41
C LEU D 125 10.63 38.03 1.62
N LEU D 126 10.92 38.71 0.52
CA LEU D 126 12.11 38.36 -0.28
C LEU D 126 13.39 38.62 0.50
N ASN D 127 13.42 39.71 1.28
CA ASN D 127 14.59 39.99 2.10
C ASN D 127 14.80 38.92 3.16
N ASN D 128 13.72 38.30 3.64
CA ASN D 128 13.86 37.25 4.64
C ASN D 128 14.51 35.99 4.05
N ILE D 129 14.20 35.68 2.79
CA ILE D 129 14.82 34.52 2.15
C ILE D 129 16.29 34.79 1.87
N GLU D 130 16.61 36.00 1.39
CA GLU D 130 18.00 36.30 1.04
C GLU D 130 18.88 36.47 2.27
N ASP D 131 18.33 37.01 3.36
CA ASP D 131 19.09 37.21 4.59
C ASP D 131 19.04 35.99 5.52
N GLY D 132 18.35 34.93 5.13
CA GLY D 132 18.23 33.78 6.00
C GLY D 132 17.42 34.02 7.25
N THR D 133 16.60 35.07 7.27
CA THR D 133 15.78 35.40 8.43
C THR D 133 14.34 34.93 8.27
N VAL D 134 14.09 34.02 7.33
CA VAL D 134 12.74 33.48 7.14
C VAL D 134 12.30 32.71 8.39
N PHE D 135 13.14 31.81 8.90
CA PHE D 135 12.82 31.00 10.06
C PHE D 135 13.80 31.27 11.20
N GLU D 136 14.37 32.47 11.25
CA GLU D 136 15.36 32.82 12.26
C GLU D 136 15.33 34.31 12.49
N LYS D 137 15.24 34.71 13.75
CA LYS D 137 15.23 36.12 14.14
C LYS D 137 16.51 36.44 14.91
N ALA D 138 16.94 37.71 14.80
CA ALA D 138 18.07 38.18 15.58
C ALA D 138 17.74 38.33 17.06
N GLU D 139 16.47 38.20 17.44
CA GLU D 139 16.04 38.25 18.82
C GLU D 139 14.91 37.25 18.99
N GLU D 140 14.84 36.62 20.16
CA GLU D 140 13.88 35.54 20.37
C GLU D 140 12.46 36.07 20.24
N THR D 141 11.59 35.28 19.61
CA THR D 141 10.23 35.68 19.31
C THR D 141 9.30 34.50 19.62
N LEU D 142 8.03 34.68 19.30
CA LEU D 142 7.00 33.66 19.51
C LEU D 142 6.58 33.11 18.15
N TRP D 143 6.77 31.82 17.96
CA TRP D 143 6.40 31.15 16.72
C TRP D 143 5.10 30.37 16.90
N GLU D 144 4.32 30.29 15.83
CA GLU D 144 3.04 29.60 15.84
C GLU D 144 2.98 28.61 14.68
N CYS D 145 2.35 27.46 14.91
CA CYS D 145 2.22 26.40 13.92
C CYS D 145 0.87 26.53 13.22
N LEU D 146 0.90 26.87 11.92
CA LEU D 146 -0.32 27.03 11.14
C LEU D 146 -1.15 25.76 11.02
N ASN D 147 -0.59 24.64 11.45
CA ASN D 147 -1.35 23.38 11.39
C ASN D 147 -2.16 23.14 12.65
N CYS D 148 -1.52 23.18 13.82
CA CYS D 148 -2.18 22.86 15.07
C CYS D 148 -2.27 24.04 16.05
N GLY D 149 -1.45 25.07 15.88
CA GLY D 149 -1.44 26.19 16.79
C GLY D 149 -0.42 26.11 17.90
N HIS D 150 0.52 25.17 17.83
CA HIS D 150 1.53 25.01 18.87
C HIS D 150 2.45 26.23 18.91
N LEU D 151 2.66 26.76 20.10
CA LEU D 151 3.48 27.96 20.29
C LEU D 151 4.86 27.56 20.78
N HIS D 152 5.89 28.10 20.13
CA HIS D 152 7.27 27.82 20.47
C HIS D 152 8.02 29.14 20.59
N THR D 153 8.40 29.50 21.81
CA THR D 153 9.23 30.67 22.04
C THR D 153 10.68 30.30 21.75
N GLY D 154 11.32 31.05 20.86
CA GLY D 154 12.69 30.74 20.52
C GLY D 154 13.25 31.75 19.54
N LYS D 155 14.59 31.84 19.52
CA LYS D 155 15.28 32.67 18.56
C LYS D 155 15.26 32.04 17.17
N THR D 156 15.03 30.74 17.07
CA THR D 156 14.87 30.04 15.81
C THR D 156 13.58 29.24 15.83
N ALA D 157 13.08 28.90 14.64
CA ALA D 157 11.88 28.10 14.55
C ALA D 157 12.22 26.61 14.64
N PRO D 158 11.32 25.79 15.17
CA PRO D 158 11.61 24.36 15.32
C PRO D 158 11.74 23.68 13.97
N GLU D 159 12.60 22.66 13.93
CA GLU D 159 12.74 21.85 12.72
C GLU D 159 11.47 21.06 12.43
N VAL D 160 10.84 20.52 13.48
CA VAL D 160 9.59 19.78 13.37
C VAL D 160 8.72 20.17 14.56
N CYS D 161 7.45 20.43 14.30
CA CYS D 161 6.52 20.76 15.37
C CYS D 161 6.37 19.57 16.31
N PRO D 162 6.54 19.75 17.63
CA PRO D 162 6.47 18.60 18.54
C PRO D 162 5.06 18.05 18.74
N VAL D 163 4.03 18.69 18.19
CA VAL D 163 2.66 18.22 18.39
C VAL D 163 2.19 17.48 17.15
N CYS D 164 1.93 18.20 16.07
CA CYS D 164 1.39 17.63 14.85
C CYS D 164 2.45 17.05 13.93
N ASN D 165 3.73 17.13 14.33
CA ASN D 165 4.85 16.54 13.59
C ASN D 165 5.03 17.14 12.20
N HIS D 166 4.43 18.30 11.94
CA HIS D 166 4.55 18.93 10.64
C HIS D 166 5.92 19.59 10.50
N PRO D 167 6.42 19.73 9.26
CA PRO D 167 7.78 20.24 9.07
C PRO D 167 7.98 21.70 9.42
N ARG D 168 9.12 22.26 9.00
CA ARG D 168 9.54 23.58 9.42
C ARG D 168 8.70 24.68 8.80
N SER D 169 8.14 24.44 7.61
CA SER D 169 7.49 25.50 6.85
C SER D 169 6.25 26.04 7.52
N TYR D 170 5.64 25.29 8.44
CA TYR D 170 4.36 25.67 9.00
C TYR D 170 4.45 26.68 10.13
N PHE D 171 5.66 27.15 10.46
CA PHE D 171 5.86 28.06 11.58
C PHE D 171 5.99 29.49 11.09
N GLU D 172 5.26 30.40 11.73
CA GLU D 172 5.33 31.82 11.42
C GLU D 172 5.33 32.60 12.72
N VAL D 173 5.73 33.88 12.63
CA VAL D 173 5.72 34.76 13.79
C VAL D 173 4.26 34.97 14.22
N ARG D 174 3.95 34.64 15.47
CA ARG D 174 2.59 34.78 15.95
C ARG D 174 2.26 36.24 16.16
N LYS D 175 1.08 36.65 15.70
CA LYS D 175 0.58 38.00 15.88
C LYS D 175 -0.76 37.95 16.62
N GLU D 176 -0.98 38.93 17.50
CA GLU D 176 -2.20 39.02 18.29
C GLU D 176 -2.78 40.42 18.08
N ASN D 177 -3.42 40.62 16.94
CA ASN D 177 -3.93 41.94 16.55
C ASN D 177 -5.41 42.05 16.90
N TYR D 178 -5.66 42.10 18.21
CA TYR D 178 -7.02 42.27 18.73
C TYR D 178 -6.99 42.78 20.17
N MET E 1 -4.00 1.55 -4.62
CA MET E 1 -4.08 2.91 -5.14
C MET E 1 -3.98 2.91 -6.67
N ASN E 2 -4.04 4.10 -7.25
CA ASN E 2 -4.04 4.28 -8.71
C ASN E 2 -2.74 4.97 -9.13
N LEU E 3 -1.98 4.31 -10.01
CA LEU E 3 -0.79 4.89 -10.59
C LEU E 3 -0.89 5.06 -12.11
N LYS E 4 -2.07 4.81 -12.68
CA LYS E 4 -2.23 4.88 -14.13
C LYS E 4 -1.95 6.28 -14.62
N GLY E 5 -0.91 6.42 -15.44
CA GLY E 5 -0.53 7.69 -16.03
C GLY E 5 0.70 8.34 -15.44
N THR E 6 1.21 7.83 -14.33
CA THR E 6 2.36 8.43 -13.66
C THR E 6 3.65 7.72 -14.06
N LYS E 7 4.77 8.41 -13.83
CA LYS E 7 6.07 7.82 -14.13
C LYS E 7 6.42 6.71 -13.15
N THR E 8 5.93 6.81 -11.91
CA THR E 8 6.23 5.78 -10.91
C THR E 8 5.64 4.43 -11.32
N GLU E 9 4.51 4.44 -12.04
CA GLU E 9 3.94 3.20 -12.53
C GLU E 9 4.90 2.48 -13.48
N LYS E 10 5.46 3.23 -14.44
CA LYS E 10 6.43 2.64 -15.35
C LYS E 10 7.70 2.20 -14.61
N ASN E 11 8.06 2.92 -13.55
CA ASN E 11 9.24 2.54 -12.78
C ASN E 11 8.98 1.27 -11.98
N LEU E 12 7.80 1.16 -11.37
CA LEU E 12 7.46 -0.06 -10.64
C LEU E 12 7.44 -1.28 -11.56
N ASN E 13 6.89 -1.12 -12.75
CA ASN E 13 6.95 -2.19 -13.75
C ASN E 13 8.40 -2.53 -14.10
N GLU E 14 9.24 -1.50 -14.28
CA GLU E 14 10.65 -1.73 -14.51
C GLU E 14 11.35 -2.25 -13.26
N ALA E 15 10.81 -1.99 -12.07
CA ALA E 15 11.40 -2.51 -10.84
C ALA E 15 10.94 -3.92 -10.53
N PHE E 16 9.68 -4.26 -10.87
CA PHE E 16 9.24 -5.64 -10.75
C PHE E 16 10.10 -6.56 -11.61
N ALA E 17 10.32 -6.18 -12.86
CA ALA E 17 11.36 -6.79 -13.66
C ALA E 17 12.73 -6.40 -13.09
N GLY E 18 13.72 -7.23 -13.38
CA GLY E 18 15.02 -7.00 -12.80
C GLY E 18 15.16 -7.68 -11.45
N GLU E 19 14.38 -7.23 -10.47
CA GLU E 19 14.29 -7.95 -9.20
C GLU E 19 13.78 -9.37 -9.43
N SER E 20 12.82 -9.53 -10.34
CA SER E 20 12.40 -10.87 -10.74
C SER E 20 13.47 -11.55 -11.59
N MET E 21 14.16 -10.77 -12.42
CA MET E 21 15.26 -11.34 -13.19
C MET E 21 16.44 -11.71 -12.29
N ALA E 22 16.75 -10.86 -11.30
CA ALA E 22 17.83 -11.18 -10.38
C ALA E 22 17.51 -12.42 -9.54
N ARG E 23 16.24 -12.62 -9.20
CA ARG E 23 15.84 -13.82 -8.49
C ARG E 23 16.22 -15.08 -9.28
N ASN E 24 15.69 -15.20 -10.50
CA ASN E 24 16.01 -16.36 -11.34
C ASN E 24 17.50 -16.42 -11.62
N LYS E 25 18.13 -15.27 -11.87
CA LYS E 25 19.57 -15.25 -12.15
C LYS E 25 20.38 -15.79 -10.99
N TYR E 26 19.93 -15.57 -9.76
CA TYR E 26 20.67 -16.03 -8.59
C TYR E 26 20.39 -17.49 -8.24
N THR E 27 19.25 -18.04 -8.67
CA THR E 27 19.02 -19.48 -8.50
C THR E 27 19.96 -20.28 -9.39
N TYR E 28 20.13 -19.85 -10.64
CA TYR E 28 21.10 -20.53 -11.51
C TYR E 28 22.51 -20.39 -10.97
N TYR E 29 22.82 -19.22 -10.41
CA TYR E 29 24.16 -19.00 -9.85
C TYR E 29 24.39 -19.87 -8.62
N ALA E 30 23.35 -20.14 -7.84
CA ALA E 30 23.50 -21.01 -6.69
C ALA E 30 23.74 -22.46 -7.11
N SER E 31 23.07 -22.92 -8.16
CA SER E 31 23.30 -24.27 -8.65
C SER E 31 24.71 -24.43 -9.21
N LYS E 32 25.18 -23.43 -9.96
CA LYS E 32 26.54 -23.48 -10.48
C LYS E 32 27.58 -23.41 -9.36
N ALA E 33 27.30 -22.60 -8.33
CA ALA E 33 28.23 -22.49 -7.21
C ALA E 33 28.35 -23.80 -6.44
N LYS E 34 27.26 -24.57 -6.36
CA LYS E 34 27.33 -25.86 -5.69
C LYS E 34 28.09 -26.88 -6.53
N LYS E 35 27.92 -26.83 -7.86
CA LYS E 35 28.67 -27.73 -8.73
C LYS E 35 30.16 -27.42 -8.70
N ASP E 36 30.51 -26.13 -8.70
CA ASP E 36 31.91 -25.74 -8.74
C ASP E 36 32.66 -26.09 -7.46
N GLY E 37 31.95 -26.30 -6.35
CA GLY E 37 32.59 -26.65 -5.10
C GLY E 37 32.56 -25.50 -4.10
N TYR E 38 31.45 -24.78 -4.03
CA TYR E 38 31.30 -23.64 -3.13
C TYR E 38 29.89 -23.70 -2.53
N VAL E 39 29.76 -24.39 -1.41
CA VAL E 39 28.45 -24.58 -0.79
C VAL E 39 27.99 -23.32 -0.08
N GLN E 40 28.91 -22.63 0.61
CA GLN E 40 28.53 -21.40 1.29
C GLN E 40 28.15 -20.32 0.29
N ILE E 41 28.86 -20.26 -0.85
CA ILE E 41 28.48 -19.31 -1.90
C ILE E 41 27.10 -19.64 -2.44
N SER E 42 26.81 -20.93 -2.60
CA SER E 42 25.49 -21.33 -3.10
C SER E 42 24.38 -20.95 -2.12
N ASN E 43 24.67 -21.02 -0.81
CA ASN E 43 23.65 -20.64 0.18
C ASN E 43 23.35 -19.15 0.13
N ILE E 44 24.36 -18.33 -0.16
CA ILE E 44 24.18 -16.88 -0.17
C ILE E 44 23.42 -16.42 -1.41
N PHE E 45 23.69 -17.05 -2.56
CA PHE E 45 22.94 -16.75 -3.77
C PHE E 45 21.45 -17.01 -3.56
N GLU E 46 21.11 -18.16 -2.97
CA GLU E 46 19.71 -18.45 -2.67
C GLU E 46 19.16 -17.47 -1.65
N GLN E 47 19.96 -17.11 -0.64
CA GLN E 47 19.51 -16.14 0.35
C GLN E 47 19.32 -14.76 -0.28
N THR E 48 20.22 -14.38 -1.19
CA THR E 48 20.04 -13.11 -1.91
C THR E 48 18.84 -13.20 -2.85
N ALA E 49 18.66 -14.33 -3.52
CA ALA E 49 17.52 -14.49 -4.41
C ALA E 49 16.20 -14.37 -3.65
N ASN E 50 16.13 -14.95 -2.44
CA ASN E 50 14.93 -14.83 -1.64
C ASN E 50 14.69 -13.39 -1.20
N ASN E 51 15.77 -12.60 -1.05
CA ASN E 51 15.59 -11.19 -0.75
C ASN E 51 15.00 -10.44 -1.94
N GLU E 52 15.51 -10.70 -3.15
CA GLU E 52 14.98 -10.05 -4.33
C GLU E 52 13.53 -10.44 -4.59
N LYS E 53 13.14 -11.66 -4.20
CA LYS E 53 11.75 -12.07 -4.35
C LYS E 53 10.82 -11.20 -3.50
N GLU E 54 11.22 -10.94 -2.24
CA GLU E 54 10.42 -10.10 -1.37
C GLU E 54 10.46 -8.64 -1.81
N HIS E 55 11.53 -8.23 -2.48
CA HIS E 55 11.56 -6.88 -3.06
C HIS E 55 10.52 -6.74 -4.15
N ALA E 56 10.49 -7.70 -5.09
CA ALA E 56 9.54 -7.63 -6.19
C ALA E 56 8.10 -7.70 -5.70
N LYS E 57 7.86 -8.42 -4.60
CA LYS E 57 6.52 -8.48 -4.04
C LYS E 57 6.01 -7.11 -3.61
N LEU E 58 6.92 -6.24 -3.14
CA LEU E 58 6.51 -4.90 -2.73
C LEU E 58 5.97 -4.11 -3.91
N TRP E 59 6.68 -4.13 -5.04
CA TRP E 59 6.20 -3.42 -6.22
C TRP E 59 5.03 -4.13 -6.88
N PHE E 60 4.85 -5.43 -6.61
CA PHE E 60 3.76 -6.18 -7.24
C PHE E 60 2.42 -5.79 -6.64
N LYS E 61 2.38 -5.68 -5.32
CA LYS E 61 1.13 -5.43 -4.60
C LYS E 61 0.67 -3.97 -4.72
N LEU E 62 1.62 -3.05 -4.87
CA LEU E 62 1.30 -1.66 -5.18
C LEU E 62 0.66 -1.53 -6.56
N LEU E 63 1.14 -2.31 -7.52
CA LEU E 63 0.55 -2.29 -8.86
C LEU E 63 -0.79 -3.00 -8.90
N HIS E 64 -1.00 -3.97 -8.02
CA HIS E 64 -2.24 -4.74 -7.98
C HIS E 64 -3.12 -4.37 -6.79
N ASP E 65 -2.82 -3.26 -6.10
CA ASP E 65 -3.58 -2.83 -4.93
C ASP E 65 -3.63 -3.92 -3.87
N GLY E 66 -2.51 -4.59 -3.64
CA GLY E 66 -2.42 -5.67 -2.71
C GLY E 66 -2.46 -7.04 -3.38
N MET E 67 -2.74 -8.06 -2.57
CA MET E 67 -2.84 -9.43 -3.04
C MET E 67 -4.31 -9.77 -3.26
N PRO E 68 -4.79 -9.84 -4.52
CA PRO E 68 -6.24 -10.02 -4.77
C PRO E 68 -6.71 -11.44 -4.42
N ASP E 69 -7.96 -11.80 -4.73
CA ASP E 69 -8.38 -13.16 -4.36
C ASP E 69 -7.74 -14.18 -5.27
N THR E 70 -7.92 -15.45 -4.90
CA THR E 70 -7.50 -16.56 -5.76
C THR E 70 -8.28 -16.59 -7.08
N VAL E 71 -9.57 -16.23 -7.04
CA VAL E 71 -10.34 -16.14 -8.28
C VAL E 71 -9.77 -15.09 -9.20
N THR E 72 -9.41 -13.92 -8.64
CA THR E 72 -8.78 -12.88 -9.45
C THR E 72 -7.41 -13.32 -9.93
N ASN E 73 -6.66 -14.03 -9.09
CA ASN E 73 -5.32 -14.47 -9.48
C ASN E 73 -5.39 -15.52 -10.58
N LEU E 74 -6.36 -16.43 -10.51
CA LEU E 74 -6.52 -17.40 -11.59
C LEU E 74 -6.88 -16.72 -12.91
N LYS E 75 -7.76 -15.71 -12.87
CA LYS E 75 -8.10 -14.99 -14.10
C LYS E 75 -6.92 -14.18 -14.61
N ASP E 76 -6.16 -13.56 -13.70
CA ASP E 76 -5.00 -12.79 -14.13
C ASP E 76 -3.93 -13.71 -14.71
N ALA E 77 -3.74 -14.87 -14.09
CA ALA E 77 -2.75 -15.82 -14.61
C ALA E 77 -3.20 -16.40 -15.94
N ALA E 78 -4.50 -16.66 -16.10
CA ALA E 78 -4.99 -17.20 -17.36
C ALA E 78 -4.85 -16.20 -18.48
N ALA E 79 -5.09 -14.91 -18.20
CA ALA E 79 -4.93 -13.88 -19.22
C ALA E 79 -3.46 -13.64 -19.55
N GLY E 80 -2.58 -13.77 -18.55
CA GLY E 80 -1.16 -13.60 -18.82
C GLY E 80 -0.59 -14.74 -19.65
N GLU E 81 -1.03 -15.98 -19.37
CA GLU E 81 -0.55 -17.11 -20.16
C GLU E 81 -1.16 -17.11 -21.56
N ASN E 82 -2.39 -16.61 -21.69
CA ASN E 82 -3.00 -16.51 -23.02
C ASN E 82 -2.21 -15.55 -23.91
N PHE E 83 -1.75 -14.43 -23.33
CA PHE E 83 -0.91 -13.50 -24.08
C PHE E 83 0.42 -14.13 -24.47
N GLU E 84 0.89 -15.12 -23.69
CA GLU E 84 2.20 -15.72 -23.95
C GLU E 84 2.19 -16.52 -25.25
N TRP E 85 1.16 -17.34 -25.46
CA TRP E 85 1.17 -18.29 -26.57
C TRP E 85 0.43 -17.80 -27.82
N THR E 86 -0.44 -16.81 -27.70
CA THR E 86 -1.12 -16.28 -28.88
C THR E 86 -0.37 -15.13 -29.52
N ASP E 87 0.36 -14.33 -28.73
CA ASP E 87 0.96 -13.10 -29.22
C ASP E 87 2.47 -13.09 -29.06
N MET E 88 2.98 -13.23 -27.83
CA MET E 88 4.39 -12.96 -27.58
C MET E 88 5.29 -14.03 -28.21
N TYR E 89 5.13 -15.29 -27.78
CA TYR E 89 6.02 -16.34 -28.26
C TYR E 89 5.81 -16.64 -29.74
N ALA E 90 4.60 -16.42 -30.25
CA ALA E 90 4.37 -16.59 -31.68
C ALA E 90 5.13 -15.54 -32.49
N ARG E 91 5.10 -14.29 -32.03
CA ARG E 91 5.86 -13.23 -32.69
C ARG E 91 7.36 -13.49 -32.62
N MET E 92 7.83 -14.11 -31.54
CA MET E 92 9.27 -14.30 -31.36
C MET E 92 9.79 -15.42 -32.26
N ALA E 93 9.09 -16.55 -32.30
CA ALA E 93 9.52 -17.67 -33.13
C ALA E 93 9.44 -17.32 -34.62
N LYS E 94 8.54 -16.42 -34.99
CA LYS E 94 8.46 -15.98 -36.38
C LYS E 94 9.70 -15.19 -36.77
N GLU E 95 10.10 -14.23 -35.94
CA GLU E 95 11.29 -13.43 -36.22
C GLU E 95 12.57 -14.24 -36.13
N ALA E 96 12.56 -15.35 -35.37
CA ALA E 96 13.76 -16.17 -35.25
C ALA E 96 14.01 -16.98 -36.51
N ARG E 97 12.95 -17.36 -37.23
CA ARG E 97 13.13 -18.13 -38.46
C ARG E 97 13.53 -17.24 -39.63
N GLU E 98 13.04 -16.00 -39.66
CA GLU E 98 13.41 -15.07 -40.72
C GLU E 98 14.87 -14.61 -40.63
N GLU E 99 15.60 -15.04 -39.60
CA GLU E 99 16.98 -14.59 -39.40
C GLU E 99 17.97 -15.74 -39.29
N GLY E 100 17.51 -16.99 -39.35
CA GLY E 100 18.40 -18.14 -39.40
C GLY E 100 18.57 -18.93 -38.12
N PHE E 101 17.78 -18.64 -37.08
CA PHE E 101 17.89 -19.34 -35.80
C PHE E 101 16.77 -20.37 -35.71
N ASP E 102 16.96 -21.48 -36.41
CA ASP E 102 15.95 -22.53 -36.42
C ASP E 102 15.95 -23.32 -35.11
N ASP E 103 17.11 -23.47 -34.48
CA ASP E 103 17.15 -24.16 -33.19
C ASP E 103 16.43 -23.37 -32.11
N ILE E 104 16.63 -22.04 -32.08
CA ILE E 104 15.94 -21.21 -31.11
C ILE E 104 14.45 -21.13 -31.43
N ALA E 105 14.11 -21.09 -32.72
CA ALA E 105 12.71 -21.02 -33.12
C ALA E 105 11.96 -22.30 -32.74
N ASP E 106 12.62 -23.45 -32.89
CA ASP E 106 11.97 -24.71 -32.52
C ASP E 106 11.70 -24.78 -31.02
N THR E 107 12.57 -24.18 -30.21
CA THR E 107 12.35 -24.16 -28.77
C THR E 107 11.23 -23.21 -28.39
N MET E 108 11.18 -22.04 -29.02
CA MET E 108 10.11 -21.07 -28.75
C MET E 108 8.74 -21.66 -29.10
N GLU E 109 8.65 -22.37 -30.22
CA GLU E 109 7.39 -23.01 -30.59
C GLU E 109 7.02 -24.11 -29.60
N GLY E 110 8.02 -24.84 -29.09
CA GLY E 110 7.73 -25.84 -28.08
C GLY E 110 7.29 -25.22 -26.77
N VAL E 111 7.96 -24.15 -26.34
CA VAL E 111 7.55 -23.45 -25.12
C VAL E 111 6.16 -22.85 -25.30
N LEU E 112 5.86 -22.37 -26.52
CA LEU E 112 4.55 -21.82 -26.81
C LEU E 112 3.44 -22.82 -26.46
N ALA E 113 3.63 -24.09 -26.82
CA ALA E 113 2.64 -25.11 -26.52
C ALA E 113 2.48 -25.32 -25.02
N ILE E 114 3.57 -25.15 -24.26
CA ILE E 114 3.49 -25.33 -22.81
C ILE E 114 2.69 -24.21 -22.17
N GLU E 115 2.87 -22.98 -22.65
CA GLU E 115 2.09 -21.86 -22.11
C GLU E 115 0.61 -22.01 -22.43
N LYS E 116 0.27 -22.71 -23.51
CA LYS E 116 -1.12 -22.95 -23.84
C LYS E 116 -1.76 -23.90 -22.84
N THR E 117 -1.07 -25.00 -22.50
CA THR E 117 -1.60 -25.93 -21.52
C THR E 117 -1.69 -25.31 -20.14
N HIS E 118 -0.82 -24.34 -19.84
CA HIS E 118 -0.89 -23.66 -18.54
C HIS E 118 -2.16 -22.85 -18.42
N GLU E 119 -2.61 -22.24 -19.51
CA GLU E 119 -3.86 -21.49 -19.46
C GLU E 119 -5.06 -22.42 -19.34
N GLN E 120 -5.07 -23.51 -20.11
CA GLN E 120 -6.16 -24.48 -20.01
C GLN E 120 -6.24 -25.08 -18.61
N ARG E 121 -5.10 -25.20 -17.93
CA ARG E 121 -5.12 -25.66 -16.54
C ARG E 121 -5.68 -24.60 -15.62
N TYR E 122 -5.40 -23.33 -15.90
CA TYR E 122 -5.83 -22.25 -15.02
C TYR E 122 -7.34 -22.03 -15.12
N VAL E 123 -7.88 -21.97 -16.34
CA VAL E 123 -9.32 -21.75 -16.49
C VAL E 123 -10.09 -22.97 -16.00
N ALA E 124 -9.47 -24.15 -16.05
CA ALA E 124 -10.12 -25.34 -15.51
C ALA E 124 -10.31 -25.22 -14.00
N LEU E 125 -9.27 -24.77 -13.29
CA LEU E 125 -9.40 -24.54 -11.85
C LEU E 125 -10.32 -23.36 -11.57
N LEU E 126 -10.27 -22.33 -12.40
CA LEU E 126 -11.16 -21.18 -12.23
C LEU E 126 -12.61 -21.58 -12.39
N ASN E 127 -12.90 -22.44 -13.36
CA ASN E 127 -14.26 -22.95 -13.53
C ASN E 127 -14.70 -23.77 -12.33
N ASN E 128 -13.77 -24.48 -11.69
CA ASN E 128 -14.12 -25.29 -10.53
C ASN E 128 -14.57 -24.41 -9.36
N ILE E 129 -13.92 -23.25 -9.18
CA ILE E 129 -14.32 -22.35 -8.11
C ILE E 129 -15.67 -21.71 -8.41
N GLU E 130 -15.86 -21.27 -9.67
CA GLU E 130 -17.12 -20.62 -10.03
C GLU E 130 -18.29 -21.59 -10.00
N ASP E 131 -18.06 -22.85 -10.36
CA ASP E 131 -19.12 -23.86 -10.34
C ASP E 131 -19.28 -24.52 -8.98
N GLY E 132 -18.47 -24.15 -7.99
CA GLY E 132 -18.53 -24.81 -6.69
C GLY E 132 -18.17 -26.27 -6.73
N THR E 133 -17.26 -26.66 -7.64
CA THR E 133 -16.89 -28.05 -7.83
C THR E 133 -15.44 -28.32 -7.42
N VAL E 134 -14.90 -27.51 -6.50
CA VAL E 134 -13.54 -27.74 -6.03
C VAL E 134 -13.51 -28.91 -5.06
N PHE E 135 -14.34 -28.85 -4.02
CA PHE E 135 -14.41 -29.90 -3.00
C PHE E 135 -15.71 -30.69 -3.06
N GLU E 136 -16.49 -30.54 -4.13
CA GLU E 136 -17.76 -31.24 -4.27
C GLU E 136 -17.96 -31.63 -5.73
N LYS E 137 -18.39 -32.86 -5.96
CA LYS E 137 -18.67 -33.35 -7.30
C LYS E 137 -20.07 -33.94 -7.35
N ALA E 138 -20.61 -34.05 -8.56
CA ALA E 138 -21.89 -34.72 -8.74
C ALA E 138 -21.77 -36.23 -8.61
N GLU E 139 -20.61 -36.77 -8.96
CA GLU E 139 -20.32 -38.20 -8.81
C GLU E 139 -19.52 -38.44 -7.55
N GLU E 140 -19.53 -39.70 -7.10
CA GLU E 140 -18.65 -40.10 -6.01
C GLU E 140 -17.23 -40.23 -6.52
N THR E 141 -16.31 -39.49 -5.91
CA THR E 141 -14.91 -39.49 -6.31
C THR E 141 -14.05 -40.00 -5.17
N LEU E 142 -12.75 -40.13 -5.43
CA LEU E 142 -11.76 -40.59 -4.46
C LEU E 142 -10.91 -39.39 -4.04
N TRP E 143 -11.12 -38.92 -2.82
CA TRP E 143 -10.38 -37.78 -2.30
C TRP E 143 -9.17 -38.24 -1.50
N GLU E 144 -8.10 -37.46 -1.58
CA GLU E 144 -6.85 -37.75 -0.89
C GLU E 144 -6.44 -36.56 -0.04
N CYS E 145 -6.06 -36.83 1.21
CA CYS E 145 -5.58 -35.78 2.10
C CYS E 145 -4.11 -35.50 1.78
N LEU E 146 -3.84 -34.32 1.24
CA LEU E 146 -2.47 -33.97 0.83
C LEU E 146 -1.51 -33.85 2.00
N ASN E 147 -2.00 -33.80 3.24
CA ASN E 147 -1.13 -33.69 4.40
C ASN E 147 -0.66 -35.04 4.90
N CYS E 148 -1.58 -36.00 5.07
CA CYS E 148 -1.26 -37.29 5.65
C CYS E 148 -1.51 -38.47 4.73
N GLY E 149 -2.29 -38.31 3.66
CA GLY E 149 -2.57 -39.39 2.74
C GLY E 149 -3.89 -40.10 2.95
N HIS E 150 -4.73 -39.60 3.85
CA HIS E 150 -6.02 -40.26 4.11
C HIS E 150 -6.90 -40.22 2.87
N LEU E 151 -7.54 -41.35 2.59
CA LEU E 151 -8.42 -41.49 1.43
C LEU E 151 -9.87 -41.47 1.87
N HIS E 152 -10.69 -40.74 1.13
CA HIS E 152 -12.11 -40.63 1.43
C HIS E 152 -12.89 -40.76 0.13
N THR E 153 -13.76 -41.78 0.05
CA THR E 153 -14.64 -41.96 -1.09
C THR E 153 -15.98 -41.30 -0.79
N GLY E 154 -16.38 -40.36 -1.63
CA GLY E 154 -17.62 -39.63 -1.43
C GLY E 154 -17.80 -38.59 -2.51
N LYS E 155 -18.99 -37.98 -2.50
CA LYS E 155 -19.28 -36.92 -3.46
C LYS E 155 -18.68 -35.59 -3.05
N THR E 156 -18.47 -35.37 -1.76
CA THR E 156 -17.87 -34.14 -1.24
C THR E 156 -16.66 -34.49 -0.38
N ALA E 157 -15.70 -33.56 -0.36
CA ALA E 157 -14.54 -33.72 0.50
C ALA E 157 -14.94 -33.53 1.97
N PRO E 158 -14.31 -34.26 2.89
CA PRO E 158 -14.65 -34.11 4.30
C PRO E 158 -14.33 -32.70 4.80
N GLU E 159 -15.14 -32.25 5.77
CA GLU E 159 -14.89 -30.94 6.37
C GLU E 159 -13.53 -30.92 7.07
N VAL E 160 -13.23 -31.95 7.83
CA VAL E 160 -11.94 -32.10 8.50
C VAL E 160 -11.47 -33.53 8.30
N CYS E 161 -10.20 -33.70 7.95
CA CYS E 161 -9.63 -35.02 7.76
C CYS E 161 -9.70 -35.80 9.07
N PRO E 162 -10.33 -36.98 9.08
CA PRO E 162 -10.49 -37.72 10.34
C PRO E 162 -9.20 -38.36 10.85
N VAL E 163 -8.08 -38.18 10.16
CA VAL E 163 -6.81 -38.79 10.58
C VAL E 163 -5.91 -37.71 11.19
N CYS E 164 -5.54 -36.73 10.38
CA CYS E 164 -4.58 -35.70 10.79
C CYS E 164 -5.25 -34.40 11.20
N ASN E 165 -6.57 -34.32 11.18
CA ASN E 165 -7.34 -33.16 11.59
C ASN E 165 -7.06 -31.93 10.71
N HIS E 166 -6.60 -32.14 9.46
CA HIS E 166 -6.42 -30.98 8.61
C HIS E 166 -7.70 -30.67 7.84
N PRO E 167 -7.94 -29.39 7.51
CA PRO E 167 -9.25 -29.01 6.95
C PRO E 167 -9.47 -29.42 5.50
N ARG E 168 -10.48 -28.84 4.86
CA ARG E 168 -10.88 -29.24 3.51
C ARG E 168 -9.79 -28.93 2.48
N SER E 169 -9.02 -27.85 2.71
CA SER E 169 -8.09 -27.37 1.69
C SER E 169 -7.10 -28.45 1.25
N TYR E 170 -6.71 -29.33 2.16
CA TYR E 170 -5.72 -30.37 1.89
C TYR E 170 -6.29 -31.59 1.17
N PHE E 171 -7.47 -31.47 0.56
CA PHE E 171 -8.12 -32.61 -0.10
C PHE E 171 -8.18 -32.37 -1.60
N GLU E 172 -7.69 -33.33 -2.39
CA GLU E 172 -7.83 -33.25 -3.83
C GLU E 172 -8.36 -34.58 -4.34
N VAL E 173 -8.70 -34.60 -5.63
CA VAL E 173 -9.03 -35.83 -6.32
C VAL E 173 -7.76 -36.65 -6.51
N ARG E 174 -7.75 -37.87 -5.96
CA ARG E 174 -6.56 -38.71 -6.02
C ARG E 174 -6.32 -39.20 -7.45
N LYS E 175 -5.07 -39.12 -7.89
CA LYS E 175 -4.66 -39.59 -9.20
C LYS E 175 -3.58 -40.65 -9.06
N GLU E 176 -3.65 -41.68 -9.89
CA GLU E 176 -2.67 -42.76 -9.92
C GLU E 176 -2.07 -42.81 -11.32
N ASN E 177 -1.20 -41.86 -11.63
CA ASN E 177 -0.62 -41.73 -12.97
C ASN E 177 0.67 -42.55 -13.08
N TYR E 178 0.53 -43.85 -12.87
CA TYR E 178 1.64 -44.78 -13.00
C TYR E 178 1.16 -46.16 -13.41
N LYS F 4 25.90 -9.50 -30.87
CA LYS F 4 24.76 -9.70 -31.76
C LYS F 4 23.80 -8.52 -31.72
N GLY F 5 23.63 -7.86 -32.86
CA GLY F 5 22.62 -6.82 -33.00
C GLY F 5 21.33 -7.41 -33.56
N THR F 6 20.92 -8.53 -32.97
CA THR F 6 19.88 -9.38 -33.54
C THR F 6 18.52 -9.08 -32.90
N LYS F 7 17.47 -9.22 -33.71
CA LYS F 7 16.12 -9.11 -33.18
C LYS F 7 15.81 -10.24 -32.21
N THR F 8 16.46 -11.39 -32.35
CA THR F 8 16.21 -12.51 -31.45
C THR F 8 16.85 -12.27 -30.08
N GLU F 9 18.04 -11.65 -30.05
CA GLU F 9 18.61 -11.13 -28.81
C GLU F 9 17.67 -10.19 -28.08
N LYS F 10 17.07 -9.22 -28.77
CA LYS F 10 16.10 -8.38 -28.06
C LYS F 10 14.94 -9.21 -27.55
N ASN F 11 14.57 -10.25 -28.30
CA ASN F 11 13.48 -11.12 -27.89
C ASN F 11 13.91 -12.07 -26.79
N LEU F 12 15.16 -12.53 -26.81
CA LEU F 12 15.65 -13.41 -25.75
C LEU F 12 15.72 -12.65 -24.42
N ASN F 13 16.16 -11.39 -24.45
CA ASN F 13 16.15 -10.58 -23.24
C ASN F 13 14.72 -10.29 -22.78
N GLU F 14 13.82 -10.03 -23.74
CA GLU F 14 12.41 -9.85 -23.41
C GLU F 14 11.76 -11.15 -22.96
N ALA F 15 12.35 -12.30 -23.30
CA ALA F 15 11.81 -13.58 -22.86
C ALA F 15 12.32 -13.95 -21.47
N PHE F 16 13.55 -13.56 -21.13
CA PHE F 16 14.03 -13.79 -19.77
C PHE F 16 13.17 -13.05 -18.76
N ALA F 17 12.93 -11.76 -18.99
CA ALA F 17 11.91 -11.05 -18.24
C ALA F 17 10.53 -11.54 -18.66
N GLY F 18 9.54 -11.26 -17.83
CA GLY F 18 8.22 -11.81 -18.10
C GLY F 18 8.07 -13.26 -17.67
N GLU F 19 8.97 -14.13 -18.12
CA GLU F 19 9.03 -15.48 -17.56
C GLU F 19 9.52 -15.43 -16.12
N SER F 20 10.48 -14.54 -15.82
CA SER F 20 10.88 -14.32 -14.44
C SER F 20 9.80 -13.60 -13.66
N MET F 21 9.06 -12.70 -14.31
CA MET F 21 7.93 -12.05 -13.64
C MET F 21 6.82 -13.06 -13.35
N ALA F 22 6.53 -13.93 -14.31
CA ALA F 22 5.50 -14.95 -14.11
C ALA F 22 5.88 -15.90 -12.99
N ARG F 23 7.17 -16.21 -12.84
CA ARG F 23 7.62 -17.05 -11.72
C ARG F 23 7.30 -16.38 -10.39
N ASN F 24 7.56 -15.08 -10.28
CA ASN F 24 7.25 -14.37 -9.04
C ASN F 24 5.75 -14.29 -8.81
N LYS F 25 4.97 -14.05 -9.88
CA LYS F 25 3.52 -13.98 -9.74
C LYS F 25 2.94 -15.29 -9.23
N TYR F 26 3.47 -16.42 -9.70
CA TYR F 26 2.90 -17.71 -9.34
C TYR F 26 3.30 -18.18 -7.95
N THR F 27 4.44 -17.72 -7.43
CA THR F 27 4.75 -18.00 -6.03
C THR F 27 3.85 -17.22 -5.10
N TYR F 28 3.58 -15.95 -5.43
CA TYR F 28 2.67 -15.15 -4.62
C TYR F 28 1.25 -15.69 -4.72
N TYR F 29 0.85 -16.13 -5.91
CA TYR F 29 -0.48 -16.70 -6.08
C TYR F 29 -0.60 -18.03 -5.35
N ALA F 30 0.48 -18.81 -5.28
CA ALA F 30 0.45 -20.07 -4.55
C ALA F 30 0.28 -19.84 -3.05
N SER F 31 0.94 -18.80 -2.52
CA SER F 31 0.77 -18.48 -1.09
C SER F 31 -0.66 -18.04 -0.80
N LYS F 32 -1.18 -17.10 -1.59
CA LYS F 32 -2.54 -16.62 -1.38
C LYS F 32 -3.56 -17.73 -1.57
N ALA F 33 -3.31 -18.67 -2.48
CA ALA F 33 -4.23 -19.78 -2.67
C ALA F 33 -4.25 -20.70 -1.45
N LYS F 34 -3.12 -20.86 -0.77
CA LYS F 34 -3.09 -21.71 0.41
C LYS F 34 -3.80 -21.05 1.58
N LYS F 35 -3.69 -19.73 1.72
CA LYS F 35 -4.41 -19.01 2.76
C LYS F 35 -5.89 -18.90 2.45
N ASP F 36 -6.28 -18.98 1.17
CA ASP F 36 -7.68 -18.92 0.79
C ASP F 36 -8.38 -20.27 0.94
N GLY F 37 -7.63 -21.36 1.11
CA GLY F 37 -8.24 -22.67 1.29
C GLY F 37 -8.17 -23.54 0.06
N TYR F 38 -7.04 -23.51 -0.65
CA TYR F 38 -6.85 -24.28 -1.88
C TYR F 38 -5.41 -24.78 -1.92
N VAL F 39 -5.17 -25.96 -1.35
CA VAL F 39 -3.82 -26.50 -1.30
C VAL F 39 -3.41 -27.05 -2.66
N GLN F 40 -4.31 -27.77 -3.34
CA GLN F 40 -3.99 -28.31 -4.65
C GLN F 40 -3.77 -27.19 -5.66
N ILE F 41 -4.62 -26.17 -5.64
CA ILE F 41 -4.42 -25.00 -6.51
C ILE F 41 -3.09 -24.33 -6.17
N SER F 42 -2.74 -24.28 -4.89
CA SER F 42 -1.44 -23.74 -4.49
C SER F 42 -0.31 -24.59 -5.03
N ASN F 43 -0.50 -25.91 -5.08
CA ASN F 43 0.53 -26.78 -5.63
C ASN F 43 0.67 -26.62 -7.14
N ILE F 44 -0.44 -26.30 -7.82
CA ILE F 44 -0.39 -26.12 -9.27
C ILE F 44 0.31 -24.81 -9.62
N PHE F 45 0.07 -23.76 -8.82
CA PHE F 45 0.76 -22.49 -9.06
C PHE F 45 2.28 -22.64 -8.92
N GLU F 46 2.73 -23.34 -7.87
CA GLU F 46 4.16 -23.49 -7.64
C GLU F 46 4.78 -24.43 -8.68
N GLN F 47 4.05 -25.47 -9.09
CA GLN F 47 4.53 -26.32 -10.16
C GLN F 47 4.67 -25.54 -11.46
N THR F 48 3.70 -24.67 -11.75
CA THR F 48 3.80 -23.80 -12.91
C THR F 48 4.94 -22.79 -12.77
N ALA F 49 5.20 -22.33 -11.55
CA ALA F 49 6.28 -21.37 -11.34
C ALA F 49 7.63 -21.99 -11.63
N ASN F 50 7.82 -23.25 -11.26
CA ASN F 50 9.08 -23.92 -11.57
C ASN F 50 9.20 -24.23 -13.06
N ASN F 51 8.07 -24.38 -13.75
CA ASN F 51 8.11 -24.53 -15.20
C ASN F 51 8.62 -23.25 -15.86
N GLU F 52 8.11 -22.09 -15.41
CA GLU F 52 8.59 -20.82 -15.95
C GLU F 52 10.05 -20.59 -15.60
N LYS F 53 10.50 -21.09 -14.44
CA LYS F 53 11.90 -20.95 -14.06
C LYS F 53 12.80 -21.71 -15.02
N GLU F 54 12.36 -22.88 -15.47
CA GLU F 54 13.13 -23.64 -16.45
C GLU F 54 13.05 -22.99 -17.83
N HIS F 55 11.92 -22.37 -18.16
CA HIS F 55 11.81 -21.66 -19.43
C HIS F 55 12.75 -20.46 -19.46
N ALA F 56 12.82 -19.70 -18.36
CA ALA F 56 13.75 -18.58 -18.29
C ALA F 56 15.20 -19.06 -18.30
N LYS F 57 15.46 -20.24 -17.75
CA LYS F 57 16.81 -20.79 -17.78
C LYS F 57 17.26 -21.08 -19.21
N LEU F 58 16.32 -21.43 -20.09
CA LEU F 58 16.67 -21.70 -21.48
C LEU F 58 17.20 -20.45 -22.17
N TRP F 59 16.42 -19.36 -22.10
CA TRP F 59 16.85 -18.12 -22.76
C TRP F 59 18.06 -17.51 -22.07
N PHE F 60 18.26 -17.78 -20.78
CA PHE F 60 19.43 -17.28 -20.08
C PHE F 60 20.70 -17.95 -20.58
N LYS F 61 20.61 -19.24 -20.91
CA LYS F 61 21.80 -19.95 -21.39
C LYS F 61 22.14 -19.57 -22.82
N LEU F 62 21.15 -19.15 -23.61
CA LEU F 62 21.44 -18.68 -24.96
C LEU F 62 22.11 -17.30 -24.93
N LEU F 63 21.66 -16.43 -24.04
CA LEU F 63 22.22 -15.08 -23.94
C LEU F 63 23.61 -15.06 -23.33
N HIS F 64 24.07 -16.17 -22.75
CA HIS F 64 25.42 -16.26 -22.22
C HIS F 64 26.21 -17.43 -22.79
N ASP F 65 25.63 -18.17 -23.75
CA ASP F 65 26.27 -19.32 -24.37
C ASP F 65 26.75 -20.32 -23.30
N GLY F 66 25.77 -20.95 -22.68
CA GLY F 66 26.03 -21.89 -21.61
C GLY F 66 25.82 -21.28 -20.24
N MET F 67 26.44 -21.90 -19.25
CA MET F 67 26.37 -21.44 -17.87
C MET F 67 27.77 -21.09 -17.38
N PRO F 68 28.08 -19.82 -17.15
CA PRO F 68 29.45 -19.44 -16.77
C PRO F 68 29.79 -19.91 -15.36
N ASP F 69 31.08 -19.83 -15.06
CA ASP F 69 31.60 -20.28 -13.78
C ASP F 69 31.19 -19.34 -12.65
N THR F 70 31.50 -19.75 -11.42
CA THR F 70 31.11 -18.98 -10.25
C THR F 70 31.81 -17.62 -10.22
N VAL F 71 33.10 -17.59 -10.57
CA VAL F 71 33.83 -16.33 -10.59
C VAL F 71 33.18 -15.34 -11.54
N THR F 72 32.82 -15.81 -12.75
CA THR F 72 32.11 -14.94 -13.67
C THR F 72 30.72 -14.58 -13.14
N ASN F 73 30.06 -15.52 -12.46
CA ASN F 73 28.77 -15.21 -11.87
C ASN F 73 28.88 -14.16 -10.77
N LEU F 74 30.00 -14.15 -10.05
CA LEU F 74 30.22 -13.09 -9.05
C LEU F 74 30.58 -11.77 -9.72
N LYS F 75 31.14 -11.80 -10.92
CA LYS F 75 31.39 -10.58 -11.68
C LYS F 75 30.08 -9.87 -11.99
N ASP F 76 29.12 -10.60 -12.56
CA ASP F 76 27.86 -10.00 -13.01
C ASP F 76 26.92 -9.71 -11.85
N ALA F 77 26.97 -10.50 -10.78
CA ALA F 77 26.11 -10.23 -9.62
C ALA F 77 26.51 -8.93 -8.93
N ALA F 78 27.81 -8.73 -8.71
CA ALA F 78 28.26 -7.48 -8.10
C ALA F 78 28.04 -6.29 -9.03
N ALA F 79 28.02 -6.52 -10.35
CA ALA F 79 27.77 -5.44 -11.29
C ALA F 79 26.30 -5.05 -11.33
N GLY F 80 25.41 -6.04 -11.38
CA GLY F 80 23.99 -5.74 -11.42
C GLY F 80 23.50 -5.06 -10.15
N GLU F 81 24.02 -5.50 -9.00
CA GLU F 81 23.64 -4.85 -7.75
C GLU F 81 24.18 -3.43 -7.66
N ASN F 82 25.37 -3.19 -8.24
CA ASN F 82 25.89 -1.83 -8.28
C ASN F 82 25.00 -0.91 -9.10
N PHE F 83 24.47 -1.43 -10.22
CA PHE F 83 23.57 -0.63 -11.06
C PHE F 83 22.28 -0.29 -10.32
N GLU F 84 21.88 -1.13 -9.37
CA GLU F 84 20.60 -0.92 -8.68
C GLU F 84 20.65 0.30 -7.77
N TRP F 85 21.68 0.40 -6.92
CA TRP F 85 21.71 1.44 -5.88
C TRP F 85 22.43 2.70 -6.31
N THR F 86 23.34 2.64 -7.28
CA THR F 86 23.98 3.85 -7.78
C THR F 86 23.14 4.56 -8.83
N ASP F 87 22.03 3.97 -9.28
CA ASP F 87 21.31 4.49 -10.43
C ASP F 87 19.86 4.06 -10.40
N MET F 88 19.65 2.76 -10.57
CA MET F 88 18.35 2.28 -11.03
C MET F 88 17.25 2.58 -10.02
N TYR F 89 17.53 2.44 -8.73
CA TYR F 89 16.58 2.83 -7.69
C TYR F 89 16.70 4.29 -7.30
N ALA F 90 17.90 4.87 -7.41
CA ALA F 90 18.09 6.26 -6.98
C ALA F 90 17.33 7.24 -7.89
N ARG F 91 17.09 6.88 -9.15
CA ARG F 91 16.30 7.74 -10.02
C ARG F 91 14.80 7.52 -9.83
N MET F 92 14.38 6.29 -9.53
CA MET F 92 12.97 6.03 -9.26
C MET F 92 12.52 6.69 -7.98
N ALA F 93 13.40 6.79 -6.98
CA ALA F 93 13.05 7.48 -5.75
C ALA F 93 12.89 8.99 -6.00
N LYS F 94 13.79 9.57 -6.81
CA LYS F 94 13.69 10.98 -7.10
C LYS F 94 12.42 11.30 -7.89
N GLU F 95 12.11 10.48 -8.90
CA GLU F 95 10.91 10.72 -9.69
C GLU F 95 9.65 10.41 -8.90
N ALA F 96 9.73 9.52 -7.89
CA ALA F 96 8.59 9.28 -7.04
C ALA F 96 8.25 10.51 -6.20
N ARG F 97 9.28 11.22 -5.72
CA ARG F 97 9.06 12.47 -5.01
C ARG F 97 8.60 13.57 -5.96
N GLU F 98 8.92 13.47 -7.25
CA GLU F 98 8.46 14.47 -8.21
C GLU F 98 6.94 14.45 -8.36
N GLU F 99 6.31 13.31 -8.11
CA GLU F 99 4.87 13.17 -8.25
C GLU F 99 4.15 13.05 -6.92
N GLY F 100 4.84 13.32 -5.81
CA GLY F 100 4.19 13.33 -4.51
C GLY F 100 4.08 11.98 -3.83
N PHE F 101 4.82 10.98 -4.28
CA PHE F 101 4.78 9.65 -3.68
C PHE F 101 5.97 9.51 -2.73
N ASP F 102 5.84 10.13 -1.56
CA ASP F 102 6.92 10.14 -0.60
C ASP F 102 7.07 8.80 0.11
N ASP F 103 5.95 8.13 0.41
CA ASP F 103 6.03 6.83 1.07
C ASP F 103 6.64 5.78 0.16
N ILE F 104 6.30 5.81 -1.13
CA ILE F 104 6.88 4.86 -2.07
C ILE F 104 8.36 5.18 -2.31
N ALA F 105 8.70 6.47 -2.35
CA ALA F 105 10.09 6.85 -2.53
C ALA F 105 10.94 6.42 -1.34
N ASP F 106 10.39 6.52 -0.13
CA ASP F 106 11.12 6.02 1.04
C ASP F 106 11.34 4.53 0.96
N THR F 107 10.36 3.79 0.43
CA THR F 107 10.53 2.36 0.22
C THR F 107 11.45 2.08 -0.96
N MET F 108 11.54 3.01 -1.92
CA MET F 108 12.49 2.90 -3.01
C MET F 108 13.91 3.29 -2.59
N GLU F 109 14.13 3.59 -1.32
CA GLU F 109 15.46 3.84 -0.78
C GLU F 109 15.88 2.85 0.29
N GLY F 110 14.94 2.15 0.93
CA GLY F 110 15.32 1.11 1.87
C GLY F 110 15.89 -0.12 1.18
N VAL F 111 15.23 -0.57 0.12
CA VAL F 111 15.78 -1.65 -0.71
C VAL F 111 17.07 -1.20 -1.37
N LEU F 112 17.17 0.08 -1.72
CA LEU F 112 18.41 0.63 -2.27
C LEU F 112 19.58 0.37 -1.33
N ALA F 113 19.36 0.48 -0.02
CA ALA F 113 20.41 0.13 0.93
C ALA F 113 20.66 -1.37 0.96
N ILE F 114 19.62 -2.17 0.72
CA ILE F 114 19.78 -3.62 0.72
C ILE F 114 20.63 -4.06 -0.47
N GLU F 115 20.31 -3.56 -1.67
CA GLU F 115 21.10 -3.90 -2.84
C GLU F 115 22.53 -3.38 -2.74
N LYS F 116 22.79 -2.41 -1.86
CA LYS F 116 24.16 -2.01 -1.58
C LYS F 116 24.86 -3.05 -0.71
N THR F 117 24.21 -3.51 0.35
CA THR F 117 24.76 -4.62 1.12
C THR F 117 24.82 -5.89 0.29
N HIS F 118 23.90 -6.05 -0.66
CA HIS F 118 24.00 -7.12 -1.63
C HIS F 118 25.18 -6.93 -2.58
N GLU F 119 25.72 -5.71 -2.68
CA GLU F 119 26.89 -5.45 -3.50
C GLU F 119 28.19 -5.63 -2.74
N GLN F 120 28.18 -5.45 -1.42
CA GLN F 120 29.38 -5.60 -0.62
C GLN F 120 29.64 -7.05 -0.21
N ARG F 121 28.70 -7.96 -0.46
CA ARG F 121 28.86 -9.36 -0.06
C ARG F 121 29.54 -10.19 -1.14
N TYR F 122 29.14 -10.01 -2.41
CA TYR F 122 29.74 -10.77 -3.50
C TYR F 122 31.20 -10.39 -3.69
N VAL F 123 31.49 -9.09 -3.70
CA VAL F 123 32.89 -8.63 -3.72
C VAL F 123 33.67 -9.25 -2.57
N ALA F 124 33.05 -9.38 -1.40
CA ALA F 124 33.72 -10.05 -0.30
C ALA F 124 33.93 -11.53 -0.61
N LEU F 125 33.00 -12.15 -1.33
CA LEU F 125 33.16 -13.55 -1.72
C LEU F 125 34.10 -13.71 -2.91
N LEU F 126 34.15 -12.72 -3.80
CA LEU F 126 35.06 -12.79 -4.94
C LEU F 126 36.51 -12.62 -4.50
N ASN F 127 36.77 -11.65 -3.62
CA ASN F 127 38.14 -11.41 -3.16
C ASN F 127 38.73 -12.63 -2.48
N ASN F 128 37.90 -13.42 -1.80
CA ASN F 128 38.39 -14.64 -1.17
C ASN F 128 38.77 -15.70 -2.21
N ILE F 129 38.04 -15.76 -3.33
CA ILE F 129 38.34 -16.74 -4.36
C ILE F 129 39.62 -16.37 -5.09
N GLU F 130 39.77 -15.10 -5.47
CA GLU F 130 40.95 -14.68 -6.21
C GLU F 130 42.22 -14.85 -5.37
N ASP F 131 42.14 -14.56 -4.07
CA ASP F 131 43.26 -14.79 -3.17
C ASP F 131 43.32 -16.22 -2.65
N GLY F 132 42.34 -17.05 -2.99
CA GLY F 132 42.32 -18.42 -2.51
C GLY F 132 42.13 -18.54 -1.01
N THR F 133 41.33 -17.66 -0.41
CA THR F 133 41.11 -17.66 1.03
C THR F 133 39.69 -18.07 1.41
N VAL F 134 38.99 -18.76 0.51
CA VAL F 134 37.66 -19.28 0.85
C VAL F 134 37.79 -20.41 1.86
N PHE F 135 38.77 -21.30 1.66
CA PHE F 135 39.00 -22.43 2.55
C PHE F 135 40.33 -22.33 3.29
N GLU F 136 41.00 -21.19 3.21
CA GLU F 136 42.26 -20.96 3.89
C GLU F 136 42.23 -19.59 4.54
N LYS F 137 42.82 -19.48 5.73
CA LYS F 137 42.83 -18.23 6.47
C LYS F 137 44.20 -18.03 7.10
N ALA F 138 44.57 -16.77 7.30
CA ALA F 138 45.84 -16.45 7.95
C ALA F 138 45.81 -16.82 9.43
N GLU F 139 44.69 -16.55 10.10
CA GLU F 139 44.50 -16.96 11.47
C GLU F 139 43.87 -18.34 11.53
N GLU F 140 44.09 -19.05 12.64
CA GLU F 140 43.41 -20.31 12.84
C GLU F 140 41.94 -20.05 13.17
N THR F 141 41.06 -20.78 12.50
CA THR F 141 39.63 -20.45 12.51
C THR F 141 38.82 -21.72 12.71
N LEU F 142 37.63 -21.56 13.29
CA LEU F 142 36.71 -22.67 13.52
C LEU F 142 35.88 -22.89 12.27
N TRP F 143 36.10 -24.02 11.60
CA TRP F 143 35.37 -24.37 10.39
C TRP F 143 34.22 -25.32 10.73
N GLU F 144 33.12 -25.18 9.99
CA GLU F 144 31.93 -25.97 10.21
C GLU F 144 31.53 -26.68 8.92
N CYS F 145 31.30 -27.99 9.01
CA CYS F 145 30.82 -28.77 7.88
C CYS F 145 29.32 -28.54 7.71
N LEU F 146 28.91 -27.97 6.58
CA LEU F 146 27.51 -27.61 6.38
C LEU F 146 26.61 -28.82 6.19
N ASN F 147 27.17 -30.02 6.06
CA ASN F 147 26.37 -31.22 5.84
C ASN F 147 25.97 -31.89 7.16
N CYS F 148 26.95 -32.25 7.98
CA CYS F 148 26.70 -32.95 9.23
C CYS F 148 26.89 -32.09 10.47
N GLY F 149 27.60 -30.97 10.37
CA GLY F 149 27.84 -30.11 11.50
C GLY F 149 29.17 -30.28 12.19
N HIS F 150 30.12 -30.97 11.57
CA HIS F 150 31.42 -31.20 12.21
C HIS F 150 32.20 -29.89 12.30
N LEU F 151 32.86 -29.69 13.45
CA LEU F 151 33.66 -28.51 13.71
C LEU F 151 35.14 -28.85 13.60
N HIS F 152 35.89 -27.99 12.93
CA HIS F 152 37.32 -28.21 12.71
C HIS F 152 38.08 -26.93 12.98
N THR F 153 39.12 -27.02 13.81
CA THR F 153 39.97 -25.89 14.13
C THR F 153 41.25 -25.97 13.30
N GLY F 154 41.71 -24.83 12.83
CA GLY F 154 42.91 -24.77 12.02
C GLY F 154 42.85 -23.59 11.07
N LYS F 155 43.95 -23.40 10.35
CA LYS F 155 44.04 -22.33 9.37
C LYS F 155 43.41 -22.71 8.03
N THR F 156 43.31 -23.99 7.73
CA THR F 156 42.72 -24.45 6.48
C THR F 156 41.53 -25.37 6.79
N ALA F 157 40.52 -25.30 5.93
CA ALA F 157 39.39 -26.20 6.06
C ALA F 157 39.82 -27.64 5.73
N PRO F 158 39.15 -28.63 6.32
CA PRO F 158 39.54 -30.02 6.03
C PRO F 158 39.38 -30.37 4.57
N GLU F 159 40.33 -31.14 4.05
CA GLU F 159 40.26 -31.59 2.66
C GLU F 159 39.01 -32.44 2.43
N VAL F 160 38.74 -33.37 3.35
CA VAL F 160 37.50 -34.14 3.36
C VAL F 160 37.01 -34.23 4.80
N CYS F 161 35.72 -33.97 5.01
CA CYS F 161 35.17 -34.04 6.36
C CYS F 161 35.34 -35.45 6.89
N PRO F 162 35.94 -35.62 8.09
CA PRO F 162 36.17 -36.97 8.62
C PRO F 162 34.95 -37.62 9.26
N VAL F 163 33.79 -36.99 9.17
CA VAL F 163 32.57 -37.57 9.75
C VAL F 163 31.67 -38.09 8.64
N CYS F 164 31.14 -37.17 7.81
CA CYS F 164 30.23 -37.55 6.74
C CYS F 164 30.93 -37.78 5.41
N ASN F 165 32.26 -37.70 5.37
CA ASN F 165 33.06 -37.99 4.19
C ASN F 165 32.74 -37.09 3.00
N HIS F 166 32.20 -35.89 3.27
CA HIS F 166 31.89 -34.93 2.23
C HIS F 166 33.11 -34.05 1.93
N PRO F 167 33.22 -33.51 0.70
CA PRO F 167 34.45 -32.80 0.33
C PRO F 167 34.59 -31.42 0.97
N ARG F 168 35.69 -30.74 0.62
CA ARG F 168 36.02 -29.45 1.22
C ARG F 168 34.95 -28.39 0.95
N SER F 169 34.14 -28.56 -0.09
CA SER F 169 33.19 -27.54 -0.49
C SER F 169 32.16 -27.25 0.61
N TYR F 170 31.83 -28.25 1.43
CA TYR F 170 30.80 -28.11 2.45
C TYR F 170 31.29 -27.42 3.71
N PHE F 171 32.40 -26.68 3.67
CA PHE F 171 32.99 -26.10 4.87
C PHE F 171 32.94 -24.58 4.79
N GLU F 172 32.55 -23.96 5.91
CA GLU F 172 32.49 -22.52 6.03
C GLU F 172 32.98 -22.12 7.42
N VAL F 173 33.24 -20.82 7.59
CA VAL F 173 33.59 -20.30 8.91
C VAL F 173 32.36 -20.37 9.80
N ARG F 174 32.51 -21.00 10.96
CA ARG F 174 31.38 -21.19 11.88
C ARG F 174 30.89 -19.86 12.40
N LYS F 175 29.57 -19.64 12.31
CA LYS F 175 28.94 -18.42 12.78
C LYS F 175 28.14 -18.71 14.04
N GLU F 176 28.27 -17.83 15.03
CA GLU F 176 27.56 -17.95 16.31
C GLU F 176 26.87 -16.61 16.60
N ASN F 177 25.88 -16.28 15.77
CA ASN F 177 25.20 -14.99 15.86
C ASN F 177 23.92 -15.12 16.70
N TYR F 178 24.11 -15.48 17.96
CA TYR F 178 22.99 -15.59 18.90
C TYR F 178 23.49 -15.52 20.34
N LYS G 4 -0.22 -43.48 31.73
CA LYS G 4 1.22 -43.29 31.65
C LYS G 4 1.92 -44.59 31.30
N GLY G 5 2.24 -45.39 32.32
CA GLY G 5 2.99 -46.61 32.13
C GLY G 5 2.19 -47.76 31.54
N THR G 6 1.37 -47.46 30.54
CA THR G 6 0.58 -48.47 29.86
C THR G 6 1.33 -49.00 28.65
N LYS G 7 0.82 -50.12 28.10
CA LYS G 7 1.39 -50.66 26.88
C LYS G 7 1.17 -49.74 25.69
N THR G 8 0.12 -48.92 25.73
CA THR G 8 -0.14 -47.98 24.64
C THR G 8 0.97 -46.93 24.52
N GLU G 9 1.60 -46.57 25.64
CA GLU G 9 2.68 -45.58 25.60
C GLU G 9 3.81 -46.10 24.73
N LYS G 10 4.37 -47.24 25.13
CA LYS G 10 5.43 -47.90 24.40
C LYS G 10 5.03 -48.13 22.95
N ASN G 11 3.81 -48.60 22.74
CA ASN G 11 3.27 -48.73 21.38
C ASN G 11 3.31 -47.40 20.66
N LEU G 12 2.80 -46.35 21.31
CA LEU G 12 2.88 -45.03 20.72
C LEU G 12 4.32 -44.58 20.62
N ASN G 13 5.17 -44.94 21.59
CA ASN G 13 6.51 -44.41 21.44
C ASN G 13 7.20 -45.08 20.28
N GLU G 14 7.01 -46.39 20.19
CA GLU G 14 7.59 -47.24 19.18
C GLU G 14 6.98 -47.00 17.82
N ALA G 15 5.75 -46.48 17.77
CA ALA G 15 5.18 -46.03 16.51
C ALA G 15 5.76 -44.69 16.08
N PHE G 16 6.13 -43.84 17.05
CA PHE G 16 6.84 -42.62 16.73
C PHE G 16 8.16 -42.93 16.05
N ALA G 17 8.92 -43.86 16.62
CA ALA G 17 10.05 -44.45 15.90
C ALA G 17 9.53 -45.34 14.78
N GLY G 18 10.41 -45.67 13.85
CA GLY G 18 9.96 -46.41 12.69
C GLY G 18 9.31 -45.50 11.66
N GLU G 19 8.22 -44.84 12.05
CA GLU G 19 7.65 -43.82 11.18
C GLU G 19 8.66 -42.72 10.90
N SER G 20 9.44 -42.34 11.92
CA SER G 20 10.56 -41.42 11.69
C SER G 20 11.67 -42.11 10.90
N MET G 21 11.89 -43.40 11.15
CA MET G 21 12.86 -44.15 10.36
C MET G 21 12.39 -44.31 8.92
N ALA G 22 11.08 -44.49 8.73
CA ALA G 22 10.55 -44.58 7.37
C ALA G 22 10.65 -43.23 6.65
N ARG G 23 10.54 -42.13 7.38
CA ARG G 23 10.71 -40.82 6.76
C ARG G 23 12.13 -40.64 6.23
N ASN G 24 13.13 -41.11 6.98
CA ASN G 24 14.50 -41.05 6.50
C ASN G 24 14.75 -42.05 5.38
N LYS G 25 14.18 -43.26 5.50
CA LYS G 25 14.34 -44.26 4.46
C LYS G 25 13.81 -43.78 3.12
N TYR G 26 12.70 -43.04 3.13
CA TYR G 26 12.09 -42.61 1.88
C TYR G 26 12.74 -41.33 1.35
N THR G 27 13.32 -40.51 2.22
CA THR G 27 14.11 -39.37 1.72
C THR G 27 15.38 -39.86 1.05
N TYR G 28 16.00 -40.91 1.58
CA TYR G 28 17.17 -41.49 0.93
C TYR G 28 16.78 -42.21 -0.35
N TYR G 29 15.64 -42.90 -0.35
CA TYR G 29 15.20 -43.61 -1.54
C TYR G 29 14.81 -42.65 -2.66
N ALA G 30 14.36 -41.45 -2.30
CA ALA G 30 14.04 -40.45 -3.31
C ALA G 30 15.31 -39.93 -3.98
N SER G 31 16.38 -39.74 -3.20
CA SER G 31 17.64 -39.27 -3.77
C SER G 31 18.25 -40.29 -4.70
N LYS G 32 18.20 -41.57 -4.32
CA LYS G 32 18.76 -42.62 -5.18
C LYS G 32 17.93 -42.82 -6.44
N ALA G 33 16.61 -42.66 -6.34
CA ALA G 33 15.74 -42.88 -7.50
C ALA G 33 16.02 -41.85 -8.60
N LYS G 34 16.21 -40.59 -8.21
CA LYS G 34 16.54 -39.54 -9.17
C LYS G 34 17.95 -39.69 -9.70
N LYS G 35 18.83 -40.38 -8.96
CA LYS G 35 20.14 -40.72 -9.48
C LYS G 35 20.10 -41.97 -10.35
N ASP G 36 19.07 -42.80 -10.20
CA ASP G 36 18.93 -44.03 -10.96
C ASP G 36 18.18 -43.84 -12.26
N GLY G 37 17.79 -42.61 -12.61
CA GLY G 37 17.11 -42.36 -13.85
C GLY G 37 15.59 -42.41 -13.74
N TYR G 38 15.06 -41.96 -12.61
CA TYR G 38 13.62 -41.91 -12.38
C TYR G 38 13.31 -40.69 -11.54
N VAL G 39 12.31 -39.91 -11.96
CA VAL G 39 11.93 -38.69 -11.24
C VAL G 39 10.60 -38.85 -10.53
N GLN G 40 9.64 -39.56 -11.13
CA GLN G 40 8.33 -39.68 -10.52
C GLN G 40 8.37 -40.52 -9.25
N ILE G 41 9.04 -41.67 -9.28
CA ILE G 41 9.17 -42.50 -8.08
C ILE G 41 9.92 -41.74 -6.99
N SER G 42 10.90 -40.92 -7.39
CA SER G 42 11.59 -40.06 -6.42
C SER G 42 10.62 -39.06 -5.80
N ASN G 43 9.73 -38.49 -6.61
CA ASN G 43 8.69 -37.62 -6.07
C ASN G 43 7.72 -38.41 -5.20
N ILE G 44 7.42 -39.65 -5.59
CA ILE G 44 6.51 -40.48 -4.81
C ILE G 44 7.17 -40.91 -3.50
N PHE G 45 8.47 -41.21 -3.55
CA PHE G 45 9.19 -41.51 -2.32
C PHE G 45 9.18 -40.32 -1.37
N GLU G 46 9.47 -39.12 -1.90
CA GLU G 46 9.47 -37.93 -1.06
C GLU G 46 8.06 -37.58 -0.59
N GLN G 47 7.06 -37.80 -1.44
CA GLN G 47 5.68 -37.56 -1.04
C GLN G 47 5.26 -38.52 0.08
N THR G 48 5.69 -39.79 -0.01
CA THR G 48 5.36 -40.74 1.04
C THR G 48 6.13 -40.43 2.33
N ALA G 49 7.36 -39.91 2.21
CA ALA G 49 8.12 -39.54 3.40
C ALA G 49 7.41 -38.46 4.20
N ASN G 50 6.86 -37.45 3.53
CA ASN G 50 6.13 -36.41 4.23
C ASN G 50 4.84 -36.95 4.83
N ASN G 51 4.24 -37.97 4.22
CA ASN G 51 3.10 -38.64 4.82
C ASN G 51 3.49 -39.28 6.15
N GLU G 52 4.63 -39.96 6.18
CA GLU G 52 5.09 -40.57 7.43
C GLU G 52 5.51 -39.50 8.43
N LYS G 53 5.92 -38.32 7.96
CA LYS G 53 6.26 -37.23 8.87
C LYS G 53 5.04 -36.77 9.65
N GLU G 54 3.87 -36.73 9.01
CA GLU G 54 2.66 -36.33 9.70
C GLU G 54 2.09 -37.46 10.56
N HIS G 55 2.33 -38.71 10.17
CA HIS G 55 1.89 -39.83 11.01
C HIS G 55 2.60 -39.82 12.34
N ALA G 56 3.91 -39.54 12.34
CA ALA G 56 4.67 -39.47 13.58
C ALA G 56 4.28 -38.26 14.42
N LYS G 57 3.81 -37.20 13.77
CA LYS G 57 3.38 -36.01 14.51
C LYS G 57 2.13 -36.31 15.33
N LEU G 58 1.21 -37.10 14.79
CA LEU G 58 0.03 -37.49 15.54
C LEU G 58 0.40 -38.24 16.81
N TRP G 59 1.35 -39.17 16.71
CA TRP G 59 1.79 -39.86 17.92
C TRP G 59 2.56 -38.92 18.83
N PHE G 60 3.46 -38.11 18.27
CA PHE G 60 4.26 -37.20 19.07
C PHE G 60 3.38 -36.26 19.90
N LYS G 61 2.32 -35.72 19.30
CA LYS G 61 1.41 -34.85 20.04
C LYS G 61 0.63 -35.62 21.09
N LEU G 62 0.60 -36.96 21.01
CA LEU G 62 -0.01 -37.77 22.05
C LEU G 62 0.95 -38.06 23.19
N LEU G 63 2.25 -38.21 22.88
CA LEU G 63 3.20 -38.48 23.96
C LEU G 63 3.45 -37.23 24.80
N HIS G 64 3.31 -36.04 24.20
CA HIS G 64 3.61 -34.78 24.86
C HIS G 64 2.37 -33.97 25.16
N ASP G 65 1.17 -34.56 25.01
CA ASP G 65 -0.10 -33.88 25.26
C ASP G 65 -0.21 -32.61 24.41
N GLY G 66 0.07 -32.74 23.13
CA GLY G 66 0.05 -31.64 22.19
C GLY G 66 1.43 -31.17 21.81
N MET G 67 1.49 -29.96 21.25
CA MET G 67 2.74 -29.35 20.85
C MET G 67 3.16 -28.33 21.88
N PRO G 68 4.19 -28.58 22.67
CA PRO G 68 4.62 -27.60 23.69
C PRO G 68 5.22 -26.36 23.04
N ASP G 69 5.40 -25.34 23.88
CA ASP G 69 5.93 -24.06 23.41
C ASP G 69 7.43 -24.16 23.17
N THR G 70 7.98 -23.09 22.57
CA THR G 70 9.39 -23.08 22.20
C THR G 70 10.29 -23.23 23.42
N VAL G 71 9.92 -22.62 24.55
CA VAL G 71 10.74 -22.72 25.75
C VAL G 71 10.84 -24.16 26.20
N THR G 72 9.71 -24.86 26.30
CA THR G 72 9.73 -26.26 26.66
C THR G 72 10.39 -27.11 25.57
N ASN G 73 10.22 -26.74 24.30
CA ASN G 73 10.85 -27.50 23.23
C ASN G 73 12.36 -27.37 23.27
N LEU G 74 12.87 -26.17 23.55
CA LEU G 74 14.32 -25.98 23.62
C LEU G 74 14.92 -26.72 24.81
N LYS G 75 14.20 -26.79 25.93
CA LYS G 75 14.70 -27.53 27.08
C LYS G 75 14.76 -29.02 26.79
N ASP G 76 13.73 -29.57 26.16
CA ASP G 76 13.73 -31.00 25.83
C ASP G 76 14.79 -31.33 24.78
N ALA G 77 15.00 -30.42 23.83
CA ALA G 77 16.01 -30.66 22.81
C ALA G 77 17.42 -30.66 23.39
N ALA G 78 17.66 -29.83 24.41
CA ALA G 78 18.98 -29.81 25.05
C ALA G 78 19.22 -31.09 25.85
N ALA G 79 18.20 -31.55 26.58
CA ALA G 79 18.35 -32.80 27.33
C ALA G 79 18.46 -34.00 26.42
N GLY G 80 17.77 -33.98 25.27
CA GLY G 80 17.89 -35.08 24.33
C GLY G 80 19.27 -35.18 23.72
N GLU G 81 19.86 -34.05 23.35
CA GLU G 81 21.21 -34.07 22.80
C GLU G 81 22.26 -34.33 23.87
N ASN G 82 21.96 -33.97 25.12
CA ASN G 82 22.86 -34.31 26.22
C ASN G 82 22.94 -35.82 26.42
N PHE G 83 21.81 -36.51 26.27
CA PHE G 83 21.81 -37.97 26.40
C PHE G 83 22.60 -38.63 25.28
N GLU G 84 22.62 -38.03 24.09
CA GLU G 84 23.37 -38.60 22.98
C GLU G 84 24.85 -38.69 23.29
N TRP G 85 25.48 -37.56 23.60
CA TRP G 85 26.93 -37.50 23.70
C TRP G 85 27.47 -37.93 25.05
N THR G 86 26.62 -38.06 26.07
CA THR G 86 27.09 -38.52 27.38
C THR G 86 26.94 -40.02 27.57
N ASP G 87 25.89 -40.62 27.00
CA ASP G 87 25.60 -42.03 27.24
C ASP G 87 25.62 -42.81 25.93
N MET G 88 24.68 -42.58 25.03
CA MET G 88 24.48 -43.43 23.85
C MET G 88 25.74 -43.53 22.99
N TYR G 89 26.12 -42.42 22.35
CA TYR G 89 27.27 -42.45 21.46
C TYR G 89 28.59 -42.66 22.20
N ALA G 90 28.61 -42.51 23.52
CA ALA G 90 29.84 -42.73 24.28
C ALA G 90 30.09 -44.21 24.50
N ARG G 91 29.07 -44.96 24.92
CA ARG G 91 29.22 -46.40 25.09
C ARG G 91 29.28 -47.13 23.74
N MET G 92 28.73 -46.54 22.69
CA MET G 92 28.76 -47.18 21.38
C MET G 92 30.15 -47.14 20.77
N ALA G 93 30.83 -45.98 20.85
CA ALA G 93 32.20 -45.88 20.36
C ALA G 93 33.15 -46.77 21.14
N LYS G 94 32.81 -47.11 22.39
CA LYS G 94 33.64 -48.04 23.15
C LYS G 94 33.46 -49.47 22.65
N GLU G 95 32.22 -49.87 22.36
CA GLU G 95 31.97 -51.22 21.88
C GLU G 95 32.57 -51.46 20.49
N ALA G 96 32.63 -50.42 19.66
CA ALA G 96 33.22 -50.56 18.34
C ALA G 96 34.72 -50.85 18.44
N ARG G 97 35.41 -50.18 19.36
CA ARG G 97 36.83 -50.45 19.56
C ARG G 97 37.05 -51.84 20.15
N GLU G 98 36.13 -52.32 20.99
CA GLU G 98 36.26 -53.64 21.60
C GLU G 98 36.03 -54.77 20.61
N GLU G 99 35.50 -54.46 19.41
CA GLU G 99 35.25 -55.47 18.40
C GLU G 99 36.12 -55.32 17.17
N GLY G 100 36.91 -54.26 17.08
CA GLY G 100 37.84 -54.08 15.97
C GLY G 100 37.42 -53.09 14.91
N PHE G 101 36.31 -52.38 15.10
CA PHE G 101 35.84 -51.40 14.12
C PHE G 101 36.41 -50.03 14.49
N ASP G 102 37.67 -49.82 14.10
CA ASP G 102 38.32 -48.55 14.41
C ASP G 102 37.72 -47.40 13.62
N ASP G 103 37.40 -47.63 12.35
CA ASP G 103 36.85 -46.56 11.52
C ASP G 103 35.43 -46.20 11.95
N ILE G 104 34.63 -47.19 12.35
CA ILE G 104 33.28 -46.89 12.82
C ILE G 104 33.33 -46.12 14.13
N ALA G 105 34.30 -46.44 14.99
CA ALA G 105 34.43 -45.72 16.26
C ALA G 105 34.85 -44.27 16.04
N ASP G 106 35.68 -44.01 15.03
CA ASP G 106 36.07 -42.63 14.72
C ASP G 106 34.88 -41.81 14.25
N THR G 107 33.90 -42.43 13.59
CA THR G 107 32.74 -41.70 13.11
C THR G 107 31.77 -41.36 14.23
N MET G 108 31.52 -42.31 15.14
CA MET G 108 30.60 -42.06 16.24
C MET G 108 31.14 -41.01 17.19
N GLU G 109 32.45 -41.04 17.47
CA GLU G 109 33.04 -40.02 18.34
C GLU G 109 33.03 -38.66 17.67
N GLY G 110 33.15 -38.61 16.35
CA GLY G 110 32.98 -37.34 15.65
C GLY G 110 31.57 -36.82 15.73
N VAL G 111 30.59 -37.69 15.50
CA VAL G 111 29.18 -37.34 15.70
C VAL G 111 28.94 -37.00 17.17
N LEU G 112 29.64 -37.67 18.08
CA LEU G 112 29.46 -37.43 19.51
C LEU G 112 29.74 -35.96 19.84
N ALA G 113 30.79 -35.40 19.25
CA ALA G 113 31.13 -34.01 19.46
C ALA G 113 30.13 -33.08 18.77
N ILE G 114 29.56 -33.50 17.64
CA ILE G 114 28.58 -32.66 16.95
C ILE G 114 27.34 -32.46 17.81
N GLU G 115 26.88 -33.52 18.48
CA GLU G 115 25.72 -33.40 19.35
C GLU G 115 26.01 -32.56 20.58
N LYS G 116 27.28 -32.46 21.00
CA LYS G 116 27.63 -31.57 22.10
C LYS G 116 27.45 -30.11 21.70
N THR G 117 27.91 -29.75 20.50
CA THR G 117 27.69 -28.40 19.99
C THR G 117 26.21 -28.13 19.74
N HIS G 118 25.40 -29.16 19.54
CA HIS G 118 23.96 -28.98 19.44
C HIS G 118 23.37 -28.58 20.80
N GLU G 119 23.79 -29.26 21.86
CA GLU G 119 23.27 -28.96 23.19
C GLU G 119 23.67 -27.56 23.64
N GLN G 120 24.94 -27.19 23.44
CA GLN G 120 25.39 -25.85 23.78
C GLN G 120 24.67 -24.80 22.95
N ARG G 121 24.25 -25.15 21.73
CA ARG G 121 23.54 -24.20 20.89
C ARG G 121 22.12 -23.97 21.37
N TYR G 122 21.44 -25.03 21.82
CA TYR G 122 20.07 -24.87 22.31
C TYR G 122 20.01 -24.13 23.63
N VAL G 123 20.92 -24.46 24.56
CA VAL G 123 20.91 -23.77 25.86
C VAL G 123 21.23 -22.29 25.68
N ALA G 124 21.99 -21.94 24.65
CA ALA G 124 22.25 -20.53 24.37
C ALA G 124 20.98 -19.82 23.92
N LEU G 125 20.19 -20.46 23.06
CA LEU G 125 18.94 -19.87 22.62
C LEU G 125 17.91 -19.83 23.76
N LEU G 126 17.90 -20.88 24.59
CA LEU G 126 17.00 -20.88 25.74
C LEU G 126 17.35 -19.78 26.72
N ASN G 127 18.65 -19.53 26.93
CA ASN G 127 19.07 -18.43 27.80
C ASN G 127 18.68 -17.08 27.20
N ASN G 128 18.67 -16.97 25.87
CA ASN G 128 18.27 -15.71 25.24
C ASN G 128 16.80 -15.41 25.44
N ILE G 129 15.96 -16.44 25.56
CA ILE G 129 14.53 -16.22 25.76
C ILE G 129 14.23 -15.93 27.22
N GLU G 130 14.84 -16.69 28.14
CA GLU G 130 14.56 -16.50 29.56
C GLU G 130 15.22 -15.24 30.11
N ASP G 131 16.17 -14.65 29.40
CA ASP G 131 16.79 -13.39 29.79
C ASP G 131 16.27 -12.21 29.00
N GLY G 132 15.39 -12.44 28.03
CA GLY G 132 14.84 -11.36 27.23
C GLY G 132 15.86 -10.68 26.34
N THR G 133 16.83 -11.43 25.82
CA THR G 133 17.90 -10.88 24.98
C THR G 133 17.86 -11.44 23.57
N VAL G 134 16.69 -11.88 23.11
CA VAL G 134 16.57 -12.37 21.74
C VAL G 134 16.64 -11.21 20.76
N PHE G 135 15.85 -10.16 21.01
CA PHE G 135 15.77 -9.00 20.13
C PHE G 135 16.29 -7.73 20.80
N GLU G 136 17.11 -7.86 21.83
CA GLU G 136 17.62 -6.70 22.55
C GLU G 136 18.87 -7.08 23.31
N LYS G 137 20.00 -6.47 22.95
CA LYS G 137 21.27 -6.66 23.64
C LYS G 137 21.68 -5.37 24.34
N ALA G 138 22.61 -5.49 25.28
CA ALA G 138 23.23 -4.31 25.85
C ALA G 138 24.21 -3.67 24.88
N GLU G 139 24.77 -4.49 23.98
CA GLU G 139 25.63 -4.00 22.91
C GLU G 139 24.80 -3.15 21.93
N GLU G 140 25.51 -2.37 21.12
CA GLU G 140 24.94 -1.85 19.89
C GLU G 140 25.23 -2.86 18.80
N THR G 141 24.19 -3.52 18.30
CA THR G 141 24.35 -4.63 17.37
C THR G 141 23.74 -4.29 16.02
N LEU G 142 24.17 -5.04 15.01
CA LEU G 142 23.69 -4.88 13.65
C LEU G 142 22.68 -5.99 13.36
N TRP G 143 21.43 -5.61 13.10
CA TRP G 143 20.34 -6.54 12.89
C TRP G 143 20.04 -6.72 11.41
N GLU G 144 19.57 -7.91 11.05
CA GLU G 144 19.17 -8.21 9.68
C GLU G 144 17.78 -8.80 9.65
N CYS G 145 16.96 -8.32 8.72
CA CYS G 145 15.64 -8.90 8.48
C CYS G 145 15.78 -10.11 7.57
N LEU G 146 15.37 -11.28 8.07
CA LEU G 146 15.51 -12.53 7.32
C LEU G 146 14.55 -12.64 6.14
N ASN G 147 13.74 -11.62 5.87
CA ASN G 147 12.81 -11.63 4.75
C ASN G 147 13.31 -10.81 3.57
N CYS G 148 13.71 -9.56 3.80
CA CYS G 148 14.14 -8.67 2.73
C CYS G 148 15.63 -8.33 2.79
N GLY G 149 16.26 -8.40 3.95
CA GLY G 149 17.66 -8.08 4.09
C GLY G 149 17.96 -6.71 4.66
N HIS G 150 16.95 -5.97 5.10
CA HIS G 150 17.17 -4.65 5.67
C HIS G 150 18.02 -4.73 6.93
N LEU G 151 19.01 -3.86 7.02
CA LEU G 151 19.88 -3.78 8.19
C LEU G 151 19.45 -2.64 9.09
N HIS G 152 19.63 -2.85 10.40
CA HIS G 152 19.26 -1.85 11.40
C HIS G 152 20.29 -1.89 12.51
N THR G 153 21.02 -0.79 12.68
CA THR G 153 22.00 -0.67 13.75
C THR G 153 21.31 -0.09 14.98
N GLY G 154 21.40 -0.80 16.10
CA GLY G 154 20.79 -0.35 17.33
C GLY G 154 20.90 -1.40 18.40
N LYS G 155 20.43 -1.02 19.60
CA LYS G 155 20.46 -1.92 20.74
C LYS G 155 19.27 -2.87 20.75
N THR G 156 18.16 -2.51 20.11
CA THR G 156 16.99 -3.36 20.02
C THR G 156 16.61 -3.59 18.57
N ALA G 157 15.95 -4.71 18.31
CA ALA G 157 15.46 -5.00 16.98
C ALA G 157 14.22 -4.17 16.68
N PRO G 158 14.00 -3.81 15.41
CA PRO G 158 12.83 -3.00 15.07
C PRO G 158 11.54 -3.77 15.30
N GLU G 159 10.52 -3.08 15.80
CA GLU G 159 9.22 -3.70 16.00
C GLU G 159 8.64 -4.19 14.69
N VAL G 160 8.65 -3.34 13.67
CA VAL G 160 8.24 -3.70 12.32
C VAL G 160 9.35 -3.32 11.35
N CYS G 161 9.61 -4.19 10.38
CA CYS G 161 10.62 -3.89 9.37
C CYS G 161 10.13 -2.74 8.51
N PRO G 162 10.86 -1.62 8.43
CA PRO G 162 10.38 -0.47 7.64
C PRO G 162 10.43 -0.68 6.13
N VAL G 163 10.93 -1.82 5.66
CA VAL G 163 11.07 -2.06 4.23
C VAL G 163 9.99 -3.02 3.74
N CYS G 164 9.94 -4.21 4.32
CA CYS G 164 9.02 -5.25 3.90
C CYS G 164 7.84 -5.43 4.84
N ASN G 165 7.75 -4.61 5.90
CA ASN G 165 6.61 -4.62 6.83
C ASN G 165 6.47 -5.96 7.54
N HIS G 166 7.58 -6.70 7.71
CA HIS G 166 7.47 -7.95 8.44
C HIS G 166 7.79 -7.73 9.92
N PRO G 167 7.20 -8.53 10.82
CA PRO G 167 7.32 -8.24 12.26
C PRO G 167 8.72 -8.48 12.80
N ARG G 168 8.90 -8.16 14.09
CA ARG G 168 10.19 -8.26 14.75
C ARG G 168 10.75 -9.68 14.76
N SER G 169 9.88 -10.69 14.67
CA SER G 169 10.33 -12.07 14.77
C SER G 169 11.32 -12.43 13.67
N TYR G 170 11.27 -11.76 12.53
CA TYR G 170 12.11 -12.09 11.39
C TYR G 170 13.52 -11.51 11.49
N PHE G 171 13.86 -10.88 12.61
CA PHE G 171 15.15 -10.22 12.75
C PHE G 171 16.14 -11.13 13.46
N GLU G 172 17.38 -11.11 12.99
CA GLU G 172 18.47 -11.87 13.59
C GLU G 172 19.69 -10.95 13.73
N VAL G 173 20.71 -11.47 14.41
CA VAL G 173 21.96 -10.74 14.57
C VAL G 173 22.82 -11.05 13.34
N ARG G 174 23.19 -10.03 12.60
CA ARG G 174 23.90 -10.26 11.34
C ARG G 174 25.31 -10.77 11.57
N LYS G 175 25.71 -11.75 10.77
CA LYS G 175 27.06 -12.29 10.83
C LYS G 175 27.59 -12.47 9.41
N GLU G 176 28.78 -11.94 9.17
CA GLU G 176 29.46 -12.07 7.87
C GLU G 176 30.62 -13.04 8.06
N ASN G 177 30.29 -14.33 8.07
CA ASN G 177 31.28 -15.39 8.32
C ASN G 177 31.97 -15.80 7.04
N TYR G 178 32.69 -14.85 6.44
CA TYR G 178 33.44 -15.09 5.23
C TYR G 178 34.55 -14.05 5.05
N LEU H 3 29.92 -56.85 8.50
CA LEU H 3 29.72 -57.93 9.46
C LEU H 3 28.26 -58.01 9.92
N LYS H 4 27.85 -59.17 10.41
CA LYS H 4 26.44 -59.46 10.67
C LYS H 4 26.14 -59.88 12.10
N GLY H 5 27.13 -60.37 12.85
CA GLY H 5 26.84 -60.87 14.19
C GLY H 5 27.48 -60.07 15.30
N THR H 6 27.82 -58.81 15.03
CA THR H 6 28.50 -57.97 16.01
C THR H 6 27.49 -57.15 16.81
N LYS H 7 27.93 -56.70 17.99
CA LYS H 7 27.12 -55.80 18.78
C LYS H 7 27.01 -54.41 18.16
N THR H 8 27.91 -54.06 17.25
CA THR H 8 27.85 -52.75 16.61
C THR H 8 26.66 -52.65 15.67
N GLU H 9 26.22 -53.77 15.08
CA GLU H 9 25.06 -53.72 14.20
C GLU H 9 23.80 -53.36 14.97
N LYS H 10 23.54 -54.07 16.08
CA LYS H 10 22.43 -53.67 16.96
C LYS H 10 22.61 -52.24 17.44
N ASN H 11 23.85 -51.81 17.66
CA ASN H 11 24.11 -50.41 18.00
C ASN H 11 23.75 -49.51 16.82
N LEU H 12 24.21 -49.88 15.61
CA LEU H 12 23.89 -49.09 14.43
C LEU H 12 22.39 -48.97 14.22
N ASN H 13 21.66 -50.07 14.41
CA ASN H 13 20.20 -50.01 14.32
C ASN H 13 19.62 -49.15 15.42
N GLU H 14 20.22 -49.19 16.62
CA GLU H 14 19.81 -48.29 17.68
C GLU H 14 20.18 -46.85 17.38
N ALA H 15 21.27 -46.63 16.64
CA ALA H 15 21.67 -45.28 16.26
C ALA H 15 20.80 -44.73 15.14
N PHE H 16 20.28 -45.60 14.27
CA PHE H 16 19.38 -45.14 13.22
C PHE H 16 18.10 -44.56 13.82
N ALA H 17 17.48 -45.29 14.74
CA ALA H 17 16.42 -44.71 15.55
C ALA H 17 17.02 -43.68 16.51
N GLY H 18 16.16 -42.80 17.02
CA GLY H 18 16.64 -41.70 17.84
C GLY H 18 17.18 -40.58 16.97
N GLU H 19 18.19 -40.88 16.15
CA GLU H 19 18.65 -39.91 15.17
C GLU H 19 17.57 -39.60 14.14
N SER H 20 16.82 -40.63 13.74
CA SER H 20 15.66 -40.40 12.88
C SER H 20 14.50 -39.79 13.67
N MET H 21 14.41 -40.09 14.97
CA MET H 21 13.40 -39.46 15.80
C MET H 21 13.76 -38.01 16.11
N ALA H 22 15.06 -37.71 16.23
CA ALA H 22 15.47 -36.33 16.43
C ALA H 22 15.18 -35.46 15.22
N ARG H 23 15.23 -36.05 14.02
CA ARG H 23 14.92 -35.28 12.81
C ARG H 23 13.47 -34.80 12.83
N ASN H 24 12.54 -35.68 13.19
CA ASN H 24 11.13 -35.28 13.26
C ASN H 24 10.90 -34.27 14.37
N LYS H 25 11.50 -34.50 15.54
CA LYS H 25 11.32 -33.60 16.67
C LYS H 25 11.64 -32.16 16.31
N TYR H 26 12.77 -31.96 15.62
CA TYR H 26 13.21 -30.60 15.32
C TYR H 26 12.45 -29.99 14.15
N THR H 27 11.73 -30.80 13.36
CA THR H 27 10.83 -30.24 12.36
C THR H 27 9.59 -29.65 13.01
N TYR H 28 8.98 -30.39 13.95
CA TYR H 28 7.86 -29.84 14.69
C TYR H 28 8.30 -28.65 15.53
N TYR H 29 9.49 -28.72 16.13
CA TYR H 29 9.99 -27.61 16.94
C TYR H 29 10.22 -26.36 16.10
N ALA H 30 10.61 -26.55 14.83
CA ALA H 30 10.84 -25.39 13.96
C ALA H 30 9.55 -24.68 13.62
N SER H 31 8.48 -25.45 13.33
CA SER H 31 7.20 -24.83 12.99
C SER H 31 6.58 -24.13 14.19
N LYS H 32 6.73 -24.72 15.38
CA LYS H 32 6.20 -24.07 16.58
C LYS H 32 7.00 -22.82 16.93
N ALA H 33 8.32 -22.84 16.70
CA ALA H 33 9.14 -21.68 16.97
C ALA H 33 8.78 -20.52 16.04
N LYS H 34 8.48 -20.82 14.77
CA LYS H 34 8.06 -19.78 13.83
C LYS H 34 6.70 -19.21 14.21
N LYS H 35 5.82 -20.03 14.78
CA LYS H 35 4.53 -19.52 15.25
C LYS H 35 4.72 -18.69 16.52
N ASP H 36 5.65 -19.08 17.38
CA ASP H 36 5.93 -18.36 18.61
C ASP H 36 6.69 -17.05 18.37
N GLY H 37 7.07 -16.76 17.14
CA GLY H 37 7.74 -15.51 16.83
C GLY H 37 9.25 -15.56 16.94
N TYR H 38 9.85 -16.68 16.52
CA TYR H 38 11.31 -16.87 16.57
C TYR H 38 11.75 -17.49 15.25
N VAL H 39 11.93 -16.63 14.22
CA VAL H 39 12.28 -17.13 12.90
C VAL H 39 13.69 -17.70 12.90
N GLN H 40 14.64 -17.00 13.52
CA GLN H 40 16.01 -17.50 13.57
C GLN H 40 16.09 -18.81 14.32
N ILE H 41 15.44 -18.89 15.48
CA ILE H 41 15.40 -20.15 16.23
C ILE H 41 14.74 -21.24 15.40
N SER H 42 13.71 -20.87 14.63
CA SER H 42 13.08 -21.83 13.73
C SER H 42 14.07 -22.33 12.69
N ASN H 43 14.85 -21.42 12.08
CA ASN H 43 15.84 -21.83 11.10
C ASN H 43 16.94 -22.67 11.72
N ILE H 44 17.24 -22.45 13.01
CA ILE H 44 18.27 -23.23 13.68
C ILE H 44 17.76 -24.63 13.98
N PHE H 45 16.47 -24.75 14.34
CA PHE H 45 15.87 -26.06 14.51
C PHE H 45 15.96 -26.88 13.23
N GLU H 46 15.66 -26.25 12.09
CA GLU H 46 15.77 -26.94 10.81
C GLU H 46 17.23 -27.23 10.48
N GLN H 47 18.13 -26.31 10.83
CA GLN H 47 19.56 -26.53 10.57
C GLN H 47 20.05 -27.78 11.29
N THR H 48 19.61 -28.00 12.52
CA THR H 48 20.03 -29.19 13.26
C THR H 48 19.30 -30.43 12.74
N ALA H 49 18.04 -30.28 12.35
CA ALA H 49 17.29 -31.42 11.82
C ALA H 49 17.96 -32.00 10.59
N ASN H 50 18.56 -31.16 9.75
CA ASN H 50 19.30 -31.67 8.59
C ASN H 50 20.60 -32.33 9.02
N ASN H 51 21.22 -31.86 10.09
CA ASN H 51 22.43 -32.51 10.59
C ASN H 51 22.13 -33.92 11.06
N GLU H 52 21.05 -34.09 11.83
CA GLU H 52 20.68 -35.42 12.28
C GLU H 52 20.24 -36.31 11.12
N LYS H 53 19.72 -35.71 10.05
CA LYS H 53 19.36 -36.49 8.87
C LYS H 53 20.60 -37.10 8.22
N GLU H 54 21.71 -36.35 8.19
CA GLU H 54 22.94 -36.87 7.64
C GLU H 54 23.65 -37.82 8.60
N HIS H 55 23.43 -37.67 9.91
CA HIS H 55 24.02 -38.59 10.88
C HIS H 55 23.42 -39.98 10.73
N ALA H 56 22.09 -40.07 10.70
CA ALA H 56 21.45 -41.35 10.46
C ALA H 56 21.86 -41.94 9.14
N LYS H 57 22.20 -41.09 8.17
CA LYS H 57 22.45 -41.64 6.84
C LYS H 57 23.77 -42.38 6.79
N LEU H 58 24.76 -41.98 7.60
CA LEU H 58 25.97 -42.77 7.75
C LEU H 58 25.67 -44.17 8.31
N TRP H 59 24.75 -44.25 9.29
CA TRP H 59 24.41 -45.55 9.86
C TRP H 59 23.61 -46.41 8.87
N PHE H 60 22.89 -45.78 7.94
CA PHE H 60 22.13 -46.54 6.96
C PHE H 60 23.07 -47.23 5.97
N LYS H 61 24.03 -46.48 5.41
CA LYS H 61 24.96 -47.06 4.47
C LYS H 61 25.87 -48.08 5.13
N LEU H 62 26.15 -47.93 6.42
CA LEU H 62 26.94 -48.92 7.14
C LEU H 62 26.14 -50.19 7.38
N LEU H 63 24.82 -50.07 7.56
CA LEU H 63 23.97 -51.24 7.76
C LEU H 63 23.57 -51.91 6.45
N HIS H 64 23.69 -51.21 5.32
CA HIS H 64 23.31 -51.75 4.03
C HIS H 64 24.47 -51.84 3.05
N ASP H 65 25.70 -51.67 3.53
CA ASP H 65 26.90 -51.72 2.67
C ASP H 65 26.77 -50.75 1.51
N GLY H 66 26.31 -49.53 1.80
CA GLY H 66 26.12 -48.53 0.78
C GLY H 66 24.66 -48.17 0.57
N MET H 67 24.32 -47.82 -0.66
CA MET H 67 22.94 -47.45 -1.01
C MET H 67 22.42 -48.41 -2.06
N PRO H 68 21.41 -49.22 -1.75
CA PRO H 68 20.87 -50.14 -2.76
C PRO H 68 20.15 -49.42 -3.87
N ASP H 69 20.24 -50.07 -5.02
CA ASP H 69 19.42 -49.84 -6.19
C ASP H 69 17.97 -49.54 -5.86
N THR H 70 17.35 -48.73 -6.73
CA THR H 70 15.94 -48.36 -6.58
C THR H 70 15.02 -49.59 -6.58
N VAL H 71 15.40 -50.62 -7.33
CA VAL H 71 14.62 -51.84 -7.37
C VAL H 71 14.59 -52.49 -6.00
N THR H 72 15.73 -52.56 -5.32
CA THR H 72 15.77 -53.12 -3.97
C THR H 72 15.08 -52.19 -2.98
N ASN H 73 15.25 -50.88 -3.14
CA ASN H 73 14.62 -49.93 -2.23
C ASN H 73 13.10 -49.99 -2.34
N LEU H 74 12.57 -50.33 -3.52
CA LEU H 74 11.12 -50.48 -3.66
C LEU H 74 10.63 -51.77 -3.02
N LYS H 75 11.43 -52.83 -3.10
CA LYS H 75 11.05 -54.09 -2.46
C LYS H 75 11.10 -53.98 -0.94
N ASP H 76 12.06 -53.22 -0.41
CA ASP H 76 12.14 -53.04 1.04
C ASP H 76 11.01 -52.16 1.54
N ALA H 77 10.71 -51.07 0.83
CA ALA H 77 9.63 -50.18 1.24
C ALA H 77 8.28 -50.88 1.19
N ALA H 78 8.06 -51.70 0.15
CA ALA H 78 6.80 -52.44 0.06
C ALA H 78 6.68 -53.46 1.19
N ALA H 79 7.76 -54.19 1.48
CA ALA H 79 7.73 -55.15 2.57
C ALA H 79 7.59 -54.46 3.93
N GLY H 80 8.18 -53.28 4.07
CA GLY H 80 8.04 -52.54 5.33
C GLY H 80 6.62 -52.05 5.55
N GLU H 81 5.98 -51.53 4.50
CA GLU H 81 4.62 -51.04 4.63
C GLU H 81 3.64 -52.18 4.88
N ASN H 82 3.90 -53.36 4.32
CA ASN H 82 3.04 -54.51 4.59
C ASN H 82 3.07 -54.88 6.06
N PHE H 83 4.26 -54.84 6.67
CA PHE H 83 4.36 -55.09 8.11
C PHE H 83 3.65 -54.01 8.92
N GLU H 84 3.55 -52.79 8.38
CA GLU H 84 2.90 -51.71 9.10
C GLU H 84 1.42 -51.99 9.30
N TRP H 85 0.72 -52.43 8.24
CA TRP H 85 -0.73 -52.56 8.29
C TRP H 85 -1.22 -53.98 8.53
N THR H 86 -0.40 -54.99 8.30
CA THR H 86 -0.80 -56.36 8.61
C THR H 86 -0.39 -56.80 10.00
N ASP H 87 0.64 -56.18 10.58
CA ASP H 87 1.16 -56.62 11.87
C ASP H 87 1.19 -55.48 12.89
N MET H 88 2.01 -54.46 12.65
CA MET H 88 2.28 -53.43 13.65
C MET H 88 1.01 -52.72 14.12
N TYR H 89 0.42 -51.94 13.24
CA TYR H 89 -0.69 -51.09 13.63
C TYR H 89 -1.91 -51.91 14.03
N ALA H 90 -2.06 -53.11 13.47
CA ALA H 90 -3.15 -53.98 13.92
C ALA H 90 -2.87 -54.49 15.32
N ARG H 91 -1.62 -54.85 15.61
CA ARG H 91 -1.24 -55.22 16.97
C ARG H 91 -1.45 -54.06 17.93
N MET H 92 -1.11 -52.86 17.50
CA MET H 92 -1.19 -51.70 18.40
C MET H 92 -2.62 -51.23 18.60
N ALA H 93 -3.51 -51.49 17.65
CA ALA H 93 -4.89 -51.04 17.77
C ALA H 93 -5.67 -51.87 18.78
N LYS H 94 -5.43 -53.18 18.82
CA LYS H 94 -6.17 -54.04 19.75
C LYS H 94 -5.71 -53.83 21.18
N GLU H 95 -4.46 -53.42 21.38
CA GLU H 95 -3.97 -53.18 22.74
C GLU H 95 -4.52 -51.89 23.32
N ALA H 96 -4.79 -50.89 22.48
CA ALA H 96 -5.39 -49.65 22.98
C ALA H 96 -6.84 -49.88 23.40
N ARG H 97 -7.56 -50.72 22.66
CA ARG H 97 -8.95 -50.99 23.00
C ARG H 97 -9.06 -51.82 24.27
N GLU H 98 -8.12 -52.74 24.51
CA GLU H 98 -8.12 -53.50 25.75
C GLU H 98 -7.82 -52.63 26.95
N GLU H 99 -7.26 -51.45 26.75
CA GLU H 99 -7.01 -50.49 27.82
C GLU H 99 -7.99 -49.33 27.82
N GLY H 100 -8.91 -49.27 26.86
CA GLY H 100 -9.93 -48.25 26.82
C GLY H 100 -9.66 -47.10 25.87
N PHE H 101 -8.46 -47.03 25.29
CA PHE H 101 -8.10 -45.95 24.37
C PHE H 101 -8.71 -46.24 22.99
N ASP H 102 -10.02 -46.05 22.91
CA ASP H 102 -10.73 -46.33 21.66
C ASP H 102 -10.45 -45.25 20.62
N ASP H 103 -10.33 -44.00 21.05
CA ASP H 103 -10.07 -42.92 20.11
C ASP H 103 -8.67 -43.06 19.50
N ILE H 104 -7.68 -43.44 20.31
CA ILE H 104 -6.34 -43.69 19.77
C ILE H 104 -6.37 -44.89 18.85
N ALA H 105 -7.15 -45.92 19.20
CA ALA H 105 -7.29 -47.08 18.32
C ALA H 105 -7.95 -46.70 17.00
N ASP H 106 -8.94 -45.80 17.05
CA ASP H 106 -9.57 -45.33 15.83
C ASP H 106 -8.58 -44.57 14.95
N THR H 107 -7.68 -43.80 15.57
CA THR H 107 -6.69 -43.07 14.80
C THR H 107 -5.62 -44.00 14.23
N MET H 108 -5.27 -45.05 14.98
CA MET H 108 -4.28 -46.00 14.48
C MET H 108 -4.80 -46.79 13.29
N GLU H 109 -6.11 -47.06 13.25
CA GLU H 109 -6.68 -47.78 12.11
C GLU H 109 -6.83 -46.88 10.88
N GLY H 110 -7.07 -45.59 11.09
CA GLY H 110 -7.07 -44.67 9.97
C GLY H 110 -5.70 -44.56 9.32
N VAL H 111 -4.65 -44.48 10.15
CA VAL H 111 -3.29 -44.50 9.62
C VAL H 111 -2.98 -45.86 9.02
N LEU H 112 -3.50 -46.93 9.64
CA LEU H 112 -3.32 -48.29 9.11
C LEU H 112 -3.79 -48.39 7.67
N ALA H 113 -4.93 -47.77 7.36
CA ALA H 113 -5.42 -47.76 5.99
C ALA H 113 -4.50 -46.98 5.06
N ILE H 114 -3.86 -45.93 5.58
CA ILE H 114 -2.93 -45.16 4.76
C ILE H 114 -1.66 -45.97 4.49
N GLU H 115 -1.14 -46.65 5.51
CA GLU H 115 0.02 -47.51 5.29
C GLU H 115 -0.28 -48.60 4.26
N LYS H 116 -1.52 -49.07 4.22
CA LYS H 116 -1.94 -49.99 3.16
C LYS H 116 -1.75 -49.34 1.80
N THR H 117 -2.46 -48.24 1.54
CA THR H 117 -2.43 -47.58 0.24
C THR H 117 -1.03 -47.32 -0.26
N HIS H 118 -0.07 -47.14 0.66
CA HIS H 118 1.33 -46.98 0.25
C HIS H 118 1.92 -48.27 -0.31
N GLU H 119 1.32 -49.42 -0.03
CA GLU H 119 1.86 -50.68 -0.50
C GLU H 119 1.54 -50.92 -1.97
N GLN H 120 0.28 -50.73 -2.38
CA GLN H 120 -0.06 -50.90 -3.79
C GLN H 120 0.75 -49.96 -4.66
N ARG H 121 0.90 -48.70 -4.23
CA ARG H 121 1.69 -47.75 -5.01
C ARG H 121 3.13 -48.23 -5.17
N TYR H 122 3.73 -48.73 -4.08
CA TYR H 122 5.11 -49.20 -4.15
C TYR H 122 5.24 -50.45 -5.01
N VAL H 123 4.30 -51.39 -4.89
CA VAL H 123 4.39 -52.60 -5.70
C VAL H 123 3.97 -52.35 -7.14
N ALA H 124 3.16 -51.33 -7.41
CA ALA H 124 2.84 -50.98 -8.79
C ALA H 124 4.03 -50.33 -9.48
N LEU H 125 4.77 -49.50 -8.76
CA LEU H 125 5.98 -48.91 -9.33
C LEU H 125 7.06 -49.96 -9.54
N LEU H 126 7.16 -50.93 -8.63
CA LEU H 126 8.09 -52.04 -8.82
C LEU H 126 7.67 -52.89 -10.01
N ASN H 127 6.37 -53.15 -10.16
CA ASN H 127 5.89 -53.87 -11.33
C ASN H 127 6.19 -53.10 -12.62
N ASN H 128 6.19 -51.77 -12.55
CA ASN H 128 6.48 -50.97 -13.74
C ASN H 128 7.91 -51.17 -14.20
N ILE H 129 8.85 -51.28 -13.27
CA ILE H 129 10.24 -51.51 -13.65
C ILE H 129 10.43 -52.93 -14.15
N GLU H 130 9.86 -53.90 -13.44
CA GLU H 130 10.03 -55.30 -13.82
C GLU H 130 9.36 -55.59 -15.17
N ASP H 131 8.20 -54.98 -15.43
CA ASP H 131 7.55 -55.11 -16.72
C ASP H 131 8.15 -54.20 -17.79
N GLY H 132 9.05 -53.29 -17.39
CA GLY H 132 9.58 -52.33 -18.33
C GLY H 132 8.54 -51.34 -18.82
N THR H 133 7.54 -51.03 -18.00
CA THR H 133 6.44 -50.15 -18.40
C THR H 133 6.52 -48.79 -17.73
N VAL H 134 7.70 -48.41 -17.22
CA VAL H 134 7.85 -47.10 -16.60
C VAL H 134 7.70 -46.00 -17.66
N PHE H 135 8.48 -46.08 -18.73
CA PHE H 135 8.46 -45.09 -19.80
C PHE H 135 7.86 -45.64 -21.09
N GLU H 136 7.02 -46.67 -20.98
CA GLU H 136 6.42 -47.28 -22.16
C GLU H 136 5.09 -47.92 -21.76
N LYS H 137 4.04 -47.60 -22.50
CA LYS H 137 2.71 -48.13 -22.25
C LYS H 137 2.24 -48.93 -23.47
N ALA H 138 1.24 -49.79 -23.24
CA ALA H 138 0.67 -50.57 -24.33
C ALA H 138 -0.26 -49.74 -25.20
N GLU H 139 -0.91 -48.74 -24.63
CA GLU H 139 -1.80 -47.84 -25.36
C GLU H 139 -1.18 -46.46 -25.45
N GLU H 140 -1.57 -45.72 -26.50
CA GLU H 140 -1.10 -44.36 -26.67
C GLU H 140 -1.52 -43.50 -25.48
N THR H 141 -0.54 -42.96 -24.77
CA THR H 141 -0.76 -42.17 -23.57
C THR H 141 -0.25 -40.75 -23.78
N LEU H 142 -0.43 -39.91 -22.75
CA LEU H 142 0.01 -38.52 -22.77
C LEU H 142 1.08 -38.36 -21.70
N TRP H 143 2.30 -38.08 -22.13
CA TRP H 143 3.44 -37.92 -21.24
C TRP H 143 3.71 -36.44 -20.97
N GLU H 144 4.34 -36.17 -19.83
CA GLU H 144 4.60 -34.81 -19.39
C GLU H 144 6.02 -34.73 -18.83
N CYS H 145 6.74 -33.69 -19.22
CA CYS H 145 8.08 -33.46 -18.71
C CYS H 145 7.99 -32.68 -17.40
N LEU H 146 8.43 -33.30 -16.30
CA LEU H 146 8.32 -32.67 -14.99
C LEU H 146 9.24 -31.46 -14.85
N ASN H 147 10.16 -31.23 -15.79
CA ASN H 147 11.07 -30.10 -15.71
C ASN H 147 10.46 -28.83 -16.32
N CYS H 148 10.05 -28.90 -17.58
CA CYS H 148 9.51 -27.73 -18.29
C CYS H 148 8.01 -27.80 -18.54
N GLY H 149 7.40 -28.98 -18.46
CA GLY H 149 5.98 -29.11 -18.70
C GLY H 149 5.59 -29.48 -20.11
N HIS H 150 6.53 -29.97 -20.93
CA HIS H 150 6.22 -30.33 -22.30
C HIS H 150 5.37 -31.59 -22.35
N LEU H 151 4.36 -31.58 -23.20
CA LEU H 151 3.48 -32.72 -23.39
C LEU H 151 3.85 -33.48 -24.65
N HIS H 152 3.87 -34.81 -24.54
CA HIS H 152 4.17 -35.70 -25.66
C HIS H 152 3.13 -36.81 -25.67
N THR H 153 2.21 -36.75 -26.64
CA THR H 153 1.15 -37.74 -26.76
C THR H 153 1.69 -38.91 -27.58
N GLY H 154 1.86 -40.07 -26.95
CA GLY H 154 2.38 -41.21 -27.67
C GLY H 154 2.43 -42.46 -26.82
N LYS H 155 3.26 -43.39 -27.27
CA LYS H 155 3.38 -44.72 -26.68
C LYS H 155 4.51 -44.83 -25.67
N THR H 156 5.61 -44.12 -25.89
CA THR H 156 6.78 -44.17 -25.02
C THR H 156 7.19 -42.76 -24.65
N ALA H 157 7.79 -42.62 -23.48
CA ALA H 157 8.34 -41.33 -23.09
C ALA H 157 9.50 -40.96 -24.00
N PRO H 158 9.65 -39.69 -24.36
CA PRO H 158 10.76 -39.30 -25.22
C PRO H 158 12.10 -39.59 -24.56
N GLU H 159 13.07 -39.99 -25.39
CA GLU H 159 14.41 -40.25 -24.88
C GLU H 159 15.02 -38.99 -24.26
N VAL H 160 14.77 -37.84 -24.86
CA VAL H 160 15.20 -36.54 -24.34
C VAL H 160 14.08 -35.54 -24.63
N CYS H 161 13.72 -34.74 -23.63
CA CYS H 161 12.71 -33.72 -23.81
C CYS H 161 13.14 -32.74 -24.89
N PRO H 162 12.39 -32.59 -25.99
CA PRO H 162 12.83 -31.71 -27.08
C PRO H 162 12.80 -30.23 -26.73
N VAL H 163 12.20 -29.85 -25.59
CA VAL H 163 12.10 -28.45 -25.22
C VAL H 163 13.26 -28.06 -24.33
N CYS H 164 13.37 -28.70 -23.17
CA CYS H 164 14.35 -28.34 -22.15
C CYS H 164 15.56 -29.26 -22.11
N ASN H 165 15.68 -30.17 -23.07
CA ASN H 165 16.84 -31.06 -23.23
C ASN H 165 17.05 -31.99 -22.04
N HIS H 166 16.07 -32.11 -21.14
CA HIS H 166 16.24 -33.01 -20.02
C HIS H 166 15.99 -34.46 -20.44
N PRO H 167 16.63 -35.42 -19.75
CA PRO H 167 16.55 -36.82 -20.20
C PRO H 167 15.17 -37.46 -20.00
N ARG H 168 15.07 -38.74 -20.34
CA ARG H 168 13.82 -39.47 -20.26
C ARG H 168 13.31 -39.58 -18.82
N SER H 169 14.19 -39.47 -17.83
CA SER H 169 13.81 -39.71 -16.45
C SER H 169 12.76 -38.72 -15.96
N TYR H 170 12.70 -37.53 -16.54
CA TYR H 170 11.81 -36.47 -16.07
C TYR H 170 10.41 -36.58 -16.65
N PHE H 171 10.07 -37.69 -17.31
CA PHE H 171 8.77 -37.83 -17.95
C PHE H 171 7.87 -38.74 -17.12
N GLU H 172 6.61 -38.32 -16.98
CA GLU H 172 5.61 -39.08 -16.24
C GLU H 172 4.28 -39.00 -16.97
N VAL H 173 3.41 -39.97 -16.69
CA VAL H 173 2.07 -39.96 -17.24
C VAL H 173 1.31 -38.77 -16.68
N ARG H 174 0.69 -37.99 -17.56
CA ARG H 174 -0.03 -36.79 -17.15
C ARG H 174 -1.47 -37.14 -16.79
N LYS H 175 -1.90 -36.68 -15.62
CA LYS H 175 -3.29 -36.80 -15.19
C LYS H 175 -3.76 -35.47 -14.64
N GLU H 176 -4.97 -35.08 -15.03
CA GLU H 176 -5.54 -33.79 -14.65
C GLU H 176 -6.68 -34.05 -13.65
N ASN H 177 -6.31 -34.16 -12.38
CA ASN H 177 -7.26 -34.49 -11.32
C ASN H 177 -7.89 -33.21 -10.76
N TYR H 178 -8.67 -32.56 -11.62
CA TYR H 178 -9.39 -31.34 -11.24
C TYR H 178 -10.51 -31.05 -12.22
#